data_8F56
#
_entry.id   8F56
#
_cell.length_a   1.00
_cell.length_b   1.00
_cell.length_c   1.00
_cell.angle_alpha   90.00
_cell.angle_beta   90.00
_cell.angle_gamma   90.00
#
_symmetry.space_group_name_H-M   'P 1'
#
_entity_poly.entity_id   1
_entity_poly.type   'polypeptide(L)'
_entity_poly.pdbx_seq_one_letter_code
;MANFFIDRPIFAWVLAILLCLTGTLAIFSLPVEQYPDLAPPNVRVTANYPGASAQTLENTVTQVIEQNMTGLDNLMYMSS
QSSGTGQASVTLSFKAGTDPDEAVQQVQNQLQSAMRKLPQAVQNQGVTVRKTGDTNILTIAFVSTDGSMDKQDIADYVAS
NIQDPLSRVNGVGDIDAYGSQYSMRIWLDPAKLNSFQMTAKDVTDAIESQNAQIAVGQLGGTPSVDKQALNATINAQSLL
QTPEQFRDITLRVNQDGSEVRLGDVATVEMGAEKYDYLSRFNGKPASGLGVKLASGANEMATAELVLNRLDELAQYFPHG
LEYKVAYETTSFVKASIEDVVKTLLEAIALVFLVMYLFLQNFRATLIPTIAVPVVLMGTFSVLYAFGYSVNTLTMFAMVL
AIGLLVDDAIVVVENVERIMSEEGLTPREATRKSMGQIQGALVGIAMVLSAVFVPMAFFGGTTGAIYRQFSITIVAAMVL
SVLVAMILTPALCATLLKPLKKGEHHGQKGFFAWFNQMFNRNAERYEKGVAKILHRSLRWIVIYVLLLGGMVFLFLRLPT
SFLPLEDRGMFTTSVQLPSGSTQQQTLKVVEQIEKYYFTHEKDNIMSVFATVGSGPGGNGQNVARMFIRLKDWSERDSKT
GTSFAIIERATKAFNQIKEARVIASSPPAISGLGSSAGFDMELQDHAGAGHDALMAARNQLLALAAENPELTRVRHNGLD
DSPQLQIDIDQRKAQALGVAIDDINDTLQTAWGSSYVNDFMDRGRVKKVYVQAAAPYRMLPDDINLWYVRNKDGGMVPFS
AFATSRWETGSPRLERYNGYSAVEIVGEAAPGVSTGTAMDIMESLVKQLPNGFGLEWTAMSYQERLSGAQAPALYAISLL
VVFLCLAALYESWSVPFSVMLVVPLGVIGALLATWMRGLENDVYFQVGLLTVIGLSAKNAILIVEFANEMNQKGHDLFEA
TLHACRQRLRPILMTSLAFIFGVLPMATSTGAGSGGQHAVGTGVMGGMISATILAIYFVPLFFVLVRRRFPLKPRPE
;
_entity_poly.pdbx_strand_id   A,B
#
# COMPACT_ATOMS: atom_id res chain seq x y z
N MET A 1 10.33 27.48 -39.42
CA MET A 1 9.35 27.88 -38.41
C MET A 1 9.48 29.36 -38.09
N ALA A 2 10.68 29.77 -37.69
CA ALA A 2 10.91 31.18 -37.38
C ALA A 2 10.66 32.07 -38.60
N ASN A 3 11.17 31.65 -39.76
CA ASN A 3 11.01 32.45 -40.97
C ASN A 3 9.55 32.61 -41.35
N PHE A 4 8.72 31.60 -41.04
CA PHE A 4 7.31 31.65 -41.42
C PHE A 4 6.61 32.82 -40.75
N PHE A 5 6.85 33.02 -39.47
CA PHE A 5 6.13 34.07 -38.74
C PHE A 5 6.79 35.43 -38.93
N ILE A 6 8.03 35.46 -39.41
CA ILE A 6 8.67 36.73 -39.74
C ILE A 6 7.92 37.41 -40.87
N ASP A 7 7.55 36.65 -41.90
CA ASP A 7 6.82 37.17 -43.05
C ASP A 7 5.32 37.18 -42.85
N ARG A 8 4.81 36.57 -41.79
CA ARG A 8 3.39 36.51 -41.49
C ARG A 8 3.15 36.86 -40.03
N PRO A 9 3.40 38.12 -39.65
CA PRO A 9 3.26 38.49 -38.23
C PRO A 9 1.84 38.32 -37.70
N ILE A 10 0.83 38.51 -38.55
CA ILE A 10 -0.56 38.49 -38.09
C ILE A 10 -0.91 37.14 -37.48
N PHE A 11 -0.37 36.07 -38.06
CA PHE A 11 -0.62 34.74 -37.53
C PHE A 11 -0.09 34.61 -36.10
N ALA A 12 1.13 35.10 -35.88
CA ALA A 12 1.72 35.05 -34.55
C ALA A 12 0.92 35.90 -33.57
N TRP A 13 0.47 37.08 -34.00
CA TRP A 13 -0.35 37.92 -33.15
C TRP A 13 -1.64 37.23 -32.77
N VAL A 14 -2.28 36.56 -33.73
CA VAL A 14 -3.52 35.85 -33.45
C VAL A 14 -3.27 34.73 -32.44
N LEU A 15 -2.18 33.99 -32.61
CA LEU A 15 -1.86 32.93 -31.66
C LEU A 15 -1.64 33.49 -30.26
N ALA A 16 -0.91 34.60 -30.15
CA ALA A 16 -0.64 35.21 -28.86
C ALA A 16 -1.93 35.68 -28.19
N ILE A 17 -2.81 36.32 -28.97
CA ILE A 17 -4.07 36.80 -28.40
C ILE A 17 -4.94 35.64 -27.97
N LEU A 18 -4.94 34.56 -28.76
CA LEU A 18 -5.71 33.37 -28.39
C LEU A 18 -5.21 32.78 -27.06
N LEU A 19 -3.89 32.68 -26.92
CA LEU A 19 -3.32 32.17 -25.66
C LEU A 19 -3.69 33.08 -24.50
N CYS A 20 -3.61 34.40 -24.70
CA CYS A 20 -3.95 35.33 -23.63
C CYS A 20 -5.41 35.20 -23.23
N LEU A 21 -6.30 35.07 -24.21
CA LEU A 21 -7.72 34.94 -23.90
C LEU A 21 -8.01 33.65 -23.15
N THR A 22 -7.41 32.54 -23.59
CA THR A 22 -7.60 31.28 -22.89
C THR A 22 -7.10 31.37 -21.45
N GLY A 23 -5.94 32.00 -21.26
CA GLY A 23 -5.43 32.17 -19.90
C GLY A 23 -6.34 33.04 -19.04
N THR A 24 -6.84 34.14 -19.61
CA THR A 24 -7.73 35.02 -18.85
C THR A 24 -9.00 34.29 -18.45
N LEU A 25 -9.55 33.48 -19.36
CA LEU A 25 -10.70 32.67 -19.00
C LEU A 25 -10.35 31.67 -17.90
N ALA A 26 -9.16 31.08 -17.99
CA ALA A 26 -8.73 30.10 -17.00
C ALA A 26 -8.54 30.76 -15.63
N ILE A 27 -8.00 31.98 -15.60
CA ILE A 27 -7.69 32.64 -14.34
C ILE A 27 -8.95 32.85 -13.52
N PHE A 28 -10.02 33.31 -14.16
CA PHE A 28 -11.27 33.59 -13.45
C PHE A 28 -12.08 32.34 -13.15
N SER A 29 -11.66 31.18 -13.65
CA SER A 29 -12.32 29.92 -13.35
C SER A 29 -11.40 28.95 -12.62
N LEU A 30 -10.27 29.41 -12.11
CA LEU A 30 -9.29 28.60 -11.42
C LEU A 30 -9.45 28.74 -9.91
N PRO A 31 -9.68 27.66 -9.18
CA PRO A 31 -9.87 27.78 -7.73
C PRO A 31 -8.62 28.28 -7.03
N VAL A 32 -8.83 28.95 -5.88
CA VAL A 32 -7.75 29.54 -5.10
C VAL A 32 -7.65 28.79 -3.78
N GLU A 33 -6.45 28.30 -3.48
CA GLU A 33 -6.18 27.57 -2.25
C GLU A 33 -4.85 28.05 -1.68
N GLN A 34 -4.65 27.82 -0.38
CA GLN A 34 -3.33 28.05 0.20
C GLN A 34 -2.34 27.00 -0.27
N TYR A 35 -2.73 25.73 -0.18
CA TYR A 35 -1.93 24.60 -0.62
C TYR A 35 -2.85 23.62 -1.33
N PRO A 36 -2.32 22.85 -2.27
CA PRO A 36 -3.13 21.80 -2.89
C PRO A 36 -3.31 20.63 -1.94
N ASP A 37 -3.92 19.55 -2.42
CA ASP A 37 -4.17 18.38 -1.57
C ASP A 37 -2.85 17.69 -1.25
N LEU A 38 -2.13 18.28 -0.28
CA LEU A 38 -0.84 17.75 0.13
C LEU A 38 -0.93 16.76 1.29
N ALA A 39 -1.97 16.83 2.08
CA ALA A 39 -2.08 15.97 3.25
C ALA A 39 -2.50 14.56 2.83
N PRO A 40 -1.88 13.53 3.39
CA PRO A 40 -2.31 12.16 3.09
C PRO A 40 -3.76 11.95 3.50
N PRO A 41 -4.52 11.17 2.75
CA PRO A 41 -5.93 10.94 3.12
C PRO A 41 -6.02 10.04 4.35
N ASN A 42 -6.86 10.44 5.29
CA ASN A 42 -7.08 9.71 6.52
C ASN A 42 -8.51 9.19 6.57
N VAL A 43 -8.66 7.94 6.98
CA VAL A 43 -9.97 7.32 7.17
C VAL A 43 -10.09 6.92 8.63
N ARG A 44 -11.16 7.35 9.28
CA ARG A 44 -11.37 7.13 10.71
C ARG A 44 -12.56 6.22 10.93
N VAL A 45 -12.36 5.18 11.74
CA VAL A 45 -13.41 4.25 12.13
C VAL A 45 -13.71 4.50 13.59
N THR A 46 -14.94 4.92 13.88
CA THR A 46 -15.36 5.25 15.24
C THR A 46 -16.30 4.19 15.77
N ALA A 47 -16.03 3.71 16.97
CA ALA A 47 -16.87 2.72 17.64
C ALA A 47 -17.20 3.22 19.04
N ASN A 48 -18.46 3.07 19.44
CA ASN A 48 -18.94 3.50 20.75
C ASN A 48 -19.33 2.26 21.54
N TYR A 49 -18.68 2.06 22.67
CA TYR A 49 -19.04 0.99 23.60
C TYR A 49 -19.49 1.63 24.91
N PRO A 50 -20.79 1.83 25.11
CA PRO A 50 -21.25 2.54 26.31
C PRO A 50 -20.90 1.77 27.58
N GLY A 51 -20.52 2.52 28.60
CA GLY A 51 -20.18 1.94 29.89
C GLY A 51 -19.02 0.98 29.82
N ALA A 52 -18.00 1.32 29.05
CA ALA A 52 -16.82 0.47 28.89
C ALA A 52 -15.58 1.27 29.27
N SER A 53 -14.72 0.68 30.09
CA SER A 53 -13.48 1.34 30.46
C SER A 53 -12.54 1.42 29.26
N ALA A 54 -11.53 2.27 29.38
CA ALA A 54 -10.59 2.46 28.28
C ALA A 54 -9.85 1.16 27.97
N GLN A 55 -9.40 0.45 29.00
CA GLN A 55 -8.69 -0.80 28.78
C GLN A 55 -9.61 -1.86 28.15
N THR A 56 -10.82 -1.98 28.67
CA THR A 56 -11.77 -2.93 28.10
C THR A 56 -12.10 -2.58 26.65
N LEU A 57 -12.29 -1.29 26.39
CA LEU A 57 -12.59 -0.83 25.03
C LEU A 57 -11.44 -1.17 24.09
N GLU A 58 -10.21 -0.92 24.52
CA GLU A 58 -9.06 -1.24 23.67
C GLU A 58 -8.97 -2.74 23.43
N ASN A 59 -9.15 -3.54 24.47
CA ASN A 59 -8.98 -4.98 24.33
C ASN A 59 -10.05 -5.59 23.45
N THR A 60 -11.29 -5.12 23.55
CA THR A 60 -12.39 -5.79 22.88
C THR A 60 -12.72 -5.20 21.51
N VAL A 61 -12.51 -3.90 21.33
CA VAL A 61 -12.97 -3.19 20.13
C VAL A 61 -11.79 -2.71 19.29
N THR A 62 -10.90 -1.92 19.88
CA THR A 62 -9.83 -1.30 19.11
C THR A 62 -8.89 -2.34 18.50
N GLN A 63 -8.51 -3.35 19.29
CA GLN A 63 -7.58 -4.35 18.80
C GLN A 63 -8.17 -5.17 17.67
N VAL A 64 -9.46 -5.49 17.76
CA VAL A 64 -10.11 -6.26 16.70
C VAL A 64 -10.10 -5.47 15.39
N ILE A 65 -10.46 -4.19 15.45
CA ILE A 65 -10.49 -3.36 14.25
C ILE A 65 -9.10 -3.20 13.68
N GLU A 66 -8.10 -2.98 14.55
CA GLU A 66 -6.73 -2.87 14.08
C GLU A 66 -6.27 -4.15 13.38
N GLN A 67 -6.59 -5.30 13.97
CA GLN A 67 -6.18 -6.57 13.40
C GLN A 67 -6.82 -6.78 12.03
N ASN A 68 -8.11 -6.45 11.91
CA ASN A 68 -8.80 -6.68 10.64
C ASN A 68 -8.34 -5.69 9.57
N MET A 69 -8.13 -4.43 9.94
CA MET A 69 -7.79 -3.42 8.95
C MET A 69 -6.40 -3.61 8.36
N THR A 70 -5.58 -4.45 8.98
CA THR A 70 -4.25 -4.71 8.46
C THR A 70 -4.33 -5.41 7.12
N GLY A 71 -3.59 -4.91 6.14
CA GLY A 71 -3.60 -5.46 4.79
C GLY A 71 -4.25 -4.58 3.75
N LEU A 72 -4.64 -3.37 4.09
CA LEU A 72 -5.24 -2.48 3.11
C LEU A 72 -4.19 -1.96 2.13
N ASP A 73 -4.67 -1.44 1.01
CA ASP A 73 -3.79 -0.91 -0.02
C ASP A 73 -3.26 0.46 0.37
N ASN A 74 -1.95 0.63 0.24
CA ASN A 74 -1.29 1.91 0.49
C ASN A 74 -1.59 2.44 1.90
N LEU A 75 -1.59 1.55 2.88
CA LEU A 75 -1.84 1.94 4.26
C LEU A 75 -0.52 2.40 4.87
N MET A 76 -0.39 3.71 5.04
CA MET A 76 0.87 4.25 5.55
C MET A 76 1.10 3.85 7.00
N TYR A 77 0.10 4.08 7.87
CA TYR A 77 0.20 3.71 9.27
C TYR A 77 -1.19 3.79 9.90
N MET A 78 -1.31 3.20 11.09
CA MET A 78 -2.55 3.22 11.86
C MET A 78 -2.31 3.82 13.22
N SER A 79 -3.24 4.66 13.67
CA SER A 79 -3.22 5.24 15.00
C SER A 79 -4.62 5.14 15.59
N SER A 80 -4.70 4.71 16.84
CA SER A 80 -6.00 4.48 17.47
C SER A 80 -6.01 5.04 18.88
N GLN A 81 -7.20 5.45 19.32
CA GLN A 81 -7.40 6.02 20.65
C GLN A 81 -8.60 5.35 21.29
N SER A 82 -8.42 4.83 22.50
CA SER A 82 -9.49 4.19 23.25
C SER A 82 -9.84 5.07 24.45
N SER A 83 -10.82 5.94 24.28
CA SER A 83 -11.16 6.89 25.33
C SER A 83 -12.00 6.23 26.41
N GLY A 84 -11.95 6.80 27.60
CA GLY A 84 -12.71 6.25 28.72
C GLY A 84 -14.20 6.45 28.60
N THR A 85 -14.64 7.40 27.78
CA THR A 85 -16.07 7.62 27.58
C THR A 85 -16.72 6.49 26.81
N GLY A 86 -15.94 5.56 26.25
CA GLY A 86 -16.48 4.45 25.50
C GLY A 86 -16.34 4.56 24.00
N GLN A 87 -15.67 5.58 23.50
CA GLN A 87 -15.50 5.79 22.07
C GLN A 87 -14.09 5.40 21.65
N ALA A 88 -13.98 4.52 20.66
CA ALA A 88 -12.71 4.10 20.11
C ALA A 88 -12.65 4.52 18.64
N SER A 89 -11.55 5.15 18.25
CA SER A 89 -11.40 5.66 16.90
C SER A 89 -10.07 5.19 16.34
N VAL A 90 -10.13 4.33 15.33
CA VAL A 90 -8.93 3.83 14.65
C VAL A 90 -8.74 4.68 13.40
N THR A 91 -7.71 5.52 13.41
CA THR A 91 -7.43 6.41 12.29
C THR A 91 -6.41 5.75 11.36
N LEU A 92 -6.82 5.52 10.12
CA LEU A 92 -5.93 4.97 9.10
C LEU A 92 -5.56 6.05 8.10
N SER A 93 -4.27 6.24 7.87
CA SER A 93 -3.77 7.24 6.94
C SER A 93 -3.11 6.51 5.78
N PHE A 94 -3.49 6.88 4.56
CA PHE A 94 -2.98 6.25 3.35
C PHE A 94 -1.95 7.14 2.68
N LYS A 95 -1.24 6.56 1.71
CA LYS A 95 -0.22 7.31 0.99
C LYS A 95 -0.85 8.48 0.24
N ALA A 96 -0.10 9.58 0.14
CA ALA A 96 -0.58 10.75 -0.56
C ALA A 96 -0.86 10.40 -2.03
N GLY A 97 -2.02 10.84 -2.51
CA GLY A 97 -2.42 10.54 -3.87
C GLY A 97 -3.44 9.42 -3.97
N THR A 98 -3.54 8.62 -2.91
CA THR A 98 -4.53 7.56 -2.87
C THR A 98 -5.94 8.14 -2.91
N ASP A 99 -6.81 7.54 -3.69
CA ASP A 99 -8.17 8.00 -3.81
C ASP A 99 -8.89 7.83 -2.47
N PRO A 100 -9.41 8.91 -1.87
CA PRO A 100 -10.11 8.75 -0.58
C PRO A 100 -11.31 7.83 -0.65
N ASP A 101 -12.07 7.86 -1.75
CA ASP A 101 -13.25 7.01 -1.85
C ASP A 101 -12.86 5.54 -1.92
N GLU A 102 -11.81 5.22 -2.67
CA GLU A 102 -11.34 3.84 -2.71
C GLU A 102 -10.85 3.38 -1.35
N ALA A 103 -10.16 4.25 -0.62
CA ALA A 103 -9.71 3.92 0.72
C ALA A 103 -10.90 3.64 1.64
N VAL A 104 -11.93 4.48 1.56
CA VAL A 104 -13.11 4.28 2.40
C VAL A 104 -13.80 2.97 2.04
N GLN A 105 -13.88 2.67 0.75
CA GLN A 105 -14.51 1.42 0.33
C GLN A 105 -13.75 0.20 0.85
N GLN A 106 -12.41 0.25 0.76
CA GLN A 106 -11.61 -0.84 1.30
C GLN A 106 -11.79 -0.98 2.80
N VAL A 107 -11.82 0.16 3.50
CA VAL A 107 -12.00 0.14 4.95
C VAL A 107 -13.35 -0.48 5.31
N GLN A 108 -14.39 -0.11 4.58
CA GLN A 108 -15.71 -0.66 4.85
C GLN A 108 -15.74 -2.17 4.59
N ASN A 109 -15.10 -2.60 3.51
CA ASN A 109 -15.05 -4.03 3.21
C ASN A 109 -14.34 -4.80 4.32
N GLN A 110 -13.22 -4.27 4.80
CA GLN A 110 -12.52 -4.93 5.90
C GLN A 110 -13.34 -4.89 7.18
N LEU A 111 -14.10 -3.82 7.38
CA LEU A 111 -14.90 -3.68 8.60
C LEU A 111 -16.06 -4.66 8.60
N GLN A 112 -16.61 -4.95 7.42
CA GLN A 112 -17.77 -5.83 7.35
C GLN A 112 -17.46 -7.20 7.95
N SER A 113 -16.29 -7.74 7.65
CA SER A 113 -15.87 -8.99 8.28
C SER A 113 -15.67 -8.81 9.78
N ALA A 114 -15.11 -7.66 10.19
CA ALA A 114 -14.82 -7.43 11.59
C ALA A 114 -16.06 -7.16 12.42
N MET A 115 -17.19 -6.87 11.78
CA MET A 115 -18.41 -6.51 12.53
C MET A 115 -18.83 -7.66 13.44
N ARG A 116 -18.76 -8.89 12.94
CA ARG A 116 -19.21 -10.03 13.73
C ARG A 116 -18.38 -10.21 14.99
N LYS A 117 -17.06 -10.04 14.88
CA LYS A 117 -16.18 -10.29 16.03
C LYS A 117 -16.40 -9.28 17.14
N LEU A 118 -16.97 -8.12 16.82
CA LEU A 118 -17.14 -7.08 17.82
C LEU A 118 -18.21 -7.48 18.84
N PRO A 119 -18.15 -6.93 20.05
CA PRO A 119 -19.21 -7.20 21.03
C PRO A 119 -20.56 -6.71 20.53
N GLN A 120 -21.61 -7.39 20.99
CA GLN A 120 -22.95 -7.13 20.48
C GLN A 120 -23.37 -5.69 20.74
N ALA A 121 -23.01 -5.14 21.90
CA ALA A 121 -23.36 -3.75 22.20
C ALA A 121 -22.73 -2.80 21.21
N VAL A 122 -21.46 -3.03 20.86
CA VAL A 122 -20.78 -2.19 19.89
C VAL A 122 -21.46 -2.28 18.53
N GLN A 123 -21.83 -3.49 18.12
CA GLN A 123 -22.53 -3.66 16.85
C GLN A 123 -23.86 -2.93 16.86
N ASN A 124 -24.58 -2.97 17.97
CA ASN A 124 -25.85 -2.25 18.08
C ASN A 124 -25.62 -0.76 17.96
N GLN A 125 -24.56 -0.24 18.59
CA GLN A 125 -24.26 1.18 18.48
C GLN A 125 -23.93 1.56 17.04
N GLY A 126 -23.13 0.75 16.35
CA GLY A 126 -22.82 1.00 14.97
C GLY A 126 -21.47 1.64 14.73
N VAL A 127 -20.56 0.91 14.12
CA VAL A 127 -19.26 1.45 13.74
C VAL A 127 -19.41 2.24 12.44
N THR A 128 -18.81 3.42 12.39
CA THR A 128 -18.94 4.32 11.26
C THR A 128 -17.58 4.55 10.62
N VAL A 129 -17.53 4.52 9.30
CA VAL A 129 -16.33 4.81 8.53
C VAL A 129 -16.55 6.14 7.81
N ARG A 130 -15.62 7.08 8.00
CA ARG A 130 -15.78 8.41 7.45
C ARG A 130 -14.42 8.96 7.03
N LYS A 131 -14.40 9.65 5.89
CA LYS A 131 -13.21 10.41 5.52
C LYS A 131 -12.93 11.47 6.57
N THR A 132 -11.68 11.53 7.02
CA THR A 132 -11.35 12.43 8.13
C THR A 132 -11.11 13.84 7.60
N GLY A 133 -12.02 14.75 7.92
CA GLY A 133 -11.80 16.14 7.61
C GLY A 133 -10.86 16.78 8.60
N ASP A 134 -11.31 16.88 9.85
CA ASP A 134 -10.49 17.35 10.98
C ASP A 134 -9.72 18.62 10.62
N THR A 135 -10.44 19.58 10.04
CA THR A 135 -9.84 20.84 9.63
C THR A 135 -10.85 21.94 9.92
N ASN A 136 -10.65 22.64 11.03
CA ASN A 136 -11.56 23.70 11.44
C ASN A 136 -11.43 24.87 10.48
N ILE A 137 -12.38 24.99 9.56
CA ILE A 137 -12.40 26.13 8.64
C ILE A 137 -12.57 27.43 9.41
N LEU A 138 -13.51 27.45 10.35
CA LEU A 138 -13.72 28.62 11.18
C LEU A 138 -14.40 28.19 12.46
N THR A 139 -14.02 28.84 13.56
CA THR A 139 -14.65 28.63 14.85
C THR A 139 -15.41 29.90 15.19
N ILE A 140 -16.73 29.85 15.10
CA ILE A 140 -17.55 31.01 15.38
C ILE A 140 -18.04 30.99 16.81
N ALA A 141 -18.15 32.16 17.43
CA ALA A 141 -18.58 32.24 18.81
C ALA A 141 -19.83 33.08 18.92
N PHE A 142 -20.75 32.70 19.80
CA PHE A 142 -21.97 33.45 19.99
C PHE A 142 -22.00 34.01 21.39
N VAL A 143 -21.90 35.33 21.51
CA VAL A 143 -21.86 35.99 22.81
C VAL A 143 -23.00 36.99 22.89
N SER A 144 -23.66 37.03 24.05
CA SER A 144 -24.77 37.95 24.28
C SER A 144 -24.19 39.27 24.79
N THR A 145 -24.33 40.32 23.99
CA THR A 145 -23.77 41.62 24.35
C THR A 145 -24.47 42.19 25.58
N ASP A 146 -25.80 42.10 25.63
CA ASP A 146 -26.54 42.65 26.75
C ASP A 146 -26.27 41.87 28.03
N GLY A 147 -26.07 40.56 27.90
CA GLY A 147 -26.03 39.68 29.04
C GLY A 147 -27.38 39.13 29.44
N SER A 148 -28.45 39.53 28.76
CA SER A 148 -29.77 38.99 29.05
C SER A 148 -29.83 37.50 28.77
N MET A 149 -29.22 37.06 27.67
CA MET A 149 -29.23 35.67 27.28
C MET A 149 -28.08 34.95 27.97
N ASP A 150 -28.41 33.94 28.77
CA ASP A 150 -27.42 33.20 29.52
C ASP A 150 -26.60 32.29 28.60
N LYS A 151 -25.45 31.84 29.10
CA LYS A 151 -24.57 31.00 28.30
C LYS A 151 -25.28 29.75 27.83
N GLN A 152 -26.04 29.11 28.72
CA GLN A 152 -26.80 27.94 28.33
C GLN A 152 -27.90 28.32 27.35
N ASP A 153 -28.52 29.49 27.54
CA ASP A 153 -29.51 29.95 26.58
C ASP A 153 -28.88 30.20 25.21
N ILE A 154 -27.67 30.77 25.20
CA ILE A 154 -26.94 30.96 23.95
C ILE A 154 -26.71 29.62 23.27
N ALA A 155 -26.23 28.64 24.02
CA ALA A 155 -25.94 27.33 23.45
C ALA A 155 -27.19 26.67 22.91
N ASP A 156 -28.30 26.76 23.66
CA ASP A 156 -29.54 26.16 23.21
C ASP A 156 -30.03 26.81 21.94
N TYR A 157 -29.98 28.15 21.87
CA TYR A 157 -30.43 28.83 20.66
C TYR A 157 -29.57 28.45 19.48
N VAL A 158 -28.26 28.36 19.68
CA VAL A 158 -27.34 28.01 18.61
C VAL A 158 -27.67 26.62 18.10
N ALA A 159 -27.83 25.66 19.01
CA ALA A 159 -28.12 24.30 18.61
C ALA A 159 -29.46 24.22 17.89
N SER A 160 -30.44 25.01 18.34
CA SER A 160 -31.78 24.90 17.77
C SER A 160 -31.86 25.54 16.38
N ASN A 161 -31.26 26.71 16.20
CA ASN A 161 -31.53 27.53 15.03
C ASN A 161 -30.35 27.76 14.11
N ILE A 162 -29.12 27.41 14.51
CA ILE A 162 -27.92 27.76 13.77
C ILE A 162 -27.15 26.52 13.33
N GLN A 163 -27.02 25.53 14.21
CA GLN A 163 -26.23 24.36 13.88
C GLN A 163 -26.85 23.59 12.71
N ASP A 164 -28.17 23.44 12.70
CA ASP A 164 -28.82 22.73 11.61
C ASP A 164 -28.65 23.43 10.27
N PRO A 165 -28.95 24.73 10.11
CA PRO A 165 -28.79 25.36 8.79
C PRO A 165 -27.34 25.33 8.29
N LEU A 166 -26.38 25.54 9.18
CA LEU A 166 -24.99 25.58 8.75
C LEU A 166 -24.51 24.21 8.30
N SER A 167 -24.96 23.15 8.96
CA SER A 167 -24.54 21.81 8.60
C SER A 167 -24.98 21.43 7.19
N ARG A 168 -26.05 22.03 6.68
CA ARG A 168 -26.52 21.76 5.33
C ARG A 168 -25.83 22.63 4.28
N VAL A 169 -24.98 23.56 4.69
CA VAL A 169 -24.22 24.36 3.73
C VAL A 169 -23.22 23.45 3.01
N ASN A 170 -23.12 23.62 1.69
CA ASN A 170 -22.28 22.77 0.88
C ASN A 170 -20.82 22.88 1.32
N GLY A 171 -20.15 21.74 1.44
CA GLY A 171 -18.76 21.70 1.82
C GLY A 171 -18.49 21.59 3.30
N VAL A 172 -19.53 21.58 4.14
CA VAL A 172 -19.37 21.51 5.59
C VAL A 172 -19.50 20.04 5.97
N GLY A 173 -18.36 19.37 6.14
CA GLY A 173 -18.39 17.96 6.50
C GLY A 173 -18.99 17.72 7.87
N ASP A 174 -18.55 18.50 8.85
CA ASP A 174 -19.05 18.37 10.22
C ASP A 174 -19.03 19.74 10.86
N ILE A 175 -19.87 19.92 11.88
CA ILE A 175 -19.92 21.16 12.64
C ILE A 175 -19.94 20.76 14.11
N ASP A 176 -18.77 20.81 14.75
CA ASP A 176 -18.70 20.53 16.18
C ASP A 176 -19.33 21.66 16.97
N ALA A 177 -20.04 21.30 18.02
CA ALA A 177 -20.73 22.27 18.86
C ALA A 177 -20.10 22.29 20.24
N TYR A 178 -19.69 23.47 20.68
CA TYR A 178 -19.16 23.68 22.02
C TYR A 178 -20.25 24.09 23.00
N GLY A 179 -21.49 23.69 22.74
CA GLY A 179 -22.59 23.95 23.62
C GLY A 179 -23.53 22.78 23.66
N SER A 180 -24.75 22.98 24.14
CA SER A 180 -25.69 21.89 24.24
C SER A 180 -27.11 22.46 24.24
N GLN A 181 -28.04 21.70 23.69
CA GLN A 181 -29.43 22.12 23.68
C GLN A 181 -30.02 22.02 25.08
N TYR A 182 -31.19 22.62 25.25
CA TYR A 182 -31.87 22.54 26.53
C TYR A 182 -32.26 21.10 26.83
N SER A 183 -32.31 20.78 28.12
CA SER A 183 -32.78 19.48 28.57
C SER A 183 -33.40 19.64 29.94
N MET A 184 -34.47 18.88 30.18
CA MET A 184 -35.19 18.97 31.45
C MET A 184 -34.42 18.19 32.50
N ARG A 185 -33.52 18.87 33.19
CA ARG A 185 -32.71 18.24 34.23
C ARG A 185 -33.53 18.11 35.49
N ILE A 186 -33.59 16.89 36.04
CA ILE A 186 -34.34 16.64 37.27
C ILE A 186 -33.38 16.20 38.35
N TRP A 187 -32.97 17.14 39.20
CA TRP A 187 -31.97 16.84 40.21
C TRP A 187 -32.61 16.18 41.43
N LEU A 188 -32.20 14.95 41.71
CA LEU A 188 -32.74 14.19 42.83
C LEU A 188 -32.10 14.64 44.15
N ASP A 189 -32.80 14.38 45.23
CA ASP A 189 -32.31 14.67 46.58
C ASP A 189 -32.44 13.41 47.42
N PRO A 190 -31.33 12.75 47.76
CA PRO A 190 -31.43 11.52 48.55
C PRO A 190 -32.11 11.69 49.90
N ALA A 191 -31.96 12.85 50.54
CA ALA A 191 -32.61 13.08 51.81
C ALA A 191 -34.13 13.05 51.65
N LYS A 192 -34.64 13.78 50.65
CA LYS A 192 -36.08 13.77 50.39
C LYS A 192 -36.54 12.38 49.95
N LEU A 193 -35.71 11.69 49.17
CA LEU A 193 -36.04 10.33 48.75
C LEU A 193 -36.22 9.41 49.96
N ASN A 194 -35.33 9.54 50.94
CA ASN A 194 -35.46 8.75 52.16
C ASN A 194 -36.67 9.19 52.97
N SER A 195 -36.99 10.48 52.92
CA SER A 195 -38.15 10.99 53.65
C SER A 195 -39.43 10.32 53.19
N PHE A 196 -39.60 10.18 51.88
CA PHE A 196 -40.76 9.52 51.30
C PHE A 196 -40.53 8.04 51.02
N GLN A 197 -39.37 7.51 51.37
CA GLN A 197 -39.04 6.09 51.19
C GLN A 197 -39.18 5.67 49.73
N MET A 198 -38.58 6.45 48.83
CA MET A 198 -38.57 6.17 47.41
C MET A 198 -37.13 6.07 46.93
N THR A 199 -36.84 5.06 46.13
CA THR A 199 -35.52 4.94 45.53
C THR A 199 -35.44 5.75 44.25
N ALA A 200 -34.21 5.92 43.76
CA ALA A 200 -34.02 6.61 42.48
C ALA A 200 -34.70 5.86 41.35
N LYS A 201 -34.68 4.53 41.41
CA LYS A 201 -35.33 3.73 40.37
C LYS A 201 -36.83 3.97 40.34
N ASP A 202 -37.42 4.25 41.50
CA ASP A 202 -38.85 4.58 41.52
C ASP A 202 -39.13 5.82 40.69
N VAL A 203 -38.34 6.86 40.91
CA VAL A 203 -38.51 8.12 40.17
C VAL A 203 -38.27 7.88 38.68
N THR A 204 -37.22 7.13 38.36
CA THR A 204 -36.90 6.87 36.96
C THR A 204 -38.03 6.13 36.27
N ASP A 205 -38.55 5.08 36.91
CA ASP A 205 -39.63 4.30 36.32
C ASP A 205 -40.89 5.14 36.17
N ALA A 206 -41.21 5.96 37.17
CA ALA A 206 -42.39 6.82 37.06
C ALA A 206 -42.28 7.78 35.89
N ILE A 207 -41.13 8.45 35.77
CA ILE A 207 -40.95 9.42 34.69
C ILE A 207 -40.96 8.73 33.33
N GLU A 208 -40.38 7.53 33.26
CA GLU A 208 -40.46 6.76 32.02
C GLU A 208 -41.90 6.41 31.67
N SER A 209 -42.69 6.04 32.68
CA SER A 209 -44.08 5.65 32.44
C SER A 209 -44.93 6.83 32.03
N GLN A 210 -44.59 8.04 32.48
CA GLN A 210 -45.40 9.21 32.18
C GLN A 210 -45.51 9.43 30.67
N ASN A 211 -44.38 9.34 29.96
CA ASN A 211 -44.39 9.54 28.52
C ASN A 211 -44.06 8.24 27.78
N GLN A 237 -48.57 11.89 21.48
CA GLN A 237 -47.40 12.74 21.30
C GLN A 237 -47.39 13.88 22.30
N SER A 238 -48.30 13.83 23.26
CA SER A 238 -48.37 14.87 24.28
C SER A 238 -47.21 14.71 25.26
N LEU A 239 -46.34 15.72 25.30
CA LEU A 239 -45.17 15.70 26.17
C LEU A 239 -45.18 16.96 27.02
N LEU A 240 -44.78 16.82 28.29
CA LEU A 240 -44.72 17.97 29.18
C LEU A 240 -43.71 18.98 28.67
N GLN A 241 -44.03 20.27 28.85
CA GLN A 241 -43.18 21.32 28.31
C GLN A 241 -42.54 22.15 29.42
N THR A 242 -43.37 22.76 30.26
CA THR A 242 -42.83 23.61 31.31
C THR A 242 -42.27 22.73 32.44
N PRO A 243 -41.30 23.22 33.21
CA PRO A 243 -40.83 22.43 34.36
C PRO A 243 -41.92 22.14 35.36
N GLU A 244 -42.91 23.03 35.48
CA GLU A 244 -43.98 22.84 36.46
C GLU A 244 -44.77 21.58 36.18
N GLN A 245 -45.00 21.28 34.90
CA GLN A 245 -45.71 20.05 34.55
C GLN A 245 -44.93 18.83 35.01
N PHE A 246 -43.60 18.86 34.89
CA PHE A 246 -42.79 17.77 35.42
C PHE A 246 -42.89 17.70 36.94
N ARG A 247 -42.92 18.86 37.60
CA ARG A 247 -43.06 18.88 39.05
C ARG A 247 -44.41 18.38 39.51
N ASP A 248 -45.38 18.25 38.61
CA ASP A 248 -46.68 17.70 38.95
C ASP A 248 -46.79 16.21 38.67
N ILE A 249 -45.71 15.57 38.23
CA ILE A 249 -45.70 14.13 37.97
C ILE A 249 -45.93 13.39 39.28
N THR A 250 -46.91 12.50 39.28
CA THR A 250 -47.25 11.74 40.49
C THR A 250 -46.37 10.50 40.56
N LEU A 251 -45.55 10.42 41.62
CA LEU A 251 -44.67 9.27 41.79
C LEU A 251 -45.33 8.16 42.60
N ARG A 252 -46.11 8.51 43.61
CA ARG A 252 -46.77 7.52 44.45
C ARG A 252 -48.03 8.15 45.05
N VAL A 253 -49.11 7.37 45.06
CA VAL A 253 -50.38 7.80 45.64
C VAL A 253 -50.55 7.08 46.97
N ASN A 254 -50.59 7.84 48.06
CA ASN A 254 -50.80 7.25 49.37
C ASN A 254 -52.25 6.79 49.51
N GLN A 255 -52.48 5.85 50.43
CA GLN A 255 -53.83 5.37 50.69
C GLN A 255 -54.73 6.47 51.19
N ASP A 256 -54.17 7.50 51.83
CA ASP A 256 -54.96 8.62 52.31
C ASP A 256 -55.48 9.49 51.17
N GLY A 257 -55.00 9.27 49.95
CA GLY A 257 -55.33 10.10 48.81
C GLY A 257 -54.26 11.11 48.46
N SER A 258 -53.35 11.41 49.38
CA SER A 258 -52.23 12.28 49.07
C SER A 258 -51.27 11.58 48.11
N GLU A 259 -50.74 12.35 47.16
CA GLU A 259 -49.82 11.83 46.17
C GLU A 259 -48.52 12.60 46.22
N VAL A 260 -47.40 11.88 46.09
CA VAL A 260 -46.08 12.49 46.14
C VAL A 260 -45.72 13.00 44.76
N ARG A 261 -45.48 14.30 44.64
CA ARG A 261 -45.11 14.93 43.39
C ARG A 261 -43.62 14.79 43.14
N LEU A 262 -43.23 14.91 41.88
CA LEU A 262 -41.81 14.89 41.55
C LEU A 262 -41.08 16.06 42.20
N GLY A 263 -41.70 17.25 42.18
CA GLY A 263 -41.08 18.38 42.84
C GLY A 263 -40.95 18.21 44.34
N ASP A 264 -41.79 17.36 44.93
CA ASP A 264 -41.71 17.12 46.37
C ASP A 264 -40.42 16.40 46.73
N VAL A 265 -39.81 15.69 45.80
CA VAL A 265 -38.65 14.87 46.08
C VAL A 265 -37.42 15.26 45.25
N ALA A 266 -37.58 16.10 44.24
CA ALA A 266 -36.47 16.48 43.39
C ALA A 266 -36.68 17.90 42.88
N THR A 267 -35.61 18.49 42.37
CA THR A 267 -35.63 19.83 41.81
C THR A 267 -35.58 19.73 40.29
N VAL A 268 -36.56 20.31 39.62
CA VAL A 268 -36.68 20.25 38.17
C VAL A 268 -36.19 21.56 37.58
N GLU A 269 -35.29 21.47 36.60
CA GLU A 269 -34.69 22.64 35.98
C GLU A 269 -34.46 22.34 34.52
N MET A 270 -34.45 23.40 33.70
CA MET A 270 -34.24 23.27 32.26
C MET A 270 -32.79 23.67 31.96
N GLY A 271 -31.89 22.70 32.11
CA GLY A 271 -30.48 22.88 31.85
C GLY A 271 -30.04 22.24 30.55
N ALA A 272 -28.75 21.93 30.46
CA ALA A 272 -28.16 21.36 29.26
C ALA A 272 -28.16 19.84 29.35
N GLU A 273 -28.28 19.19 28.19
CA GLU A 273 -28.16 17.74 28.15
C GLU A 273 -26.70 17.31 28.35
N LYS A 274 -25.76 18.21 28.09
CA LYS A 274 -24.35 17.94 28.31
C LYS A 274 -23.69 19.19 28.87
N TYR A 275 -22.97 19.03 29.98
CA TYR A 275 -22.27 20.13 30.64
C TYR A 275 -20.77 20.07 30.41
N ASP A 276 -20.32 19.40 29.34
CA ASP A 276 -18.90 19.16 29.16
C ASP A 276 -18.14 20.47 28.91
N TYR A 277 -18.70 21.34 28.09
CA TYR A 277 -17.98 22.51 27.59
C TYR A 277 -18.43 23.78 28.30
N LEU A 278 -17.45 24.56 28.75
CA LEU A 278 -17.66 25.88 29.33
C LEU A 278 -16.79 26.84 28.54
N SER A 279 -17.36 27.46 27.52
CA SER A 279 -16.62 28.33 26.62
C SER A 279 -16.75 29.78 27.04
N ARG A 280 -15.73 30.58 26.69
CA ARG A 280 -15.63 31.95 27.17
C ARG A 280 -14.91 32.78 26.12
N PHE A 281 -15.52 33.88 25.71
CA PHE A 281 -15.00 34.75 24.66
C PHE A 281 -14.64 36.10 25.25
N ASN A 282 -13.36 36.46 25.17
CA ASN A 282 -12.86 37.75 25.65
C ASN A 282 -13.30 38.00 27.09
N GLY A 283 -13.23 36.96 27.90
CA GLY A 283 -13.65 37.08 29.28
C GLY A 283 -15.14 37.18 29.48
N LYS A 284 -15.93 36.76 28.49
CA LYS A 284 -17.38 36.80 28.57
C LYS A 284 -17.95 35.45 28.17
N PRO A 285 -19.07 35.05 28.77
CA PRO A 285 -19.66 33.75 28.42
C PRO A 285 -20.08 33.69 26.96
N ALA A 286 -19.93 32.52 26.36
CA ALA A 286 -20.22 32.35 24.95
C ALA A 286 -20.34 30.87 24.64
N SER A 287 -20.80 30.58 23.42
CA SER A 287 -20.81 29.23 22.88
C SER A 287 -20.25 29.28 21.48
N GLY A 288 -19.63 28.18 21.05
CA GLY A 288 -18.92 28.17 19.80
C GLY A 288 -19.34 27.00 18.92
N LEU A 289 -19.05 27.15 17.63
CA LEU A 289 -19.29 26.10 16.65
C LEU A 289 -18.00 25.83 15.90
N GLY A 290 -17.55 24.58 15.92
CA GLY A 290 -16.38 24.22 15.17
C GLY A 290 -16.73 23.65 13.80
N VAL A 291 -16.67 24.50 12.77
CA VAL A 291 -17.02 24.08 11.43
C VAL A 291 -15.85 23.34 10.81
N LYS A 292 -16.10 22.13 10.31
CA LYS A 292 -15.07 21.30 9.72
C LYS A 292 -15.34 21.13 8.23
N LEU A 293 -14.26 21.05 7.46
CA LEU A 293 -14.37 21.01 6.01
C LEU A 293 -14.69 19.60 5.52
N ALA A 294 -15.65 19.52 4.60
CA ALA A 294 -15.88 18.25 3.90
C ALA A 294 -14.69 17.94 3.01
N SER A 295 -14.36 16.65 2.90
CA SER A 295 -13.20 16.24 2.13
C SER A 295 -13.35 16.64 0.67
N GLY A 296 -12.33 17.31 0.14
CA GLY A 296 -12.27 17.70 -1.24
C GLY A 296 -12.82 19.08 -1.54
N ALA A 297 -13.62 19.63 -0.63
CA ALA A 297 -14.24 20.92 -0.88
C ALA A 297 -13.22 22.04 -0.80
N ASN A 298 -13.50 23.13 -1.51
CA ASN A 298 -12.64 24.30 -1.45
C ASN A 298 -12.83 25.03 -0.13
N GLU A 299 -11.73 25.42 0.50
CA GLU A 299 -11.81 26.03 1.81
C GLU A 299 -12.42 27.43 1.75
N MET A 300 -11.92 28.26 0.83
CA MET A 300 -12.37 29.65 0.78
C MET A 300 -13.85 29.74 0.41
N ALA A 301 -14.27 28.98 -0.59
CA ALA A 301 -15.67 29.01 -1.01
C ALA A 301 -16.58 28.52 0.10
N THR A 302 -16.19 27.44 0.78
CA THR A 302 -17.00 26.91 1.88
C THR A 302 -17.10 27.92 3.01
N ALA A 303 -15.99 28.58 3.35
CA ALA A 303 -16.03 29.57 4.42
C ALA A 303 -16.92 30.75 4.04
N GLU A 304 -16.84 31.19 2.78
CA GLU A 304 -17.69 32.30 2.34
C GLU A 304 -19.15 31.91 2.40
N LEU A 305 -19.48 30.68 1.98
CA LEU A 305 -20.86 30.22 2.04
C LEU A 305 -21.34 30.15 3.48
N VAL A 306 -20.52 29.60 4.36
CA VAL A 306 -20.90 29.48 5.75
C VAL A 306 -21.19 30.86 6.30
N LEU A 307 -20.27 31.79 6.10
CA LEU A 307 -20.45 33.12 6.63
C LEU A 307 -21.68 33.80 6.02
N ASN A 308 -21.89 33.62 4.73
CA ASN A 308 -23.07 34.20 4.10
C ASN A 308 -24.33 33.65 4.74
N ARG A 309 -24.39 32.34 4.89
CA ARG A 309 -25.55 31.72 5.49
C ARG A 309 -25.76 32.25 6.89
N LEU A 310 -24.67 32.36 7.64
CA LEU A 310 -24.78 32.82 9.01
C LEU A 310 -25.37 34.21 9.04
N ASP A 311 -24.98 35.04 8.08
CA ASP A 311 -25.52 36.39 8.02
C ASP A 311 -27.03 36.35 7.83
N GLU A 312 -27.49 35.49 6.93
CA GLU A 312 -28.92 35.35 6.72
C GLU A 312 -29.58 35.00 8.04
N LEU A 313 -29.03 34.02 8.75
CA LEU A 313 -29.58 33.62 10.03
C LEU A 313 -29.52 34.77 11.00
N ALA A 314 -28.45 35.54 10.95
CA ALA A 314 -28.29 36.64 11.89
C ALA A 314 -29.44 37.60 11.80
N GLN A 315 -30.11 37.64 10.66
CA GLN A 315 -31.21 38.57 10.46
C GLN A 315 -32.34 38.32 11.44
N TYR A 316 -32.25 37.22 12.18
CA TYR A 316 -33.33 36.88 13.10
C TYR A 316 -32.81 36.51 14.48
N PHE A 317 -31.66 37.04 14.87
CA PHE A 317 -31.10 36.72 16.18
C PHE A 317 -31.73 37.58 17.27
N PRO A 318 -32.04 36.97 18.42
CA PRO A 318 -32.60 37.75 19.53
C PRO A 318 -31.68 38.92 19.88
N HIS A 319 -32.29 39.99 20.39
CA HIS A 319 -31.55 41.20 20.70
C HIS A 319 -30.41 40.92 21.66
N GLY A 320 -29.20 41.33 21.27
CA GLY A 320 -28.00 41.17 22.07
C GLY A 320 -27.07 40.07 21.58
N LEU A 321 -27.63 39.04 20.95
CA LEU A 321 -26.80 37.94 20.47
C LEU A 321 -26.11 38.29 19.17
N GLU A 322 -24.80 38.03 19.10
CA GLU A 322 -24.04 38.32 17.89
C GLU A 322 -22.90 37.35 17.71
N TYR A 323 -22.71 36.88 16.48
CA TYR A 323 -21.65 35.92 16.20
C TYR A 323 -20.34 36.63 15.92
N LYS A 324 -19.24 36.04 16.37
CA LYS A 324 -17.93 36.61 16.13
C LYS A 324 -16.95 35.52 15.74
N VAL A 325 -16.20 35.73 14.67
CA VAL A 325 -15.28 34.71 14.19
C VAL A 325 -14.04 34.62 15.07
N ALA A 326 -13.93 33.55 15.86
CA ALA A 326 -12.78 33.35 16.73
C ALA A 326 -11.59 32.74 16.01
N TYR A 327 -11.82 31.95 14.96
CA TYR A 327 -10.76 31.36 14.16
C TYR A 327 -11.15 31.48 12.71
N GLU A 328 -10.21 31.91 11.86
CA GLU A 328 -10.48 32.06 10.44
C GLU A 328 -9.20 31.80 9.66
N THR A 329 -9.30 30.96 8.64
CA THR A 329 -8.14 30.63 7.81
C THR A 329 -8.09 31.44 6.52
N THR A 330 -9.25 31.85 6.00
CA THR A 330 -9.28 32.49 4.68
C THR A 330 -8.57 33.83 4.70
N SER A 331 -8.49 34.48 5.86
CA SER A 331 -7.80 35.76 5.93
C SER A 331 -6.34 35.62 5.52
N PHE A 332 -5.63 34.67 6.12
CA PHE A 332 -4.24 34.47 5.78
C PHE A 332 -4.07 34.01 4.34
N VAL A 333 -4.96 33.15 3.87
CA VAL A 333 -4.84 32.66 2.49
C VAL A 333 -4.96 33.82 1.51
N LYS A 334 -5.97 34.66 1.71
CA LYS A 334 -6.18 35.80 0.83
C LYS A 334 -5.01 36.78 0.91
N ALA A 335 -4.54 37.06 2.13
CA ALA A 335 -3.43 37.99 2.27
C ALA A 335 -2.18 37.47 1.60
N SER A 336 -1.88 36.18 1.78
CA SER A 336 -0.68 35.59 1.18
C SER A 336 -0.77 35.59 -0.34
N ILE A 337 -1.94 35.24 -0.88
CA ILE A 337 -2.09 35.21 -2.34
C ILE A 337 -1.94 36.62 -2.90
N GLU A 338 -2.52 37.61 -2.22
CA GLU A 338 -2.37 38.99 -2.66
C GLU A 338 -0.91 39.41 -2.62
N ASP A 339 -0.19 39.02 -1.58
CA ASP A 339 1.22 39.37 -1.47
C ASP A 339 2.03 38.73 -2.60
N VAL A 340 1.73 37.48 -2.94
CA VAL A 340 2.47 36.81 -4.00
C VAL A 340 2.16 37.44 -5.35
N VAL A 341 0.91 37.85 -5.58
CA VAL A 341 0.59 38.56 -6.81
C VAL A 341 1.33 39.89 -6.85
N LYS A 342 1.41 40.58 -5.71
CA LYS A 342 2.14 41.84 -5.65
C LYS A 342 3.62 41.64 -5.99
N THR A 343 4.23 40.61 -5.42
CA THR A 343 5.65 40.37 -5.68
C THR A 343 5.86 39.91 -7.12
N LEU A 344 4.86 39.23 -7.70
CA LEU A 344 4.94 38.87 -9.11
C LEU A 344 4.93 40.10 -10.01
N LEU A 345 4.03 41.04 -9.73
CA LEU A 345 3.98 42.27 -10.51
C LEU A 345 5.26 43.08 -10.34
N GLU A 346 5.78 43.15 -9.12
CA GLU A 346 7.04 43.85 -8.90
C GLU A 346 8.18 43.17 -9.62
N ALA A 347 8.15 41.84 -9.69
CA ALA A 347 9.17 41.11 -10.45
C ALA A 347 9.09 41.47 -11.93
N ILE A 348 7.88 41.54 -12.47
CA ILE A 348 7.73 41.93 -13.88
C ILE A 348 8.28 43.32 -14.11
N ALA A 349 7.98 44.25 -13.20
CA ALA A 349 8.46 45.61 -13.34
C ALA A 349 9.98 45.66 -13.29
N LEU A 350 10.59 44.92 -12.37
CA LEU A 350 12.04 44.94 -12.26
C LEU A 350 12.71 44.30 -13.47
N VAL A 351 12.10 43.24 -14.01
CA VAL A 351 12.63 42.64 -15.23
C VAL A 351 12.57 43.63 -16.37
N PHE A 352 11.46 44.37 -16.48
CA PHE A 352 11.37 45.40 -17.52
C PHE A 352 12.44 46.46 -17.33
N LEU A 353 12.67 46.87 -16.08
CA LEU A 353 13.66 47.92 -15.83
C LEU A 353 15.07 47.47 -16.20
N VAL A 354 15.43 46.23 -15.83
CA VAL A 354 16.79 45.78 -16.15
C VAL A 354 16.95 45.58 -17.66
N MET A 355 15.91 45.07 -18.33
CA MET A 355 15.98 44.93 -19.77
C MET A 355 16.12 46.29 -20.45
N TYR A 356 15.41 47.30 -19.95
CA TYR A 356 15.56 48.65 -20.49
C TYR A 356 16.95 49.20 -20.22
N LEU A 357 17.54 48.82 -19.08
CA LEU A 357 18.92 49.21 -18.82
C LEU A 357 19.86 48.64 -19.87
N PHE A 358 19.70 47.35 -20.19
CA PHE A 358 20.58 46.77 -21.21
C PHE A 358 20.15 47.13 -22.62
N LEU A 359 18.84 47.20 -22.87
CA LEU A 359 18.32 47.60 -24.18
C LEU A 359 17.70 48.98 -24.03
N GLN A 360 18.48 49.99 -24.38
CA GLN A 360 18.06 51.38 -24.19
C GLN A 360 16.79 51.70 -24.98
N ASN A 361 16.64 51.11 -26.16
CA ASN A 361 15.45 51.32 -26.96
C ASN A 361 14.22 50.79 -26.22
N PHE A 362 13.15 51.59 -26.22
CA PHE A 362 11.95 51.19 -25.48
C PHE A 362 11.28 49.97 -26.12
N ARG A 363 11.19 49.96 -27.45
CA ARG A 363 10.56 48.83 -28.13
C ARG A 363 11.38 47.55 -27.95
N ALA A 364 12.70 47.68 -27.96
CA ALA A 364 13.56 46.53 -27.74
C ALA A 364 13.33 45.94 -26.35
N THR A 365 12.98 46.78 -25.38
CA THR A 365 12.63 46.29 -24.06
C THR A 365 11.23 45.71 -24.04
N LEU A 366 10.31 46.32 -24.79
CA LEU A 366 8.92 45.88 -24.77
C LEU A 366 8.77 44.49 -25.37
N ILE A 367 9.56 44.17 -26.39
CA ILE A 367 9.39 42.90 -27.09
C ILE A 367 9.53 41.69 -26.17
N PRO A 368 10.59 41.56 -25.35
CA PRO A 368 10.59 40.46 -24.38
C PRO A 368 9.52 40.60 -23.32
N THR A 369 9.13 41.82 -22.98
CA THR A 369 8.11 42.03 -21.96
C THR A 369 6.77 41.44 -22.39
N ILE A 370 6.42 41.61 -23.67
CA ILE A 370 5.15 41.10 -24.18
C ILE A 370 5.09 39.58 -24.05
N ALA A 371 6.25 38.91 -24.07
CA ALA A 371 6.26 37.46 -23.92
C ALA A 371 5.76 37.05 -22.54
N VAL A 372 5.95 37.89 -21.53
CA VAL A 372 5.58 37.52 -20.16
C VAL A 372 4.08 37.27 -20.03
N PRO A 373 3.18 38.18 -20.43
CA PRO A 373 1.75 37.86 -20.31
C PRO A 373 1.35 36.62 -21.08
N VAL A 374 1.90 36.42 -22.28
CA VAL A 374 1.52 35.27 -23.09
C VAL A 374 1.90 33.97 -22.41
N VAL A 375 3.15 33.89 -21.94
CA VAL A 375 3.63 32.67 -21.29
C VAL A 375 2.87 32.44 -19.99
N LEU A 376 2.65 33.50 -19.22
CA LEU A 376 1.93 33.37 -17.95
C LEU A 376 0.52 32.84 -18.17
N MET A 377 -0.20 33.40 -19.15
CA MET A 377 -1.58 32.99 -19.36
C MET A 377 -1.65 31.62 -20.00
N GLY A 378 -0.68 31.27 -20.84
CA GLY A 378 -0.61 29.89 -21.31
C GLY A 378 -0.37 28.91 -20.19
N THR A 379 0.48 29.28 -19.23
CA THR A 379 0.70 28.44 -18.08
C THR A 379 -0.57 28.28 -17.26
N PHE A 380 -1.33 29.38 -17.11
CA PHE A 380 -2.60 29.31 -16.41
C PHE A 380 -3.56 28.35 -17.13
N SER A 381 -3.59 28.42 -18.46
CA SER A 381 -4.43 27.50 -19.22
C SER A 381 -3.99 26.05 -19.01
N VAL A 382 -2.68 25.81 -18.99
CA VAL A 382 -2.18 24.46 -18.75
C VAL A 382 -2.59 23.97 -17.37
N LEU A 383 -2.48 24.84 -16.37
CA LEU A 383 -2.90 24.47 -15.02
C LEU A 383 -4.39 24.14 -14.98
N TYR A 384 -5.20 24.94 -15.66
CA TYR A 384 -6.64 24.68 -15.69
C TYR A 384 -6.93 23.34 -16.37
N ALA A 385 -6.23 23.04 -17.46
CA ALA A 385 -6.43 21.77 -18.14
C ALA A 385 -6.02 20.60 -17.25
N PHE A 386 -4.91 20.75 -16.52
CA PHE A 386 -4.43 19.67 -15.67
C PHE A 386 -5.18 19.57 -14.35
N GLY A 387 -6.08 20.50 -14.05
CA GLY A 387 -6.82 20.44 -12.81
C GLY A 387 -6.15 21.08 -11.62
N TYR A 388 -4.99 21.71 -11.82
CA TYR A 388 -4.33 22.39 -10.73
C TYR A 388 -5.07 23.69 -10.39
N SER A 389 -4.70 24.27 -9.25
CA SER A 389 -5.38 25.45 -8.73
C SER A 389 -4.37 26.57 -8.54
N VAL A 390 -4.86 27.72 -8.07
CA VAL A 390 -4.00 28.85 -7.76
C VAL A 390 -3.62 28.78 -6.29
N ASN A 391 -2.51 28.10 -6.01
CA ASN A 391 -2.01 27.96 -4.65
C ASN A 391 -0.68 28.67 -4.50
N THR A 392 -0.15 28.64 -3.27
CA THR A 392 1.13 29.29 -3.01
C THR A 392 2.25 28.66 -3.82
N LEU A 393 2.24 27.34 -3.96
CA LEU A 393 3.30 26.66 -4.69
C LEU A 393 3.31 27.07 -6.17
N THR A 394 2.14 27.04 -6.81
CA THR A 394 2.07 27.40 -8.22
C THR A 394 2.44 28.87 -8.41
N MET A 395 2.02 29.74 -7.50
CA MET A 395 2.36 31.15 -7.61
C MET A 395 3.85 31.38 -7.47
N PHE A 396 4.49 30.67 -6.54
CA PHE A 396 5.95 30.75 -6.42
C PHE A 396 6.61 30.27 -7.70
N ALA A 397 6.07 29.20 -8.28
CA ALA A 397 6.62 28.69 -9.54
C ALA A 397 6.48 29.72 -10.65
N MET A 398 5.35 30.42 -10.69
CA MET A 398 5.15 31.48 -11.67
C MET A 398 6.17 32.60 -11.49
N VAL A 399 6.41 32.99 -10.24
CA VAL A 399 7.38 34.05 -9.99
C VAL A 399 8.77 33.62 -10.45
N LEU A 400 9.13 32.36 -10.21
CA LEU A 400 10.41 31.85 -10.71
C LEU A 400 10.44 31.86 -12.23
N ALA A 401 9.36 31.40 -12.86
CA ALA A 401 9.32 31.31 -14.31
C ALA A 401 9.43 32.67 -14.96
N ILE A 402 8.96 33.73 -14.28
CA ILE A 402 9.05 35.07 -14.83
C ILE A 402 10.49 35.40 -15.18
N GLY A 403 11.40 35.18 -14.23
CA GLY A 403 12.81 35.31 -14.54
C GLY A 403 13.29 34.23 -15.50
N LEU A 404 12.69 33.04 -15.41
CA LEU A 404 13.14 31.95 -16.26
C LEU A 404 12.68 32.11 -17.71
N LEU A 405 11.42 32.52 -17.92
CA LEU A 405 10.85 32.42 -19.26
C LEU A 405 11.46 33.43 -20.22
N VAL A 406 11.79 34.62 -19.74
CA VAL A 406 12.26 35.68 -20.62
C VAL A 406 13.62 35.41 -21.21
N ASP A 407 14.28 34.31 -20.82
CA ASP A 407 15.66 34.09 -21.23
C ASP A 407 15.77 33.95 -22.75
N ASP A 408 14.87 33.18 -23.37
CA ASP A 408 14.95 32.97 -24.81
C ASP A 408 14.61 34.25 -25.57
N ALA A 409 13.54 34.93 -25.16
CA ALA A 409 13.15 36.17 -25.82
C ALA A 409 14.25 37.22 -25.71
N ILE A 410 14.86 37.31 -24.53
CA ILE A 410 15.95 38.27 -24.33
C ILE A 410 17.10 37.95 -25.26
N VAL A 411 17.45 36.67 -25.39
CA VAL A 411 18.56 36.28 -26.26
C VAL A 411 18.26 36.66 -27.70
N VAL A 412 17.04 36.37 -28.16
CA VAL A 412 16.67 36.71 -29.54
C VAL A 412 16.77 38.21 -29.77
N VAL A 413 16.19 39.00 -28.86
CA VAL A 413 16.19 40.45 -29.04
C VAL A 413 17.61 40.99 -28.99
N GLU A 414 18.43 40.46 -28.08
CA GLU A 414 19.80 40.93 -27.95
C GLU A 414 20.59 40.64 -29.22
N ASN A 415 20.43 39.44 -29.77
CA ASN A 415 21.15 39.09 -30.99
C ASN A 415 20.70 39.97 -32.15
N VAL A 416 19.40 40.23 -32.24
CA VAL A 416 18.90 41.12 -33.29
C VAL A 416 19.50 42.50 -33.15
N GLU A 417 19.54 43.01 -31.91
CA GLU A 417 20.10 44.34 -31.68
C GLU A 417 21.58 44.40 -32.05
N ARG A 418 22.33 43.36 -31.68
CA ARG A 418 23.75 43.35 -32.01
C ARG A 418 23.96 43.32 -33.52
N ILE A 419 23.17 42.50 -34.23
CA ILE A 419 23.31 42.41 -35.67
C ILE A 419 22.97 43.75 -36.32
N MET A 420 21.90 44.38 -35.87
CA MET A 420 21.54 45.70 -36.41
C MET A 420 22.62 46.73 -36.12
N SER A 421 23.22 46.68 -34.93
CA SER A 421 24.24 47.64 -34.58
C SER A 421 25.50 47.45 -35.41
N GLU A 422 25.90 46.21 -35.64
CA GLU A 422 27.17 45.97 -36.33
C GLU A 422 26.98 45.86 -37.84
N GLU A 423 26.18 44.91 -38.30
CA GLU A 423 26.00 44.71 -39.73
C GLU A 423 25.20 45.84 -40.36
N GLY A 424 24.33 46.47 -39.58
CA GLY A 424 23.49 47.52 -40.12
C GLY A 424 22.31 47.02 -40.93
N LEU A 425 21.96 45.74 -40.80
CA LEU A 425 20.87 45.19 -41.58
C LEU A 425 19.53 45.75 -41.12
N THR A 426 18.53 45.62 -41.99
CA THR A 426 17.17 46.04 -41.65
C THR A 426 16.62 45.09 -40.59
N PRO A 427 15.63 45.52 -39.81
CA PRO A 427 15.13 44.65 -38.73
C PRO A 427 14.68 43.28 -39.19
N ARG A 428 14.03 43.17 -40.35
CA ARG A 428 13.53 41.87 -40.79
C ARG A 428 14.68 40.91 -41.07
N GLU A 429 15.65 41.33 -41.88
CA GLU A 429 16.77 40.44 -42.22
C GLU A 429 17.65 40.20 -41.01
N ALA A 430 17.80 41.20 -40.15
CA ALA A 430 18.56 41.01 -38.93
C ALA A 430 17.92 39.95 -38.04
N THR A 431 16.59 40.00 -37.91
CA THR A 431 15.88 38.98 -37.13
C THR A 431 16.03 37.61 -37.77
N ARG A 432 15.96 37.55 -39.11
CA ARG A 432 16.15 36.29 -39.80
C ARG A 432 17.50 35.68 -39.49
N LYS A 433 18.56 36.49 -39.61
CA LYS A 433 19.91 36.02 -39.34
C LYS A 433 20.07 35.61 -37.88
N SER A 434 19.49 36.40 -36.96
CA SER A 434 19.60 36.08 -35.54
C SER A 434 18.94 34.76 -35.21
N MET A 435 17.73 34.53 -35.75
CA MET A 435 17.05 33.27 -35.51
C MET A 435 17.85 32.11 -36.08
N GLY A 436 18.40 32.28 -37.28
CA GLY A 436 19.24 31.24 -37.84
C GLY A 436 20.45 30.94 -36.98
N GLN A 437 21.05 31.98 -36.39
CA GLN A 437 22.25 31.79 -35.59
C GLN A 437 21.94 31.10 -34.27
N ILE A 438 20.88 31.53 -33.58
CA ILE A 438 20.66 31.06 -32.21
C ILE A 438 19.50 30.09 -32.05
N GLN A 439 18.99 29.52 -33.14
CA GLN A 439 17.93 28.53 -33.01
C GLN A 439 18.35 27.38 -32.08
N GLY A 440 19.61 26.98 -32.14
CA GLY A 440 20.10 25.92 -31.28
C GLY A 440 20.12 26.29 -29.80
N ALA A 441 20.61 27.50 -29.50
CA ALA A 441 20.71 27.92 -28.11
C ALA A 441 19.34 28.05 -27.48
N LEU A 442 18.36 28.52 -28.26
CA LEU A 442 16.99 28.64 -27.74
C LEU A 442 16.46 27.29 -27.30
N VAL A 443 16.72 26.25 -28.09
CA VAL A 443 16.27 24.91 -27.73
C VAL A 443 17.04 24.39 -26.53
N GLY A 444 18.35 24.64 -26.50
CA GLY A 444 19.16 24.12 -25.41
C GLY A 444 18.81 24.71 -24.07
N ILE A 445 18.56 26.02 -24.03
CA ILE A 445 18.21 26.69 -22.77
C ILE A 445 16.90 26.13 -22.22
N ALA A 446 15.91 26.00 -23.09
CA ALA A 446 14.63 25.43 -22.66
C ALA A 446 14.80 23.98 -22.22
N MET A 447 15.64 23.22 -22.92
CA MET A 447 15.86 21.83 -22.56
C MET A 447 16.44 21.72 -21.16
N VAL A 448 17.50 22.49 -20.87
CA VAL A 448 18.12 22.38 -19.56
C VAL A 448 17.20 22.93 -18.48
N LEU A 449 16.46 24.00 -18.77
CA LEU A 449 15.59 24.59 -17.76
C LEU A 449 14.33 23.75 -17.53
N SER A 450 14.00 22.83 -18.43
CA SER A 450 12.84 21.97 -18.26
C SER A 450 13.19 20.55 -17.88
N ALA A 451 14.40 20.09 -18.22
CA ALA A 451 14.77 18.72 -17.90
C ALA A 451 15.00 18.53 -16.41
N VAL A 452 15.40 19.60 -15.71
CA VAL A 452 15.63 19.48 -14.26
C VAL A 452 14.32 19.19 -13.55
N PHE A 453 13.22 19.78 -14.00
CA PHE A 453 11.95 19.68 -13.30
C PHE A 453 11.12 18.47 -13.72
N VAL A 454 11.63 17.63 -14.62
CA VAL A 454 10.89 16.45 -15.04
C VAL A 454 10.98 15.34 -14.00
N PRO A 455 12.21 14.91 -13.65
CA PRO A 455 12.23 13.80 -12.70
C PRO A 455 11.51 14.14 -11.40
N MET A 456 11.48 15.41 -11.02
CA MET A 456 10.86 15.79 -9.76
C MET A 456 9.40 15.43 -9.74
N ALA A 457 8.75 15.46 -10.90
CA ALA A 457 7.33 15.18 -10.97
C ALA A 457 6.99 13.75 -10.62
N PHE A 458 7.92 12.84 -10.82
CA PHE A 458 7.64 11.43 -10.59
C PHE A 458 7.72 10.99 -9.13
N PHE A 459 8.25 11.84 -8.27
CA PHE A 459 8.37 11.51 -6.86
C PHE A 459 7.00 11.47 -6.19
N GLY A 460 6.91 10.82 -5.04
CA GLY A 460 5.62 10.68 -4.36
C GLY A 460 5.54 11.34 -3.00
N GLY A 461 4.52 10.99 -2.23
CA GLY A 461 4.33 11.62 -0.93
C GLY A 461 3.98 13.08 -1.05
N THR A 462 3.90 13.76 0.08
CA THR A 462 3.58 15.18 0.06
C THR A 462 4.63 15.92 -0.73
N THR A 463 5.88 15.50 -0.60
CA THR A 463 6.97 16.18 -1.28
C THR A 463 6.80 16.14 -2.78
N GLY A 464 6.47 14.97 -3.31
CA GLY A 464 6.31 14.83 -4.73
C GLY A 464 5.21 15.73 -5.24
N ALA A 465 4.12 15.82 -4.49
CA ALA A 465 3.02 16.67 -4.89
C ALA A 465 3.50 18.10 -5.01
N ILE A 466 4.27 18.56 -4.03
CA ILE A 466 4.80 19.90 -4.08
C ILE A 466 5.66 20.07 -5.31
N TYR A 467 6.54 19.10 -5.56
CA TYR A 467 7.41 19.17 -6.71
C TYR A 467 6.59 19.29 -7.97
N ARG A 468 5.54 18.49 -8.08
CA ARG A 468 4.73 18.48 -9.29
C ARG A 468 4.08 19.82 -9.56
N GLN A 469 3.60 20.47 -8.50
CA GLN A 469 2.97 21.77 -8.66
C GLN A 469 3.95 22.68 -9.36
N PHE A 470 5.20 22.65 -8.93
CA PHE A 470 6.22 23.47 -9.57
C PHE A 470 6.58 22.95 -10.94
N SER A 471 6.76 21.64 -11.06
CA SER A 471 7.18 21.08 -12.34
C SER A 471 6.20 21.41 -13.43
N ILE A 472 4.95 21.01 -13.25
CA ILE A 472 3.95 21.32 -14.24
C ILE A 472 4.05 22.78 -14.57
N THR A 473 4.07 23.63 -13.57
CA THR A 473 4.08 25.05 -13.87
C THR A 473 5.34 25.46 -14.62
N ILE A 474 6.50 25.08 -14.08
CA ILE A 474 7.74 25.57 -14.66
C ILE A 474 8.01 24.94 -16.03
N VAL A 475 7.71 23.66 -16.18
CA VAL A 475 7.91 23.01 -17.47
C VAL A 475 6.97 23.59 -18.53
N ALA A 476 5.70 23.83 -18.16
CA ALA A 476 4.78 24.46 -19.10
C ALA A 476 5.28 25.85 -19.48
N ALA A 477 5.76 26.61 -18.51
CA ALA A 477 6.28 27.93 -18.80
C ALA A 477 7.48 27.86 -19.73
N MET A 478 8.37 26.88 -19.54
CA MET A 478 9.53 26.76 -20.40
C MET A 478 9.13 26.40 -21.83
N VAL A 479 8.21 25.45 -21.99
CA VAL A 479 7.78 25.06 -23.33
C VAL A 479 7.13 26.24 -24.04
N LEU A 480 6.26 26.96 -23.33
CA LEU A 480 5.65 28.15 -23.92
C LEU A 480 6.70 29.21 -24.20
N SER A 481 7.77 29.26 -23.42
CA SER A 481 8.84 30.23 -23.68
C SER A 481 9.53 29.92 -25.00
N VAL A 482 9.83 28.66 -25.26
CA VAL A 482 10.43 28.33 -26.56
C VAL A 482 9.45 28.64 -27.69
N LEU A 483 8.18 28.28 -27.49
CA LEU A 483 7.20 28.52 -28.55
C LEU A 483 7.06 30.00 -28.86
N VAL A 484 7.02 30.84 -27.83
CA VAL A 484 6.92 32.28 -28.04
C VAL A 484 8.20 32.82 -28.66
N ALA A 485 9.36 32.29 -28.23
CA ALA A 485 10.63 32.83 -28.71
C ALA A 485 10.83 32.59 -30.20
N MET A 486 10.24 31.53 -30.75
CA MET A 486 10.40 31.20 -32.16
C MET A 486 9.17 31.57 -32.99
N ILE A 487 8.16 32.17 -32.38
CA ILE A 487 6.96 32.54 -33.11
C ILE A 487 6.66 34.02 -32.93
N LEU A 488 6.47 34.45 -31.68
CA LEU A 488 6.02 35.82 -31.43
C LEU A 488 7.19 36.80 -31.50
N THR A 489 8.24 36.55 -30.71
CA THR A 489 9.36 37.49 -30.68
C THR A 489 10.02 37.72 -32.04
N PRO A 490 10.20 36.72 -32.92
CA PRO A 490 10.75 37.06 -34.24
C PRO A 490 9.89 38.05 -35.00
N ALA A 491 8.56 37.87 -34.96
CA ALA A 491 7.67 38.81 -35.63
C ALA A 491 7.75 40.20 -35.01
N LEU A 492 7.81 40.25 -33.68
CA LEU A 492 7.89 41.54 -33.01
C LEU A 492 9.20 42.26 -33.37
N CYS A 493 10.29 41.51 -33.41
CA CYS A 493 11.57 42.10 -33.79
C CYS A 493 11.55 42.58 -35.23
N ALA A 494 10.92 41.80 -36.12
CA ALA A 494 10.83 42.20 -37.52
C ALA A 494 9.88 43.36 -37.75
N THR A 495 8.97 43.63 -36.83
CA THR A 495 7.98 44.69 -37.01
C THR A 495 8.17 45.84 -36.04
N LEU A 496 8.18 45.58 -34.73
CA LEU A 496 8.22 46.66 -33.75
C LEU A 496 9.54 47.41 -33.81
N LEU A 497 10.64 46.69 -34.00
CA LEU A 497 11.95 47.33 -33.97
C LEU A 497 12.12 48.32 -35.11
N LYS A 498 12.83 49.40 -34.83
CA LYS A 498 13.12 50.42 -35.82
C LYS A 498 14.62 50.51 -36.06
N PRO A 499 15.05 50.93 -37.25
CA PRO A 499 16.49 51.06 -37.51
C PRO A 499 17.08 52.29 -36.84
N LEU A 500 16.31 52.89 -35.92
CA LEU A 500 16.72 54.11 -35.23
C LEU A 500 17.84 53.85 -34.23
N LYS A 501 18.40 52.64 -34.24
CA LYS A 501 19.54 52.35 -33.39
C LYS A 501 20.72 53.25 -33.74
N LYS A 502 20.96 53.45 -35.04
CA LYS A 502 21.95 54.42 -35.49
C LYS A 502 21.39 55.84 -35.49
N GLY A 503 20.09 56.00 -35.25
CA GLY A 503 19.46 57.30 -35.26
C GLY A 503 19.11 57.80 -33.87
N GLU A 504 17.85 57.61 -33.47
CA GLU A 504 17.39 58.09 -32.18
C GLU A 504 18.20 57.51 -31.03
N HIS A 505 18.45 56.19 -31.06
CA HIS A 505 19.20 55.56 -29.99
C HIS A 505 20.64 56.04 -29.96
N HIS A 506 21.26 56.23 -31.12
CA HIS A 506 22.62 56.71 -31.19
C HIS A 506 22.72 58.15 -30.69
N GLY A 507 23.90 58.51 -30.20
CA GLY A 507 24.12 59.83 -29.65
C GLY A 507 23.73 59.99 -28.20
N GLN A 508 23.68 58.90 -27.44
CA GLN A 508 23.34 58.99 -26.02
C GLN A 508 24.43 59.73 -25.26
N LYS A 509 24.02 60.54 -24.29
CA LYS A 509 24.97 61.33 -23.50
C LYS A 509 24.74 61.25 -22.00
N GLY A 510 23.56 60.87 -21.53
CA GLY A 510 23.25 60.88 -20.12
C GLY A 510 23.76 59.66 -19.37
N PHE A 511 22.90 59.13 -18.50
CA PHE A 511 23.28 57.99 -17.68
C PHE A 511 23.60 56.77 -18.53
N PHE A 512 22.81 56.53 -19.58
CA PHE A 512 23.02 55.34 -20.41
C PHE A 512 24.37 55.37 -21.09
N ALA A 513 24.85 56.57 -21.46
CA ALA A 513 26.19 56.66 -22.05
C ALA A 513 27.25 56.20 -21.06
N TRP A 514 27.15 56.65 -19.82
CA TRP A 514 28.09 56.22 -18.79
C TRP A 514 28.01 54.72 -18.58
N PHE A 515 26.79 54.18 -18.56
CA PHE A 515 26.61 52.75 -18.36
C PHE A 515 27.24 51.96 -19.50
N ASN A 516 27.05 52.42 -20.74
CA ASN A 516 27.62 51.72 -21.89
C ASN A 516 29.14 51.77 -21.86
N GLN A 517 29.71 52.93 -21.51
CA GLN A 517 31.16 53.02 -21.42
C GLN A 517 31.70 52.08 -20.35
N MET A 518 31.07 52.08 -19.17
CA MET A 518 31.51 51.20 -18.09
C MET A 518 31.41 49.74 -18.50
N PHE A 519 30.31 49.38 -19.16
CA PHE A 519 30.12 48.00 -19.59
C PHE A 519 31.16 47.59 -20.60
N ASN A 520 31.48 48.48 -21.55
CA ASN A 520 32.48 48.15 -22.57
C ASN A 520 33.86 47.95 -21.94
N ARG A 521 34.23 48.85 -21.03
CA ARG A 521 35.52 48.72 -20.37
C ARG A 521 35.59 47.45 -19.54
N ASN A 522 34.50 47.15 -18.81
CA ASN A 522 34.48 45.94 -18.00
C ASN A 522 34.48 44.69 -18.88
N ALA A 523 33.87 44.74 -20.05
CA ALA A 523 33.88 43.60 -20.95
C ALA A 523 35.29 43.36 -21.49
N GLU A 524 35.99 44.42 -21.85
CA GLU A 524 37.38 44.26 -22.29
C GLU A 524 38.23 43.68 -21.18
N ARG A 525 38.07 44.19 -19.95
CA ARG A 525 38.80 43.65 -18.81
C ARG A 525 38.45 42.18 -18.59
N TYR A 526 37.17 41.83 -18.73
CA TYR A 526 36.72 40.46 -18.54
C TYR A 526 37.35 39.52 -19.56
N GLU A 527 37.37 39.94 -20.83
CA GLU A 527 37.96 39.11 -21.87
C GLU A 527 39.45 38.91 -21.62
N LYS A 528 40.14 39.98 -21.24
CA LYS A 528 41.57 39.87 -20.92
C LYS A 528 41.80 38.92 -19.76
N GLY A 529 40.96 39.04 -18.73
CA GLY A 529 41.10 38.14 -17.59
C GLY A 529 40.81 36.70 -17.93
N VAL A 530 39.84 36.48 -18.81
CA VAL A 530 39.53 35.12 -19.25
C VAL A 530 40.71 34.52 -19.98
N ALA A 531 41.35 35.31 -20.85
CA ALA A 531 42.55 34.82 -21.53
C ALA A 531 43.64 34.49 -20.53
N LYS A 532 43.86 35.36 -19.54
CA LYS A 532 44.88 35.11 -18.53
C LYS A 532 44.59 33.82 -17.77
N ILE A 533 43.33 33.63 -17.37
CA ILE A 533 42.97 32.42 -16.62
C ILE A 533 43.13 31.19 -17.48
N LEU A 534 42.84 31.30 -18.78
CA LEU A 534 43.12 30.21 -19.70
C LEU A 534 44.60 29.87 -19.70
N HIS A 535 45.47 30.87 -19.61
CA HIS A 535 46.89 30.59 -19.52
C HIS A 535 47.26 29.94 -18.18
N ARG A 536 46.65 30.39 -17.08
CA ARG A 536 46.94 29.86 -15.75
C ARG A 536 45.85 28.86 -15.33
N SER A 537 45.93 27.66 -15.87
CA SER A 537 44.89 26.67 -15.64
C SER A 537 44.95 26.08 -14.24
N LEU A 538 46.15 25.73 -13.77
CA LEU A 538 46.28 24.92 -12.57
C LEU A 538 45.74 25.63 -11.33
N ARG A 539 46.03 26.92 -11.20
CA ARG A 539 45.58 27.67 -10.04
C ARG A 539 44.07 27.65 -9.93
N TRP A 540 43.38 27.88 -11.05
CA TRP A 540 41.93 27.93 -11.00
C TRP A 540 41.32 26.53 -10.93
N ILE A 541 42.03 25.51 -11.39
CA ILE A 541 41.57 24.14 -11.12
C ILE A 541 41.59 23.88 -9.62
N VAL A 542 42.66 24.31 -8.95
CA VAL A 542 42.74 24.16 -7.50
C VAL A 542 41.61 24.95 -6.83
N ILE A 543 41.34 26.15 -7.33
CA ILE A 543 40.25 26.95 -6.79
C ILE A 543 38.91 26.22 -6.95
N TYR A 544 38.71 25.58 -8.11
CA TYR A 544 37.47 24.85 -8.34
C TYR A 544 37.35 23.66 -7.40
N VAL A 545 38.45 22.95 -7.15
CA VAL A 545 38.41 21.84 -6.21
C VAL A 545 38.07 22.35 -4.81
N LEU A 546 38.65 23.49 -4.43
CA LEU A 546 38.31 24.09 -3.14
C LEU A 546 36.84 24.46 -3.08
N LEU A 547 36.29 24.96 -4.19
CA LEU A 547 34.86 25.28 -4.22
C LEU A 547 34.02 24.03 -4.06
N LEU A 548 34.44 22.92 -4.67
CA LEU A 548 33.73 21.66 -4.47
C LEU A 548 33.74 21.25 -3.00
N GLY A 549 34.91 21.34 -2.37
CA GLY A 549 34.99 21.01 -0.96
C GLY A 549 34.12 21.90 -0.09
N GLY A 550 34.14 23.19 -0.37
CA GLY A 550 33.29 24.11 0.37
C GLY A 550 31.82 23.85 0.16
N MET A 551 31.44 23.47 -1.06
CA MET A 551 30.05 23.12 -1.33
C MET A 551 29.63 21.91 -0.51
N VAL A 552 30.48 20.88 -0.47
CA VAL A 552 30.16 19.69 0.31
C VAL A 552 30.05 20.05 1.79
N PHE A 553 30.98 20.86 2.28
CA PHE A 553 30.97 21.24 3.69
C PHE A 553 29.71 22.02 4.04
N LEU A 554 29.33 22.97 3.19
CA LEU A 554 28.12 23.76 3.45
C LEU A 554 26.88 22.89 3.41
N PHE A 555 26.81 21.97 2.45
CA PHE A 555 25.63 21.11 2.35
C PHE A 555 25.50 20.23 3.58
N LEU A 556 26.62 19.71 4.08
CA LEU A 556 26.56 18.88 5.28
C LEU A 556 26.20 19.71 6.50
N ARG A 557 26.73 20.93 6.59
CA ARG A 557 26.52 21.75 7.79
C ARG A 557 25.10 22.30 7.85
N LEU A 558 24.48 22.53 6.69
CA LEU A 558 23.19 23.20 6.65
C LEU A 558 22.12 22.34 7.32
N PRO A 559 21.32 22.88 8.23
CA PRO A 559 20.25 22.10 8.85
C PRO A 559 19.08 21.91 7.89
N THR A 560 18.21 20.98 8.24
CA THR A 560 17.11 20.56 7.37
C THR A 560 15.77 20.79 8.05
N SER A 561 14.75 20.98 7.24
CA SER A 561 13.38 21.16 7.70
C SER A 561 12.45 20.70 6.58
N PHE A 562 11.14 20.81 6.81
CA PHE A 562 10.18 20.46 5.76
C PHE A 562 9.59 21.70 5.10
N LEU A 563 8.92 22.55 5.88
CA LEU A 563 8.33 23.77 5.39
C LEU A 563 8.50 24.87 6.42
N PRO A 564 8.65 26.13 5.97
CA PRO A 564 8.80 27.22 6.93
C PRO A 564 7.47 27.56 7.59
N LEU A 565 7.53 27.82 8.90
CA LEU A 565 6.34 28.28 9.59
C LEU A 565 6.01 29.71 9.18
N GLU A 566 4.71 30.00 9.09
CA GLU A 566 4.24 31.30 8.64
C GLU A 566 3.45 31.97 9.75
N ASP A 567 3.61 33.29 9.84
CA ASP A 567 2.82 34.09 10.77
C ASP A 567 1.41 34.19 10.19
N ARG A 568 0.53 33.28 10.62
CA ARG A 568 -0.82 33.21 10.11
C ARG A 568 -1.79 34.07 10.90
N GLY A 569 -1.29 34.84 11.87
CA GLY A 569 -2.16 35.69 12.66
C GLY A 569 -2.97 34.96 13.70
N MET A 570 -2.76 33.65 13.84
CA MET A 570 -3.45 32.85 14.83
C MET A 570 -2.46 31.95 15.54
N PHE A 571 -2.82 31.56 16.76
CA PHE A 571 -2.13 30.50 17.46
C PHE A 571 -3.03 30.04 18.59
N THR A 572 -2.70 28.88 19.14
CA THR A 572 -3.53 28.23 20.15
C THR A 572 -2.69 27.94 21.38
N THR A 573 -3.26 28.20 22.56
CA THR A 573 -2.66 27.76 23.80
C THR A 573 -3.50 26.64 24.40
N SER A 574 -2.83 25.66 24.98
CA SER A 574 -3.47 24.48 25.54
C SER A 574 -3.18 24.41 27.03
N VAL A 575 -4.21 24.14 27.82
CA VAL A 575 -4.11 24.04 29.27
C VAL A 575 -4.41 22.61 29.66
N GLN A 576 -3.57 22.04 30.52
CA GLN A 576 -3.77 20.67 31.02
C GLN A 576 -3.41 20.65 32.50
N LEU A 577 -4.42 20.79 33.35
CA LEU A 577 -4.22 20.68 34.78
C LEU A 577 -3.93 19.23 35.15
N PRO A 578 -3.41 18.98 36.35
CA PRO A 578 -3.18 17.59 36.78
C PRO A 578 -4.49 16.80 36.77
N SER A 579 -4.35 15.51 36.47
CA SER A 579 -5.51 14.64 36.33
C SER A 579 -6.36 14.66 37.58
N GLY A 580 -7.67 14.68 37.40
CA GLY A 580 -8.60 14.80 38.50
C GLY A 580 -8.98 16.21 38.86
N SER A 581 -8.38 17.21 38.22
CA SER A 581 -8.72 18.60 38.50
C SER A 581 -10.13 18.91 37.99
N THR A 582 -10.87 19.69 38.78
CA THR A 582 -12.23 20.03 38.43
C THR A 582 -12.27 21.10 37.36
N GLN A 583 -13.48 21.38 36.88
CA GLN A 583 -13.65 22.39 35.84
C GLN A 583 -13.35 23.78 36.35
N GLN A 584 -13.67 24.06 37.62
CA GLN A 584 -13.49 25.41 38.14
C GLN A 584 -12.02 25.78 38.21
N GLN A 585 -11.16 24.82 38.59
CA GLN A 585 -9.73 25.10 38.64
C GLN A 585 -9.18 25.37 37.24
N THR A 586 -9.63 24.60 36.26
CA THR A 586 -9.24 24.86 34.87
C THR A 586 -9.69 26.24 34.43
N LEU A 587 -10.91 26.64 34.83
CA LEU A 587 -11.39 27.96 34.49
C LEU A 587 -10.55 29.05 35.14
N LYS A 588 -10.09 28.80 36.37
CA LYS A 588 -9.22 29.76 37.04
C LYS A 588 -7.91 29.93 36.29
N VAL A 589 -7.31 28.83 35.86
CA VAL A 589 -6.07 28.92 35.09
C VAL A 589 -6.32 29.61 33.76
N VAL A 590 -7.47 29.34 33.14
CA VAL A 590 -7.83 30.00 31.89
C VAL A 590 -7.96 31.50 32.11
N GLU A 591 -8.57 31.90 33.22
CA GLU A 591 -8.69 33.32 33.54
C GLU A 591 -7.31 33.95 33.71
N GLN A 592 -6.39 33.24 34.37
CA GLN A 592 -5.04 33.76 34.53
C GLN A 592 -4.37 33.99 33.18
N ILE A 593 -4.50 33.02 32.28
CA ILE A 593 -3.91 33.15 30.94
C ILE A 593 -4.57 34.30 30.18
N GLU A 594 -5.89 34.41 30.28
CA GLU A 594 -6.61 35.47 29.58
C GLU A 594 -6.20 36.84 30.09
N LYS A 595 -5.99 36.96 31.39
CA LYS A 595 -5.48 38.21 31.95
C LYS A 595 -4.08 38.50 31.43
N TYR A 596 -3.23 37.48 31.35
CA TYR A 596 -1.91 37.68 30.77
C TYR A 596 -2.00 38.23 29.35
N TYR A 597 -2.86 37.63 28.53
CA TYR A 597 -3.01 38.08 27.15
C TYR A 597 -3.56 39.50 27.09
N PHE A 598 -4.53 39.80 27.93
CA PHE A 598 -5.15 41.13 27.89
C PHE A 598 -4.19 42.22 28.36
N THR A 599 -3.28 41.90 29.28
CA THR A 599 -2.41 42.94 29.80
C THR A 599 -1.06 43.00 29.10
N HIS A 600 -0.31 41.90 29.13
CA HIS A 600 1.05 41.93 28.60
C HIS A 600 1.09 42.07 27.09
N GLU A 601 0.18 41.40 26.39
CA GLU A 601 0.19 41.39 24.93
C GLU A 601 -1.16 41.90 24.43
N LYS A 602 -1.32 43.22 24.41
CA LYS A 602 -2.59 43.86 24.11
C LYS A 602 -2.62 44.52 22.73
N ASP A 603 -1.52 45.12 22.31
CA ASP A 603 -1.48 45.79 21.02
C ASP A 603 -1.47 44.83 19.85
N ASN A 604 -1.34 43.52 20.10
CA ASN A 604 -1.24 42.54 19.04
C ASN A 604 -2.36 41.51 19.01
N ILE A 605 -3.23 41.48 20.01
CA ILE A 605 -4.24 40.43 20.13
C ILE A 605 -5.60 41.02 19.82
N MET A 606 -6.30 40.42 18.84
CA MET A 606 -7.64 40.88 18.50
C MET A 606 -8.66 40.32 19.49
N SER A 607 -8.64 39.00 19.71
CA SER A 607 -9.57 38.37 20.64
C SER A 607 -9.00 37.04 21.08
N VAL A 608 -9.48 36.57 22.23
CA VAL A 608 -9.11 35.26 22.76
C VAL A 608 -10.40 34.50 23.05
N PHE A 609 -10.48 33.27 22.57
CA PHE A 609 -11.66 32.42 22.76
C PHE A 609 -11.23 31.14 23.46
N ALA A 610 -11.79 30.88 24.63
CA ALA A 610 -11.39 29.75 25.45
C ALA A 610 -12.53 28.75 25.56
N THR A 611 -12.19 27.49 25.77
CA THR A 611 -13.17 26.41 25.88
C THR A 611 -12.66 25.42 26.92
N VAL A 612 -13.22 25.48 28.13
CA VAL A 612 -12.89 24.51 29.16
C VAL A 612 -13.58 23.19 28.85
N GLY A 613 -12.84 22.10 28.94
CA GLY A 613 -13.36 20.79 28.65
C GLY A 613 -12.94 20.21 27.31
N SER A 614 -12.37 21.04 26.44
CA SER A 614 -11.90 20.60 25.14
C SER A 614 -10.39 20.76 25.05
N GLY A 615 -9.72 19.79 24.47
CA GLY A 615 -8.29 19.82 24.33
C GLY A 615 -7.78 19.01 23.15
N PRO A 616 -6.54 19.26 22.75
CA PRO A 616 -5.98 18.50 21.63
C PRO A 616 -5.80 17.03 21.95
N GLY A 617 -5.21 16.72 23.11
CA GLY A 617 -5.03 15.34 23.49
C GLY A 617 -6.34 14.62 23.78
N GLY A 618 -7.22 15.27 24.53
CA GLY A 618 -8.48 14.66 24.89
C GLY A 618 -9.36 15.67 25.59
N ASN A 619 -10.58 15.23 25.90
CA ASN A 619 -11.57 16.07 26.55
C ASN A 619 -11.72 15.68 28.01
N GLY A 620 -11.76 16.67 28.88
CA GLY A 620 -11.93 16.44 30.28
C GLY A 620 -11.98 17.77 31.01
N GLN A 621 -12.44 17.72 32.26
CA GLN A 621 -12.55 18.93 33.05
C GLN A 621 -11.21 19.58 33.31
N ASN A 622 -10.12 18.82 33.24
CA ASN A 622 -8.79 19.36 33.52
C ASN A 622 -8.10 19.90 32.28
N VAL A 623 -8.76 19.89 31.13
CA VAL A 623 -8.15 20.31 29.88
C VAL A 623 -8.97 21.44 29.28
N ALA A 624 -8.31 22.50 28.84
CA ALA A 624 -8.97 23.60 28.16
C ALA A 624 -8.13 24.03 26.97
N ARG A 625 -8.80 24.38 25.88
CA ARG A 625 -8.15 24.84 24.66
C ARG A 625 -8.63 26.26 24.36
N MET A 626 -7.68 27.15 24.06
CA MET A 626 -7.96 28.57 23.92
C MET A 626 -7.45 29.05 22.57
N PHE A 627 -8.33 29.67 21.79
CA PHE A 627 -7.96 30.20 20.49
C PHE A 627 -7.64 31.68 20.61
N ILE A 628 -6.47 32.07 20.10
CA ILE A 628 -6.04 33.47 20.09
C ILE A 628 -5.95 33.93 18.64
N ARG A 629 -6.62 35.04 18.34
CA ARG A 629 -6.58 35.64 17.02
C ARG A 629 -5.85 36.97 17.13
N LEU A 630 -4.78 37.13 16.36
CA LEU A 630 -4.01 38.35 16.39
C LEU A 630 -4.60 39.39 15.46
N LYS A 631 -4.15 40.64 15.63
CA LYS A 631 -4.57 41.70 14.74
C LYS A 631 -3.94 41.52 13.36
N ASP A 632 -4.32 42.38 12.42
CA ASP A 632 -3.83 42.28 11.06
C ASP A 632 -2.32 42.48 11.03
N TRP A 633 -1.68 41.91 10.01
CA TRP A 633 -0.24 42.01 9.88
C TRP A 633 0.21 43.46 9.79
N SER A 634 -0.58 44.30 9.13
CA SER A 634 -0.24 45.72 9.02
C SER A 634 -0.21 46.39 10.39
N GLU A 635 -1.18 46.05 11.24
CA GLU A 635 -1.24 46.67 12.57
C GLU A 635 -0.09 46.20 13.44
N ARG A 636 0.18 44.89 13.45
CA ARG A 636 1.18 44.34 14.34
C ARG A 636 2.58 44.76 13.93
N ASP A 637 3.46 44.87 14.92
CA ASP A 637 4.85 45.22 14.67
C ASP A 637 5.53 44.13 13.86
N SER A 638 6.45 44.53 12.99
CA SER A 638 7.17 43.56 12.17
C SER A 638 8.27 42.84 12.94
N LYS A 639 8.70 43.39 14.08
CA LYS A 639 9.79 42.81 14.85
C LYS A 639 9.33 42.11 16.12
N THR A 640 8.59 42.82 16.97
CA THR A 640 8.10 42.26 18.23
C THR A 640 6.65 41.82 18.16
N GLY A 641 5.94 42.15 17.08
CA GLY A 641 4.56 41.73 16.90
C GLY A 641 4.38 40.49 16.05
N THR A 642 5.45 39.86 15.59
CA THR A 642 5.33 38.62 14.84
C THR A 642 4.79 37.52 15.74
N SER A 643 4.04 36.60 15.15
CA SER A 643 3.45 35.50 15.93
C SER A 643 4.52 34.75 16.71
N PHE A 644 5.68 34.53 16.09
CA PHE A 644 6.73 33.76 16.75
C PHE A 644 7.28 34.49 17.97
N ALA A 645 7.48 35.80 17.87
CA ALA A 645 8.05 36.54 18.99
C ALA A 645 7.10 36.54 20.18
N ILE A 646 5.81 36.80 19.94
CA ILE A 646 4.85 36.85 21.03
C ILE A 646 4.64 35.45 21.60
N ILE A 647 4.74 34.43 20.76
CA ILE A 647 4.60 33.06 21.25
C ILE A 647 5.80 32.68 22.12
N GLU A 648 6.99 33.16 21.77
CA GLU A 648 8.16 32.88 22.60
C GLU A 648 8.05 33.59 23.94
N ARG A 649 7.58 34.85 23.93
CA ARG A 649 7.38 35.55 25.18
C ARG A 649 6.33 34.84 26.04
N ALA A 650 5.26 34.36 25.41
CA ALA A 650 4.24 33.62 26.16
C ALA A 650 4.83 32.35 26.77
N THR A 651 5.62 31.61 26.00
CA THR A 651 6.20 30.38 26.53
C THR A 651 7.15 30.68 27.68
N LYS A 652 7.88 31.80 27.61
CA LYS A 652 8.67 32.21 28.75
C LYS A 652 7.78 32.48 29.96
N ALA A 653 6.66 33.16 29.74
CA ALA A 653 5.75 33.45 30.84
C ALA A 653 4.98 32.21 31.27
N PHE A 654 4.52 31.42 30.31
CA PHE A 654 3.67 30.27 30.63
C PHE A 654 4.45 29.18 31.37
N ASN A 655 5.75 29.03 31.04
CA ASN A 655 6.55 28.01 31.69
C ASN A 655 6.68 28.24 33.18
N GLN A 656 6.48 29.47 33.65
CA GLN A 656 6.57 29.75 35.07
C GLN A 656 5.34 29.23 35.82
N ILE A 657 4.21 29.12 35.13
CA ILE A 657 2.99 28.61 35.74
C ILE A 657 3.19 27.15 36.12
N LYS A 658 3.09 26.85 37.41
CA LYS A 658 3.30 25.50 37.92
C LYS A 658 2.01 24.82 38.33
N GLU A 659 0.87 25.53 38.30
CA GLU A 659 -0.40 24.89 38.59
C GLU A 659 -0.77 23.89 37.50
N ALA A 660 -0.44 24.20 36.25
CA ALA A 660 -0.83 23.37 35.12
C ALA A 660 0.26 23.44 34.07
N ARG A 661 0.11 22.62 33.03
CA ARG A 661 1.00 22.63 31.87
C ARG A 661 0.32 23.42 30.77
N VAL A 662 0.83 24.60 30.47
CA VAL A 662 0.24 25.50 29.49
C VAL A 662 1.24 25.70 28.36
N ILE A 663 0.81 25.39 27.14
CA ILE A 663 1.68 25.41 25.96
C ILE A 663 1.00 26.23 24.88
N ALA A 664 1.71 27.21 24.34
CA ALA A 664 1.20 28.03 23.25
C ALA A 664 1.83 27.56 21.94
N SER A 665 1.00 27.08 21.02
CA SER A 665 1.49 26.45 19.80
C SER A 665 0.86 27.10 18.58
N SER A 666 1.67 27.32 17.56
CA SER A 666 1.21 27.87 16.29
C SER A 666 0.55 26.78 15.44
N PRO A 667 -0.28 27.17 14.49
CA PRO A 667 -0.97 26.18 13.65
C PRO A 667 0.02 25.41 12.79
N PRO A 668 -0.31 24.19 12.39
CA PRO A 668 0.60 23.41 11.56
C PRO A 668 0.77 24.00 10.18
N ALA A 669 1.89 23.66 9.55
CA ALA A 669 2.19 24.17 8.21
C ALA A 669 1.11 23.75 7.21
N ILE A 670 0.72 22.48 7.24
CA ILE A 670 -0.33 21.95 6.39
C ILE A 670 -1.46 21.47 7.27
N SER A 671 -2.69 21.85 6.92
CA SER A 671 -3.83 21.65 7.81
C SER A 671 -4.06 20.19 8.15
N GLY A 672 -4.04 19.32 7.14
CA GLY A 672 -4.36 17.93 7.37
C GLY A 672 -3.20 17.08 7.86
N LEU A 673 -1.98 17.59 7.79
CA LEU A 673 -0.81 16.77 8.12
C LEU A 673 -0.78 16.43 9.61
N GLY A 674 -0.91 17.44 10.47
CA GLY A 674 -0.76 17.22 11.89
C GLY A 674 -1.62 18.17 12.68
N SER A 675 -1.65 17.95 14.00
CA SER A 675 -2.46 18.79 14.87
C SER A 675 -1.82 20.17 15.07
N SER A 676 -0.50 20.21 15.25
CA SER A 676 0.18 21.47 15.55
C SER A 676 1.57 21.46 14.91
N ALA A 677 2.21 22.62 14.94
CA ALA A 677 3.52 22.78 14.33
C ALA A 677 4.58 22.05 15.13
N GLY A 678 5.75 21.89 14.51
CA GLY A 678 6.85 21.19 15.11
C GLY A 678 6.94 19.75 14.65
N PHE A 679 7.62 18.94 15.46
CA PHE A 679 7.74 17.52 15.17
C PHE A 679 6.63 16.75 15.87
N ASP A 680 6.41 15.52 15.41
CA ASP A 680 5.35 14.67 15.93
C ASP A 680 5.85 13.22 15.91
N MET A 681 6.03 12.64 17.09
CA MET A 681 6.52 11.27 17.19
C MET A 681 5.61 10.46 18.10
N GLU A 682 5.80 9.13 18.06
CA GLU A 682 4.99 8.19 18.81
C GLU A 682 5.93 7.27 19.60
N LEU A 683 6.18 7.61 20.85
CA LEU A 683 6.95 6.72 21.71
C LEU A 683 6.16 5.46 21.99
N GLN A 684 6.64 4.31 21.54
CA GLN A 684 5.89 3.07 21.62
C GLN A 684 6.74 1.95 22.17
N ASP A 685 6.08 0.95 22.76
CA ASP A 685 6.75 -0.25 23.26
C ASP A 685 6.99 -1.20 22.11
N HIS A 686 8.18 -1.11 21.52
CA HIS A 686 8.53 -2.01 20.43
C HIS A 686 8.46 -3.47 20.85
N ALA A 687 8.59 -3.74 22.13
CA ALA A 687 8.40 -5.08 22.66
C ALA A 687 8.15 -4.96 24.15
N GLY A 688 7.98 -6.10 24.80
CA GLY A 688 7.60 -6.03 26.19
C GLY A 688 6.18 -5.51 26.33
N ALA A 689 5.89 -4.98 27.51
CA ALA A 689 4.55 -4.47 27.79
C ALA A 689 4.64 -3.60 29.03
N GLY A 690 3.47 -3.23 29.55
CA GLY A 690 3.40 -2.41 30.74
C GLY A 690 3.00 -0.98 30.42
N HIS A 691 1.72 -0.67 30.62
CA HIS A 691 1.28 0.71 30.45
C HIS A 691 1.97 1.63 31.44
N ASP A 692 2.14 1.16 32.68
CA ASP A 692 2.87 1.95 33.67
C ASP A 692 4.31 2.16 33.24
N ALA A 693 4.94 1.15 32.66
CA ALA A 693 6.29 1.31 32.12
C ALA A 693 6.31 2.35 31.03
N LEU A 694 5.29 2.34 30.15
CA LEU A 694 5.22 3.32 29.08
C LEU A 694 5.08 4.73 29.65
N MET A 695 4.24 4.89 30.67
CA MET A 695 4.06 6.22 31.26
C MET A 695 5.34 6.69 31.95
N ALA A 696 6.05 5.78 32.62
CA ALA A 696 7.32 6.16 33.23
C ALA A 696 8.34 6.57 32.17
N ALA A 697 8.40 5.84 31.06
CA ALA A 697 9.30 6.21 29.97
C ALA A 697 8.90 7.56 29.38
N ARG A 698 7.61 7.81 29.26
CA ARG A 698 7.14 9.11 28.77
C ARG A 698 7.57 10.23 29.70
N ASN A 699 7.44 10.01 31.01
CA ASN A 699 7.87 11.03 31.96
C ASN A 699 9.37 11.28 31.86
N GLN A 700 10.16 10.23 31.71
CA GLN A 700 11.59 10.39 31.54
C GLN A 700 11.91 11.19 30.29
N LEU A 701 11.22 10.89 29.19
CA LEU A 701 11.46 11.59 27.94
C LEU A 701 11.10 13.06 28.06
N LEU A 702 9.98 13.36 28.72
CA LEU A 702 9.58 14.75 28.90
C LEU A 702 10.58 15.50 29.76
N ALA A 703 11.09 14.86 30.82
CA ALA A 703 12.10 15.50 31.65
C ALA A 703 13.37 15.77 30.85
N LEU A 704 13.83 14.79 30.07
CA LEU A 704 15.04 14.98 29.27
C LEU A 704 14.85 16.08 28.25
N ALA A 705 13.69 16.14 27.61
CA ALA A 705 13.41 17.18 26.63
C ALA A 705 13.38 18.55 27.30
N ALA A 706 12.79 18.64 28.49
CA ALA A 706 12.77 19.90 29.21
C ALA A 706 14.19 20.34 29.57
N GLU A 707 15.07 19.38 29.85
CA GLU A 707 16.46 19.73 30.14
C GLU A 707 17.14 20.36 28.93
N ASN A 708 16.88 19.84 27.73
CA ASN A 708 17.58 20.32 26.54
C ASN A 708 17.22 21.77 26.25
N PRO A 709 18.19 22.61 25.87
CA PRO A 709 17.88 23.97 25.42
C PRO A 709 17.51 24.07 23.96
N GLU A 710 17.65 22.99 23.19
CA GLU A 710 17.29 22.99 21.78
C GLU A 710 15.83 22.66 21.53
N LEU A 711 15.11 22.18 22.55
CA LEU A 711 13.72 21.79 22.42
C LEU A 711 12.86 22.67 23.31
N THR A 712 11.72 23.09 22.77
CA THR A 712 10.76 23.89 23.51
C THR A 712 9.36 23.36 23.29
N ARG A 713 8.50 23.56 24.30
CA ARG A 713 7.09 23.19 24.23
C ARG A 713 6.92 21.69 24.00
N VAL A 714 7.82 20.87 24.53
CA VAL A 714 7.70 19.43 24.37
C VAL A 714 6.64 18.91 25.32
N ARG A 715 5.70 18.14 24.80
CA ARG A 715 4.56 17.66 25.55
C ARG A 715 4.05 16.39 24.88
N HIS A 716 3.16 15.69 25.57
CA HIS A 716 2.51 14.52 25.00
C HIS A 716 1.04 14.85 24.76
N ASN A 717 0.56 14.56 23.55
CA ASN A 717 -0.82 14.81 23.18
C ASN A 717 -1.73 13.74 23.76
N GLY A 718 -1.92 13.76 25.07
CA GLY A 718 -2.76 12.76 25.70
C GLY A 718 -3.13 13.18 27.10
N LEU A 719 -3.71 12.23 27.83
CA LEU A 719 -4.18 12.46 29.19
C LEU A 719 -3.40 11.57 30.15
N ASP A 720 -2.92 12.18 31.23
CA ASP A 720 -2.25 11.40 32.26
C ASP A 720 -3.26 10.50 32.98
N ASP A 721 -2.74 9.48 33.66
CA ASP A 721 -3.60 8.59 34.42
C ASP A 721 -4.36 9.35 35.48
N SER A 722 -5.66 9.08 35.56
CA SER A 722 -6.57 9.80 36.43
C SER A 722 -7.04 8.91 37.57
N PRO A 723 -7.31 9.48 38.74
CA PRO A 723 -7.91 8.69 39.81
C PRO A 723 -9.27 8.15 39.40
N GLN A 724 -9.54 6.91 39.80
CA GLN A 724 -10.80 6.26 39.50
C GLN A 724 -11.37 5.66 40.77
N LEU A 725 -12.65 5.94 41.04
CA LEU A 725 -13.31 5.46 42.24
C LEU A 725 -14.02 4.15 41.90
N GLN A 726 -13.39 3.03 42.22
CA GLN A 726 -13.96 1.72 41.94
C GLN A 726 -14.77 1.28 43.15
N ILE A 727 -16.05 1.00 42.93
CA ILE A 727 -16.93 0.52 43.99
C ILE A 727 -16.90 -0.99 44.03
N ASP A 728 -16.74 -1.56 45.22
CA ASP A 728 -16.75 -3.00 45.44
C ASP A 728 -18.05 -3.39 46.11
N ILE A 729 -18.73 -4.38 45.54
CA ILE A 729 -20.04 -4.81 46.01
C ILE A 729 -19.94 -6.26 46.45
N ASP A 730 -20.38 -6.53 47.68
CA ASP A 730 -20.43 -7.90 48.21
C ASP A 730 -21.69 -8.55 47.67
N GLN A 731 -21.52 -9.38 46.65
CA GLN A 731 -22.67 -10.07 46.07
C GLN A 731 -23.34 -10.98 47.09
N ARG A 732 -22.56 -11.55 48.00
CA ARG A 732 -23.14 -12.40 49.04
C ARG A 732 -24.10 -11.59 49.91
N LYS A 733 -23.65 -10.41 50.36
CA LYS A 733 -24.53 -9.56 51.16
C LYS A 733 -25.69 -9.04 50.31
N ALA A 734 -25.43 -8.72 49.05
CA ALA A 734 -26.48 -8.19 48.19
C ALA A 734 -27.61 -9.19 48.01
N GLN A 735 -27.27 -10.46 47.78
CA GLN A 735 -28.30 -11.47 47.63
C GLN A 735 -28.88 -11.87 48.97
N ALA A 736 -28.11 -11.74 50.05
CA ALA A 736 -28.63 -12.04 51.38
C ALA A 736 -29.75 -11.09 51.75
N LEU A 737 -29.62 -9.83 51.35
CA LEU A 737 -30.66 -8.83 51.56
C LEU A 737 -31.68 -8.82 50.46
N GLY A 738 -31.57 -9.76 49.52
CA GLY A 738 -32.53 -9.87 48.44
C GLY A 738 -32.53 -8.67 47.52
N VAL A 739 -31.35 -8.21 47.14
CA VAL A 739 -31.19 -7.04 46.28
C VAL A 739 -30.53 -7.49 44.98
N ALA A 740 -31.17 -7.16 43.86
CA ALA A 740 -30.65 -7.52 42.55
C ALA A 740 -29.47 -6.64 42.18
N ILE A 741 -28.50 -7.22 41.47
CA ILE A 741 -27.36 -6.43 41.00
C ILE A 741 -27.81 -5.40 39.98
N ASP A 742 -28.81 -5.74 39.17
CA ASP A 742 -29.30 -4.79 38.16
C ASP A 742 -29.82 -3.52 38.81
N ASP A 743 -30.54 -3.66 39.92
CA ASP A 743 -31.09 -2.49 40.61
C ASP A 743 -29.98 -1.61 41.17
N ILE A 744 -28.95 -2.23 41.76
CA ILE A 744 -27.87 -1.44 42.35
C ILE A 744 -26.99 -0.82 41.28
N ASN A 745 -26.95 -1.41 40.08
CA ASN A 745 -26.27 -0.74 38.98
C ASN A 745 -27.10 0.41 38.45
N ASP A 746 -28.42 0.23 38.36
CA ASP A 746 -29.28 1.27 37.82
C ASP A 746 -29.32 2.48 38.75
N THR A 747 -29.39 2.25 40.05
CA THR A 747 -29.38 3.37 41.00
C THR A 747 -28.07 4.13 40.92
N LEU A 748 -26.96 3.41 40.82
CA LEU A 748 -25.66 4.06 40.70
C LEU A 748 -25.57 4.88 39.43
N GLN A 749 -26.07 4.34 38.31
CA GLN A 749 -26.03 5.07 37.06
C GLN A 749 -26.91 6.30 37.10
N THR A 750 -28.11 6.18 37.69
CA THR A 750 -29.01 7.32 37.77
C THR A 750 -28.44 8.42 38.67
N ALA A 751 -27.83 8.04 39.79
CA ALA A 751 -27.32 9.04 40.73
C ALA A 751 -26.02 9.66 40.22
N TRP A 752 -24.98 8.84 40.07
CA TRP A 752 -23.68 9.37 39.70
C TRP A 752 -23.62 9.75 38.23
N GLY A 753 -24.16 8.90 37.36
CA GLY A 753 -24.11 9.18 35.94
C GLY A 753 -25.29 10.03 35.52
N SER A 754 -26.13 9.51 34.64
CA SER A 754 -27.35 10.20 34.25
C SER A 754 -28.30 9.19 33.65
N SER A 755 -29.58 9.54 33.64
CA SER A 755 -30.62 8.63 33.17
C SER A 755 -31.47 9.34 32.14
N TYR A 756 -31.49 8.81 30.92
CA TYR A 756 -32.31 9.33 29.83
C TYR A 756 -33.70 8.70 29.97
N VAL A 757 -34.54 9.34 30.77
CA VAL A 757 -35.83 8.76 31.11
C VAL A 757 -36.79 8.81 29.91
N ASN A 758 -36.95 9.99 29.33
CA ASN A 758 -37.86 10.19 28.19
C ASN A 758 -37.53 11.52 27.54
N ASP A 759 -38.37 11.94 26.59
CA ASP A 759 -38.19 13.18 25.87
C ASP A 759 -39.28 14.17 26.26
N PHE A 760 -39.05 15.43 25.92
CA PHE A 760 -40.05 16.48 26.07
C PHE A 760 -39.88 17.47 24.92
N MET A 761 -40.97 18.17 24.61
CA MET A 761 -41.01 19.09 23.48
C MET A 761 -40.95 20.53 23.97
N ASP A 762 -39.98 21.28 23.46
CA ASP A 762 -39.81 22.69 23.80
C ASP A 762 -39.76 23.50 22.52
N ARG A 763 -40.67 24.48 22.40
CA ARG A 763 -40.71 25.38 21.26
C ARG A 763 -40.76 24.61 19.94
N GLY A 764 -41.50 23.51 19.93
CA GLY A 764 -41.60 22.67 18.76
C GLY A 764 -40.43 21.75 18.52
N ARG A 765 -39.48 21.67 19.46
CA ARG A 765 -38.31 20.83 19.33
C ARG A 765 -38.34 19.76 20.42
N VAL A 766 -38.13 18.50 20.02
CA VAL A 766 -38.04 17.42 20.99
C VAL A 766 -36.68 17.47 21.67
N LYS A 767 -36.69 17.45 23.00
CA LYS A 767 -35.46 17.50 23.77
C LYS A 767 -35.50 16.44 24.86
N LYS A 768 -34.32 16.02 25.29
CA LYS A 768 -34.19 14.92 26.23
C LYS A 768 -34.52 15.37 27.65
N VAL A 769 -34.86 14.39 28.49
CA VAL A 769 -35.07 14.61 29.92
C VAL A 769 -34.11 13.69 30.65
N TYR A 770 -33.31 14.27 31.56
CA TYR A 770 -32.31 13.52 32.30
C TYR A 770 -32.61 13.58 33.79
N VAL A 771 -32.39 12.46 34.47
CA VAL A 771 -32.55 12.35 35.91
C VAL A 771 -31.17 12.07 36.50
N GLN A 772 -30.76 12.88 37.48
CA GLN A 772 -29.46 12.73 38.08
C GLN A 772 -29.51 13.31 39.49
N ALA A 773 -28.64 12.83 40.36
CA ALA A 773 -28.56 13.37 41.71
C ALA A 773 -28.13 14.82 41.67
N ALA A 774 -28.64 15.61 42.61
CA ALA A 774 -28.22 16.99 42.72
C ALA A 774 -26.74 17.04 43.09
N ALA A 775 -26.09 18.14 42.73
CA ALA A 775 -24.64 18.26 42.91
C ALA A 775 -24.18 17.99 44.34
N PRO A 776 -24.76 18.57 45.39
CA PRO A 776 -24.19 18.38 46.74
C PRO A 776 -24.15 16.94 47.18
N TYR A 777 -24.92 16.07 46.53
CA TYR A 777 -25.07 14.69 46.97
C TYR A 777 -24.32 13.70 46.09
N ARG A 778 -23.58 14.16 45.08
CA ARG A 778 -22.76 13.28 44.26
C ARG A 778 -21.35 13.85 44.16
N MET A 779 -20.84 14.36 45.27
CA MET A 779 -19.59 15.09 45.27
C MET A 779 -18.49 14.47 46.12
N LEU A 780 -18.79 13.44 46.90
CA LEU A 780 -17.78 12.77 47.72
C LEU A 780 -17.95 11.26 47.61
N PRO A 781 -16.86 10.50 47.83
CA PRO A 781 -16.99 9.04 47.77
C PRO A 781 -17.99 8.47 48.76
N ASP A 782 -18.14 9.11 49.92
CA ASP A 782 -19.08 8.60 50.92
C ASP A 782 -20.53 8.88 50.54
N ASP A 783 -20.77 9.63 49.46
CA ASP A 783 -22.13 9.89 49.04
C ASP A 783 -22.83 8.63 48.54
N ILE A 784 -22.08 7.56 48.29
CA ILE A 784 -22.72 6.31 47.89
C ILE A 784 -23.62 5.79 49.00
N ASN A 785 -23.26 6.05 50.26
CA ASN A 785 -24.02 5.54 51.39
C ASN A 785 -25.35 6.25 51.58
N LEU A 786 -25.60 7.33 50.86
CA LEU A 786 -26.84 8.09 51.01
C LEU A 786 -27.98 7.52 50.17
N TRP A 787 -27.73 6.49 49.38
CA TRP A 787 -28.74 5.95 48.48
C TRP A 787 -29.31 4.63 49.01
N TYR A 788 -30.49 4.30 48.52
CA TYR A 788 -31.21 3.12 48.95
C TYR A 788 -31.70 2.36 47.73
N VAL A 789 -31.85 1.05 47.88
CA VAL A 789 -32.36 0.19 46.82
C VAL A 789 -33.59 -0.54 47.34
N ARG A 790 -34.45 -0.94 46.42
CA ARG A 790 -35.66 -1.68 46.76
C ARG A 790 -35.38 -3.16 46.63
N ASN A 791 -35.47 -3.89 47.74
CA ASN A 791 -35.26 -5.32 47.69
C ASN A 791 -36.48 -6.03 47.10
N LYS A 792 -36.40 -7.35 47.02
CA LYS A 792 -37.50 -8.13 46.45
C LYS A 792 -38.76 -7.98 47.30
N ASP A 793 -38.61 -7.92 48.62
CA ASP A 793 -39.76 -7.76 49.50
C ASP A 793 -40.34 -6.36 49.45
N GLY A 794 -39.60 -5.39 48.91
CA GLY A 794 -40.06 -4.02 48.86
C GLY A 794 -39.51 -3.11 49.93
N GLY A 795 -38.49 -3.54 50.67
CA GLY A 795 -37.89 -2.72 51.69
C GLY A 795 -36.75 -1.87 51.16
N MET A 796 -36.41 -0.83 51.91
CA MET A 796 -35.34 0.07 51.54
C MET A 796 -34.03 -0.40 52.18
N VAL A 797 -33.15 -0.97 51.36
CA VAL A 797 -31.84 -1.41 51.87
C VAL A 797 -30.82 -0.32 51.60
N PRO A 798 -30.13 0.19 52.62
CA PRO A 798 -29.12 1.22 52.39
C PRO A 798 -27.94 0.68 51.60
N PHE A 799 -27.31 1.56 50.83
CA PHE A 799 -26.15 1.17 50.05
C PHE A 799 -24.98 0.80 50.95
N SER A 800 -24.94 1.33 52.17
CA SER A 800 -23.83 1.04 53.08
C SER A 800 -23.76 -0.43 53.44
N ALA A 801 -24.85 -1.17 53.22
CA ALA A 801 -24.89 -2.57 53.60
C ALA A 801 -24.01 -3.42 52.69
N PHE A 802 -23.92 -3.06 51.41
CA PHE A 802 -23.30 -3.93 50.43
C PHE A 802 -22.41 -3.16 49.47
N ALA A 803 -21.86 -2.03 49.90
CA ALA A 803 -21.02 -1.23 49.03
C ALA A 803 -19.80 -0.74 49.79
N THR A 804 -18.63 -0.83 49.15
CA THR A 804 -17.39 -0.35 49.73
C THR A 804 -16.64 0.42 48.65
N SER A 805 -16.37 1.70 48.92
CA SER A 805 -15.66 2.54 47.97
C SER A 805 -14.16 2.30 48.08
N ARG A 806 -13.47 2.45 46.95
CA ARG A 806 -12.03 2.29 46.92
C ARG A 806 -11.43 3.10 45.78
N TRP A 807 -10.29 3.74 46.04
CA TRP A 807 -9.61 4.54 45.04
C TRP A 807 -8.60 3.71 44.26
N GLU A 808 -8.50 3.97 42.96
CA GLU A 808 -7.53 3.31 42.11
C GLU A 808 -7.02 4.34 41.09
N THR A 809 -6.37 3.85 40.04
CA THR A 809 -5.80 4.73 39.02
C THR A 809 -5.93 4.05 37.67
N GLY A 810 -6.48 4.77 36.69
CA GLY A 810 -6.63 4.26 35.35
C GLY A 810 -6.39 5.34 34.31
N SER A 811 -6.21 4.90 33.09
CA SER A 811 -5.92 5.85 32.02
C SER A 811 -7.19 6.27 31.30
N PRO A 812 -7.52 7.56 31.31
CA PRO A 812 -8.74 8.00 30.60
C PRO A 812 -8.70 7.73 29.11
N ARG A 813 -7.52 7.75 28.50
CA ARG A 813 -7.39 7.64 27.05
C ARG A 813 -6.13 6.84 26.72
N LEU A 814 -6.32 5.72 26.04
CA LEU A 814 -5.22 4.86 25.64
C LEU A 814 -4.96 4.98 24.15
N GLU A 815 -3.68 5.01 23.77
CA GLU A 815 -3.27 5.20 22.39
C GLU A 815 -2.46 4.03 21.91
N ARG A 816 -2.61 3.71 20.63
CA ARG A 816 -1.83 2.66 19.98
C ARG A 816 -1.42 3.17 18.60
N TYR A 817 -0.14 3.03 18.27
CA TYR A 817 0.38 3.44 16.97
C TYR A 817 1.02 2.23 16.30
N ASN A 818 0.48 1.84 15.16
CA ASN A 818 0.94 0.66 14.42
C ASN A 818 0.95 -0.58 15.31
N GLY A 819 -0.14 -0.77 16.06
CA GLY A 819 -0.27 -1.94 16.89
C GLY A 819 0.29 -1.78 18.29
N TYR A 820 1.51 -1.27 18.40
CA TYR A 820 2.12 -1.11 19.71
C TYR A 820 1.39 -0.04 20.52
N SER A 821 1.33 -0.25 21.83
CA SER A 821 0.86 0.81 22.72
C SER A 821 1.84 1.97 22.66
N ALA A 822 1.31 3.18 22.54
CA ALA A 822 2.17 4.33 22.29
C ALA A 822 1.62 5.55 23.00
N VAL A 823 2.48 6.55 23.17
CA VAL A 823 2.10 7.88 23.61
C VAL A 823 2.62 8.87 22.57
N GLU A 824 1.75 9.76 22.12
CA GLU A 824 2.11 10.73 21.10
C GLU A 824 2.76 11.94 21.75
N ILE A 825 4.04 12.16 21.45
CA ILE A 825 4.81 13.26 22.03
C ILE A 825 5.10 14.26 20.94
N VAL A 826 4.60 15.48 21.09
CA VAL A 826 4.81 16.54 20.12
C VAL A 826 5.65 17.64 20.76
N GLY A 827 6.24 18.46 19.93
CA GLY A 827 7.07 19.55 20.43
C GLY A 827 7.59 20.37 19.27
N GLU A 828 8.36 21.40 19.62
CA GLU A 828 8.93 22.31 18.64
C GLU A 828 10.39 22.57 18.97
N ALA A 829 11.15 22.91 17.95
CA ALA A 829 12.54 23.27 18.12
C ALA A 829 12.67 24.67 18.71
N ALA A 830 13.72 24.88 19.49
CA ALA A 830 13.99 26.18 20.06
C ALA A 830 14.32 27.17 18.94
N PRO A 831 14.08 28.46 19.16
CA PRO A 831 14.39 29.45 18.12
C PRO A 831 15.85 29.38 17.71
N GLY A 832 16.09 29.40 16.40
CA GLY A 832 17.41 29.21 15.85
C GLY A 832 17.76 27.78 15.54
N VAL A 833 16.88 26.83 15.87
CA VAL A 833 17.11 25.41 15.64
C VAL A 833 16.08 24.90 14.66
N SER A 834 16.53 24.12 13.67
CA SER A 834 15.62 23.56 12.70
C SER A 834 14.86 22.38 13.28
N THR A 835 13.78 21.99 12.60
CA THR A 835 12.99 20.85 13.07
C THR A 835 13.77 19.55 12.92
N GLY A 836 14.62 19.45 11.90
CA GLY A 836 15.42 18.26 11.72
C GLY A 836 16.39 18.03 12.86
N THR A 837 17.05 19.11 13.30
CA THR A 837 17.93 19.02 14.45
C THR A 837 17.17 18.61 15.69
N ALA A 838 15.97 19.15 15.88
CA ALA A 838 15.15 18.78 17.02
C ALA A 838 14.78 17.30 16.97
N MET A 839 14.43 16.81 15.79
CA MET A 839 14.10 15.39 15.64
C MET A 839 15.31 14.51 15.96
N ASP A 840 16.49 14.94 15.52
CA ASP A 840 17.70 14.19 15.87
C ASP A 840 17.94 14.19 17.38
N ILE A 841 17.71 15.33 18.01
CA ILE A 841 17.85 15.41 19.47
C ILE A 841 16.88 14.45 20.15
N MET A 842 15.63 14.42 19.68
CA MET A 842 14.63 13.54 20.26
C MET A 842 15.03 12.08 20.08
N GLU A 843 15.53 11.73 18.89
CA GLU A 843 16.00 10.37 18.68
C GLU A 843 17.15 10.03 19.63
N SER A 844 18.01 11.01 19.91
CA SER A 844 19.08 10.80 20.88
C SER A 844 18.49 10.53 22.27
N LEU A 845 17.47 11.28 22.65
CA LEU A 845 16.88 11.13 23.97
C LEU A 845 16.23 9.76 24.14
N VAL A 846 15.61 9.24 23.08
CA VAL A 846 14.93 7.96 23.17
C VAL A 846 15.93 6.84 23.48
N LYS A 847 17.15 6.94 22.94
CA LYS A 847 18.16 5.93 23.22
C LYS A 847 18.49 5.85 24.70
N GLN A 848 18.27 6.94 25.44
CA GLN A 848 18.53 6.95 26.87
C GLN A 848 17.44 6.27 27.68
N LEU A 849 16.29 5.97 27.07
CA LEU A 849 15.22 5.31 27.78
C LEU A 849 15.58 3.85 28.04
N PRO A 850 14.91 3.21 28.99
CA PRO A 850 15.13 1.78 29.21
C PRO A 850 14.84 0.97 27.96
N ASN A 851 15.59 -0.11 27.78
CA ASN A 851 15.50 -0.93 26.57
C ASN A 851 14.08 -1.42 26.35
N GLY A 852 13.65 -1.39 25.09
CA GLY A 852 12.33 -1.84 24.70
C GLY A 852 11.43 -0.76 24.16
N PHE A 853 11.80 0.51 24.31
CA PHE A 853 10.99 1.63 23.85
C PHE A 853 11.64 2.25 22.62
N GLY A 854 10.86 2.38 21.55
CA GLY A 854 11.32 3.02 20.34
C GLY A 854 10.30 4.02 19.85
N LEU A 855 10.75 4.86 18.93
CA LEU A 855 9.95 5.95 18.41
C LEU A 855 9.70 5.78 16.92
N GLU A 856 8.58 6.32 16.46
CA GLU A 856 8.26 6.41 15.04
C GLU A 856 7.74 7.80 14.76
N TRP A 857 8.22 8.41 13.68
CA TRP A 857 7.77 9.73 13.28
C TRP A 857 6.49 9.63 12.46
N THR A 858 5.52 10.47 12.77
CA THR A 858 4.24 10.48 12.09
C THR A 858 3.94 11.90 11.64
N ALA A 859 2.77 12.07 11.02
CA ALA A 859 2.27 13.38 10.59
C ALA A 859 3.31 14.03 9.67
N MET A 860 3.48 15.35 9.79
CA MET A 860 4.43 16.06 8.93
C MET A 860 5.85 15.58 9.16
N SER A 861 6.15 15.15 10.39
CA SER A 861 7.51 14.72 10.70
C SER A 861 7.91 13.51 9.88
N TYR A 862 6.98 12.59 9.66
CA TYR A 862 7.25 11.45 8.80
C TYR A 862 7.58 11.91 7.38
N GLN A 863 6.80 12.86 6.86
CA GLN A 863 7.05 13.36 5.52
C GLN A 863 8.41 14.07 5.44
N GLU A 864 8.80 14.75 6.51
CA GLU A 864 10.11 15.41 6.51
C GLU A 864 11.23 14.40 6.39
N ARG A 865 11.14 13.30 7.15
CA ARG A 865 12.14 12.24 7.05
C ARG A 865 12.14 11.63 5.65
N LEU A 866 10.97 11.41 5.07
CA LEU A 866 10.90 10.85 3.73
C LEU A 866 11.57 11.76 2.71
N SER A 867 11.29 13.06 2.80
CA SER A 867 11.88 14.02 1.86
C SER A 867 13.39 14.07 2.02
N GLY A 868 13.88 14.13 3.26
CA GLY A 868 15.32 14.16 3.47
C GLY A 868 15.99 12.90 2.96
N ALA A 869 15.35 11.74 3.16
CA ALA A 869 15.93 10.49 2.69
C ALA A 869 16.00 10.44 1.18
N GLN A 870 14.94 10.88 0.50
CA GLN A 870 14.89 10.76 -0.95
C GLN A 870 15.47 11.96 -1.68
N ALA A 871 15.98 12.96 -0.96
CA ALA A 871 16.53 14.13 -1.63
C ALA A 871 17.73 13.84 -2.53
N PRO A 872 18.78 13.13 -2.09
CA PRO A 872 19.96 12.98 -2.96
C PRO A 872 19.65 12.28 -4.28
N ALA A 873 18.68 11.37 -4.28
CA ALA A 873 18.29 10.73 -5.53
C ALA A 873 17.85 11.76 -6.57
N LEU A 874 16.91 12.62 -6.21
CA LEU A 874 16.38 13.59 -7.16
C LEU A 874 17.50 14.35 -7.82
N TYR A 875 18.41 14.88 -7.00
CA TYR A 875 19.53 15.61 -7.56
C TYR A 875 20.26 14.70 -8.54
N ALA A 876 20.67 13.53 -8.08
CA ALA A 876 21.43 12.67 -8.99
C ALA A 876 20.67 12.42 -10.28
N ILE A 877 19.38 12.10 -10.18
CA ILE A 877 18.59 11.78 -11.37
C ILE A 877 18.43 13.03 -12.23
N SER A 878 18.17 14.19 -11.61
CA SER A 878 17.99 15.41 -12.39
C SER A 878 19.28 15.77 -13.12
N LEU A 879 20.43 15.67 -12.44
CA LEU A 879 21.70 15.96 -13.10
C LEU A 879 21.95 15.00 -14.25
N LEU A 880 21.67 13.72 -14.04
CA LEU A 880 21.90 12.74 -15.10
C LEU A 880 21.01 13.02 -16.30
N VAL A 881 19.74 13.35 -16.05
CA VAL A 881 18.80 13.61 -17.13
C VAL A 881 19.24 14.83 -17.93
N VAL A 882 19.67 15.88 -17.23
CA VAL A 882 20.14 17.08 -17.93
C VAL A 882 21.37 16.77 -18.76
N PHE A 883 22.31 16.01 -18.19
CA PHE A 883 23.51 15.62 -18.93
C PHE A 883 23.15 14.86 -20.20
N LEU A 884 22.24 13.88 -20.08
CA LEU A 884 21.88 13.07 -21.23
C LEU A 884 21.14 13.88 -22.28
N CYS A 885 20.26 14.79 -21.85
CA CYS A 885 19.56 15.64 -22.80
C CYS A 885 20.52 16.52 -23.56
N LEU A 886 21.50 17.09 -22.87
CA LEU A 886 22.49 17.92 -23.55
C LEU A 886 23.33 17.10 -24.52
N ALA A 887 23.74 15.90 -24.12
CA ALA A 887 24.51 15.04 -25.01
C ALA A 887 23.71 14.68 -26.25
N ALA A 888 22.41 14.40 -26.08
CA ALA A 888 21.57 14.11 -27.23
C ALA A 888 21.42 15.32 -28.13
N LEU A 889 21.27 16.50 -27.56
CA LEU A 889 21.04 17.69 -28.37
C LEU A 889 22.27 18.08 -29.17
N TYR A 890 23.43 18.12 -28.52
CA TYR A 890 24.63 18.63 -29.18
C TYR A 890 25.53 17.55 -29.74
N GLU A 891 25.13 16.29 -29.64
CA GLU A 891 25.82 15.17 -30.30
C GLU A 891 27.31 15.14 -29.95
N SER A 892 27.62 15.32 -28.68
CA SER A 892 28.99 15.27 -28.21
C SER A 892 28.96 15.02 -26.71
N TRP A 893 29.80 14.11 -26.22
CA TRP A 893 29.92 13.94 -24.78
C TRP A 893 30.63 15.13 -24.14
N SER A 894 31.46 15.83 -24.91
CA SER A 894 32.28 16.89 -24.34
C SER A 894 31.43 18.08 -23.89
N VAL A 895 30.39 18.41 -24.66
CA VAL A 895 29.58 19.59 -24.32
C VAL A 895 28.88 19.44 -22.98
N PRO A 896 28.13 18.38 -22.69
CA PRO A 896 27.52 18.27 -21.35
C PRO A 896 28.53 18.13 -20.23
N PHE A 897 29.66 17.49 -20.49
CA PHE A 897 30.71 17.41 -19.47
C PHE A 897 31.21 18.81 -19.11
N SER A 898 31.39 19.66 -20.13
CA SER A 898 31.77 21.04 -19.88
C SER A 898 30.67 21.79 -19.15
N VAL A 899 29.41 21.56 -19.52
CA VAL A 899 28.30 22.28 -18.92
C VAL A 899 28.08 21.84 -17.48
N MET A 900 28.08 20.53 -17.23
CA MET A 900 27.70 20.04 -15.90
C MET A 900 28.72 20.44 -14.84
N LEU A 901 29.93 20.80 -15.24
CA LEU A 901 30.93 21.20 -14.27
C LEU A 901 30.60 22.52 -13.59
N VAL A 902 29.72 23.33 -14.18
CA VAL A 902 29.39 24.63 -13.62
C VAL A 902 28.21 24.58 -12.65
N VAL A 903 27.55 23.43 -12.53
CA VAL A 903 26.49 23.29 -11.52
C VAL A 903 27.01 23.55 -10.11
N PRO A 904 28.17 23.03 -9.69
CA PRO A 904 28.66 23.38 -8.35
C PRO A 904 28.87 24.86 -8.17
N LEU A 905 29.25 25.58 -9.22
CA LEU A 905 29.47 27.02 -9.11
C LEU A 905 28.21 27.77 -8.71
N GLY A 906 27.04 27.22 -8.98
CA GLY A 906 25.80 27.85 -8.56
C GLY A 906 25.29 27.27 -7.27
N VAL A 907 25.51 25.96 -7.08
CA VAL A 907 25.07 25.31 -5.85
C VAL A 907 25.80 25.91 -4.65
N ILE A 908 27.08 26.25 -4.82
CA ILE A 908 27.84 26.86 -3.74
C ILE A 908 27.22 28.20 -3.34
N GLY A 909 26.80 28.99 -4.33
CA GLY A 909 26.18 30.26 -4.02
C GLY A 909 24.84 30.11 -3.33
N ALA A 910 24.03 29.14 -3.80
CA ALA A 910 22.75 28.90 -3.16
C ALA A 910 22.94 28.50 -1.71
N LEU A 911 23.86 27.56 -1.46
CA LEU A 911 24.15 27.13 -0.09
C LEU A 911 24.66 28.29 0.76
N LEU A 912 25.55 29.10 0.21
CA LEU A 912 26.12 30.20 0.97
C LEU A 912 25.05 31.22 1.34
N ALA A 913 24.19 31.58 0.39
CA ALA A 913 23.12 32.53 0.67
C ALA A 913 22.16 31.98 1.72
N THR A 914 21.76 30.71 1.57
CA THR A 914 20.84 30.11 2.52
C THR A 914 21.45 30.08 3.92
N TRP A 915 22.72 29.69 4.01
CA TRP A 915 23.38 29.62 5.31
C TRP A 915 23.50 31.01 5.94
N MET A 916 23.86 32.01 5.14
CA MET A 916 24.02 33.36 5.68
C MET A 916 22.70 33.93 6.17
N ARG A 917 21.62 33.72 5.42
CA ARG A 917 20.34 34.31 5.83
C ARG A 917 19.66 33.54 6.95
N GLY A 918 20.24 32.43 7.40
CA GLY A 918 19.66 31.66 8.48
C GLY A 918 18.61 30.67 8.06
N LEU A 919 18.35 30.52 6.77
CA LEU A 919 17.37 29.56 6.31
C LEU A 919 17.99 28.16 6.29
N GLU A 920 17.13 27.17 6.11
CA GLU A 920 17.53 25.77 6.21
C GLU A 920 17.19 25.02 4.92
N ASN A 921 17.54 23.73 4.91
CA ASN A 921 17.38 22.87 3.74
C ASN A 921 15.99 22.23 3.77
N ASP A 922 15.02 22.96 3.23
CA ASP A 922 13.66 22.45 3.17
C ASP A 922 13.24 22.10 1.75
N VAL A 923 11.95 21.88 1.53
CA VAL A 923 11.46 21.50 0.21
C VAL A 923 11.67 22.59 -0.82
N TYR A 924 11.40 23.83 -0.45
CA TYR A 924 11.58 24.94 -1.37
C TYR A 924 13.03 25.05 -1.80
N PHE A 925 13.95 24.87 -0.85
CA PHE A 925 15.37 24.94 -1.18
C PHE A 925 15.71 23.86 -2.20
N GLN A 926 15.06 22.71 -2.07
CA GLN A 926 15.33 21.62 -2.99
C GLN A 926 14.93 22.00 -4.40
N VAL A 927 13.73 22.56 -4.56
CA VAL A 927 13.30 22.99 -5.89
C VAL A 927 14.20 24.13 -6.32
N GLY A 928 14.68 24.92 -5.37
CA GLY A 928 15.59 26.00 -5.70
C GLY A 928 16.88 25.43 -6.22
N LEU A 929 17.51 24.55 -5.44
CA LEU A 929 18.72 23.90 -5.95
C LEU A 929 18.51 23.42 -7.38
N LEU A 930 17.33 22.84 -7.66
CA LEU A 930 17.04 22.42 -9.02
C LEU A 930 17.04 23.62 -9.98
N THR A 931 16.44 24.73 -9.57
CA THR A 931 16.42 25.91 -10.40
C THR A 931 17.84 26.43 -10.65
N VAL A 932 18.67 26.40 -9.60
CA VAL A 932 20.05 26.87 -9.74
C VAL A 932 20.83 25.98 -10.70
N ILE A 933 20.59 24.67 -10.63
CA ILE A 933 21.21 23.75 -11.60
C ILE A 933 20.81 24.16 -13.02
N GLY A 934 19.52 24.43 -13.22
CA GLY A 934 19.06 24.85 -14.52
C GLY A 934 19.72 26.13 -15.00
N LEU A 935 19.87 27.11 -14.09
CA LEU A 935 20.45 28.39 -14.47
C LEU A 935 21.93 28.25 -14.82
N SER A 936 22.67 27.47 -14.04
CA SER A 936 24.06 27.23 -14.34
C SER A 936 24.20 26.56 -15.70
N ALA A 937 23.35 25.57 -15.96
CA ALA A 937 23.35 24.92 -17.27
C ALA A 937 23.02 25.93 -18.36
N LYS A 938 22.13 26.87 -18.09
CA LYS A 938 21.77 27.88 -19.08
C LYS A 938 22.98 28.71 -19.48
N ASN A 939 23.70 29.24 -18.49
CA ASN A 939 24.87 30.06 -18.80
C ASN A 939 25.94 29.25 -19.51
N ALA A 940 26.20 28.03 -19.02
CA ALA A 940 27.20 27.20 -19.65
C ALA A 940 26.83 26.90 -21.10
N ILE A 941 25.54 26.66 -21.36
CA ILE A 941 25.09 26.44 -22.72
C ILE A 941 25.32 27.67 -23.58
N LEU A 942 24.93 28.84 -23.06
CA LEU A 942 25.07 30.06 -23.83
C LEU A 942 26.51 30.30 -24.26
N ILE A 943 27.47 29.84 -23.44
CA ILE A 943 28.87 29.98 -23.85
C ILE A 943 29.28 28.84 -24.78
N VAL A 944 29.14 27.59 -24.33
CA VAL A 944 29.80 26.48 -25.00
C VAL A 944 29.13 26.16 -26.34
N GLU A 945 27.85 26.49 -26.50
CA GLU A 945 27.21 26.24 -27.77
C GLU A 945 27.90 27.02 -28.88
N PHE A 946 28.05 28.34 -28.68
CA PHE A 946 28.74 29.17 -29.66
C PHE A 946 30.21 28.78 -29.78
N ALA A 947 30.86 28.49 -28.66
CA ALA A 947 32.27 28.11 -28.71
C ALA A 947 32.45 26.82 -29.52
N ASN A 948 31.59 25.83 -29.30
CA ASN A 948 31.68 24.57 -30.01
C ASN A 948 31.38 24.74 -31.49
N GLU A 949 30.40 25.59 -31.82
CA GLU A 949 30.10 25.86 -33.22
C GLU A 949 31.31 26.47 -33.91
N MET A 950 31.92 27.47 -33.26
CA MET A 950 33.10 28.11 -33.83
C MET A 950 34.24 27.12 -34.01
N ASN A 951 34.45 26.26 -33.01
CA ASN A 951 35.54 25.28 -33.10
C ASN A 951 35.27 24.28 -34.21
N GLN A 952 34.02 23.84 -34.36
CA GLN A 952 33.69 22.90 -35.43
C GLN A 952 33.87 23.54 -36.80
N LYS A 953 33.59 24.84 -36.91
CA LYS A 953 33.86 25.53 -38.16
C LYS A 953 35.35 25.56 -38.51
N GLY A 954 36.21 25.28 -37.54
CA GLY A 954 37.64 25.21 -37.76
C GLY A 954 38.46 26.26 -37.03
N HIS A 955 37.83 27.21 -36.35
CA HIS A 955 38.56 28.26 -35.68
C HIS A 955 39.39 27.68 -34.54
N ASP A 956 40.46 28.40 -34.18
CA ASP A 956 41.30 27.99 -33.06
C ASP A 956 40.48 27.96 -31.79
N LEU A 957 40.79 26.99 -30.92
CA LEU A 957 40.02 26.81 -29.69
C LEU A 957 40.07 28.06 -28.81
N PHE A 958 41.26 28.62 -28.64
CA PHE A 958 41.39 29.84 -27.85
C PHE A 958 40.59 30.98 -28.46
N GLU A 959 40.75 31.20 -29.76
CA GLU A 959 40.01 32.27 -30.42
C GLU A 959 38.52 32.00 -30.35
N ALA A 960 38.11 30.75 -30.54
CA ALA A 960 36.69 30.42 -30.50
C ALA A 960 36.09 30.73 -29.14
N THR A 961 36.74 30.27 -28.06
CA THR A 961 36.16 30.48 -26.73
C THR A 961 36.19 31.96 -26.35
N LEU A 962 37.26 32.67 -26.71
CA LEU A 962 37.32 34.10 -26.38
C LEU A 962 36.25 34.87 -27.14
N HIS A 963 36.06 34.56 -28.42
CA HIS A 963 35.01 35.23 -29.20
C HIS A 963 33.63 34.90 -28.62
N ALA A 964 33.42 33.64 -28.22
CA ALA A 964 32.14 33.26 -27.64
C ALA A 964 31.87 34.03 -26.36
N CYS A 965 32.87 34.15 -25.49
CA CYS A 965 32.70 34.92 -24.26
C CYS A 965 32.39 36.38 -24.57
N ARG A 966 33.16 36.97 -25.48
CA ARG A 966 32.99 38.38 -25.80
C ARG A 966 31.59 38.64 -26.34
N GLN A 967 31.10 37.76 -27.22
CA GLN A 967 29.80 38.00 -27.84
C GLN A 967 28.65 37.69 -26.89
N ARG A 968 28.78 36.63 -26.08
CA ARG A 968 27.66 36.18 -25.26
C ARG A 968 27.67 36.76 -23.85
N LEU A 969 28.66 37.59 -23.50
CA LEU A 969 28.67 38.19 -22.17
C LEU A 969 27.42 39.02 -21.93
N ARG A 970 27.03 39.84 -22.91
CA ARG A 970 25.86 40.69 -22.72
C ARG A 970 24.57 39.91 -22.55
N PRO A 971 24.22 38.93 -23.40
CA PRO A 971 22.99 38.16 -23.15
C PRO A 971 23.00 37.43 -21.82
N ILE A 972 24.13 36.83 -21.46
CA ILE A 972 24.22 36.12 -20.19
C ILE A 972 23.96 37.07 -19.03
N LEU A 973 24.63 38.22 -19.03
CA LEU A 973 24.47 39.17 -17.94
C LEU A 973 23.04 39.68 -17.86
N MET A 974 22.44 40.00 -19.01
CA MET A 974 21.11 40.58 -18.95
C MET A 974 20.06 39.55 -18.56
N THR A 975 20.15 38.32 -19.05
CA THR A 975 19.24 37.27 -18.61
C THR A 975 19.39 37.01 -17.12
N SER A 976 20.64 36.92 -16.64
CA SER A 976 20.87 36.64 -15.24
C SER A 976 20.37 37.77 -14.36
N LEU A 977 20.61 39.02 -14.77
CA LEU A 977 20.12 40.14 -13.99
C LEU A 977 18.60 40.21 -13.99
N ALA A 978 17.98 39.89 -15.14
CA ALA A 978 16.54 39.83 -15.18
C ALA A 978 16.01 38.82 -14.17
N PHE A 979 16.61 37.64 -14.14
CA PHE A 979 16.15 36.61 -13.20
C PHE A 979 16.37 37.03 -11.75
N ILE A 980 17.56 37.55 -11.45
CA ILE A 980 17.88 37.85 -10.06
C ILE A 980 16.99 38.98 -9.55
N PHE A 981 16.72 39.97 -10.40
CA PHE A 981 15.84 41.05 -9.97
C PHE A 981 14.38 40.63 -10.01
N GLY A 982 14.06 39.57 -10.76
CA GLY A 982 12.73 39.01 -10.66
C GLY A 982 12.50 38.33 -9.32
N VAL A 983 13.51 37.60 -8.82
CA VAL A 983 13.37 36.94 -7.53
C VAL A 983 13.73 37.85 -6.37
N LEU A 984 14.28 39.03 -6.63
CA LEU A 984 14.63 39.95 -5.55
C LEU A 984 13.44 40.31 -4.65
N PRO A 985 12.26 40.65 -5.18
CA PRO A 985 11.14 40.92 -4.26
C PRO A 985 10.78 39.75 -3.37
N MET A 986 10.93 38.52 -3.85
CA MET A 986 10.66 37.35 -3.02
C MET A 986 11.60 37.30 -1.83
N ALA A 987 12.89 37.53 -2.06
CA ALA A 987 13.86 37.47 -0.98
C ALA A 987 13.72 38.63 0.01
N THR A 988 12.99 39.69 -0.36
CA THR A 988 12.80 40.85 0.50
C THR A 988 11.33 41.13 0.75
N SER A 989 10.46 40.15 0.57
CA SER A 989 9.04 40.36 0.80
C SER A 989 8.76 40.54 2.28
N THR A 990 7.67 41.26 2.57
CA THR A 990 7.28 41.50 3.96
C THR A 990 5.79 41.23 4.20
N GLY A 991 5.14 40.46 3.34
CA GLY A 991 3.72 40.22 3.42
C GLY A 991 3.37 39.06 4.32
N ALA A 992 2.18 38.50 4.06
CA ALA A 992 1.68 37.41 4.89
C ALA A 992 2.55 36.16 4.76
N GLY A 993 2.82 35.73 3.52
CA GLY A 993 3.60 34.54 3.30
C GLY A 993 5.08 34.84 3.15
N SER A 994 5.60 35.71 4.01
CA SER A 994 6.98 36.15 3.88
C SER A 994 7.96 35.00 4.04
N GLY A 995 7.67 34.07 4.96
CA GLY A 995 8.62 33.00 5.22
C GLY A 995 8.85 32.12 4.01
N GLY A 996 7.76 31.69 3.36
CA GLY A 996 7.91 30.85 2.18
C GLY A 996 8.58 31.56 1.03
N GLN A 997 8.22 32.83 0.82
CA GLN A 997 8.84 33.59 -0.26
C GLN A 997 10.33 33.76 -0.01
N HIS A 998 10.71 34.06 1.22
CA HIS A 998 12.13 34.17 1.55
C HIS A 998 12.84 32.84 1.31
N ALA A 999 12.24 31.74 1.75
CA ALA A 999 12.87 30.43 1.61
C ALA A 999 13.09 30.09 0.15
N VAL A 1000 12.10 30.39 -0.70
CA VAL A 1000 12.25 30.10 -2.12
C VAL A 1000 13.28 31.03 -2.76
N GLY A 1001 13.22 32.32 -2.44
CA GLY A 1001 13.96 33.30 -3.23
C GLY A 1001 15.42 33.41 -2.86
N THR A 1002 15.74 33.27 -1.57
CA THR A 1002 17.10 33.51 -1.10
C THR A 1002 18.09 32.58 -1.78
N GLY A 1003 17.82 31.27 -1.72
CA GLY A 1003 18.74 30.30 -2.28
C GLY A 1003 18.93 30.48 -3.77
N VAL A 1004 17.83 30.71 -4.49
CA VAL A 1004 17.92 30.86 -5.94
C VAL A 1004 18.68 32.12 -6.31
N MET A 1005 18.45 33.21 -5.58
CA MET A 1005 19.16 34.46 -5.89
C MET A 1005 20.66 34.30 -5.66
N GLY A 1006 21.04 33.71 -4.52
CA GLY A 1006 22.45 33.48 -4.27
C GLY A 1006 23.07 32.55 -5.29
N GLY A 1007 22.35 31.50 -5.66
CA GLY A 1007 22.86 30.57 -6.65
C GLY A 1007 23.08 31.23 -7.99
N MET A 1008 22.15 32.08 -8.41
CA MET A 1008 22.30 32.78 -9.68
C MET A 1008 23.47 33.76 -9.64
N ILE A 1009 23.62 34.49 -8.52
CA ILE A 1009 24.74 35.43 -8.40
C ILE A 1009 26.06 34.70 -8.56
N SER A 1010 26.23 33.61 -7.80
CA SER A 1010 27.47 32.83 -7.90
C SER A 1010 27.63 32.25 -9.29
N ALA A 1011 26.52 31.75 -9.86
CA ALA A 1011 26.59 31.13 -11.18
C ALA A 1011 27.14 32.10 -12.21
N THR A 1012 26.63 33.32 -12.24
CA THR A 1012 27.19 34.31 -13.17
C THR A 1012 28.65 34.61 -12.84
N ILE A 1013 28.89 35.16 -11.64
CA ILE A 1013 30.21 35.72 -11.35
C ILE A 1013 31.30 34.68 -11.33
N LEU A 1014 30.95 33.39 -11.33
CA LEU A 1014 31.95 32.34 -11.44
C LEU A 1014 31.96 31.65 -12.80
N ALA A 1015 30.78 31.35 -13.35
CA ALA A 1015 30.71 30.65 -14.62
C ALA A 1015 31.30 31.48 -15.75
N ILE A 1016 31.02 32.79 -15.79
CA ILE A 1016 31.51 33.59 -16.91
C ILE A 1016 33.02 33.50 -17.04
N TYR A 1017 33.70 33.04 -15.99
CA TYR A 1017 35.14 32.80 -16.03
C TYR A 1017 35.50 31.33 -16.13
N PHE A 1018 34.75 30.45 -15.46
CA PHE A 1018 35.14 29.04 -15.37
C PHE A 1018 34.70 28.24 -16.58
N VAL A 1019 33.55 28.58 -17.17
CA VAL A 1019 33.07 27.84 -18.33
C VAL A 1019 34.11 27.81 -19.45
N PRO A 1020 34.78 28.91 -19.80
CA PRO A 1020 35.86 28.80 -20.79
C PRO A 1020 36.93 27.81 -20.38
N LEU A 1021 37.29 27.78 -19.09
CA LEU A 1021 38.30 26.84 -18.63
C LEU A 1021 37.84 25.41 -18.86
N PHE A 1022 36.61 25.10 -18.46
CA PHE A 1022 36.12 23.74 -18.61
C PHE A 1022 36.08 23.34 -20.08
N PHE A 1023 35.55 24.22 -20.93
CA PHE A 1023 35.45 23.88 -22.35
C PHE A 1023 36.83 23.69 -22.97
N VAL A 1024 37.76 24.59 -22.68
CA VAL A 1024 39.09 24.52 -23.27
C VAL A 1024 39.81 23.26 -22.79
N LEU A 1025 39.73 22.97 -21.50
CA LEU A 1025 40.40 21.79 -20.96
C LEU A 1025 39.83 20.51 -21.56
N VAL A 1026 38.49 20.43 -21.66
CA VAL A 1026 37.87 19.23 -22.21
C VAL A 1026 38.25 19.05 -23.67
N ARG A 1027 38.22 20.13 -24.44
CA ARG A 1027 38.56 20.03 -25.85
C ARG A 1027 40.03 19.68 -26.05
N ARG A 1028 40.91 20.23 -25.22
CA ARG A 1028 42.32 19.87 -25.32
C ARG A 1028 42.56 18.40 -24.97
N ARG A 1029 41.85 17.91 -23.94
CA ARG A 1029 41.96 16.50 -23.61
C ARG A 1029 41.32 15.62 -24.68
N PHE A 1030 40.26 16.10 -25.32
CA PHE A 1030 39.55 15.33 -26.35
C PHE A 1030 39.42 16.19 -27.59
N PRO A 1031 40.48 16.30 -28.39
CA PRO A 1031 40.43 17.15 -29.58
C PRO A 1031 39.44 16.62 -30.59
N LEU A 1032 38.84 17.54 -31.35
CA LEU A 1032 37.84 17.18 -32.33
C LEU A 1032 38.46 16.51 -33.55
N MET B 1 15.03 6.56 -40.49
CA MET B 1 15.18 6.21 -39.08
C MET B 1 16.55 5.62 -38.82
N ALA B 2 16.85 4.52 -39.53
CA ALA B 2 18.15 3.88 -39.39
C ALA B 2 19.28 4.83 -39.76
N ASN B 3 19.14 5.53 -40.89
CA ASN B 3 20.17 6.47 -41.32
C ASN B 3 20.29 7.64 -40.35
N PHE B 4 19.19 8.02 -39.71
CA PHE B 4 19.21 9.15 -38.79
C PHE B 4 20.13 8.90 -37.61
N PHE B 5 20.07 7.70 -37.04
CA PHE B 5 20.88 7.41 -35.86
C PHE B 5 22.28 6.98 -36.22
N ILE B 6 22.54 6.67 -37.50
CA ILE B 6 23.90 6.33 -37.91
C ILE B 6 24.80 7.55 -37.77
N ASP B 7 24.32 8.71 -38.17
CA ASP B 7 25.09 9.94 -38.11
C ASP B 7 24.98 10.64 -36.76
N ARG B 8 24.16 10.13 -35.85
CA ARG B 8 23.99 10.71 -34.52
C ARG B 8 24.13 9.61 -33.48
N PRO B 9 25.33 9.06 -33.30
CA PRO B 9 25.49 7.94 -32.35
C PRO B 9 25.17 8.31 -30.92
N ILE B 10 25.44 9.56 -30.53
CA ILE B 10 25.27 9.96 -29.12
C ILE B 10 23.80 9.92 -28.75
N PHE B 11 22.93 10.25 -29.71
CA PHE B 11 21.49 10.15 -29.45
C PHE B 11 21.09 8.70 -29.15
N ALA B 12 21.60 7.76 -29.93
CA ALA B 12 21.33 6.36 -29.68
C ALA B 12 21.85 5.92 -28.33
N TRP B 13 23.06 6.36 -27.98
CA TRP B 13 23.61 6.04 -26.67
C TRP B 13 22.75 6.60 -25.56
N VAL B 14 22.25 7.83 -25.72
CA VAL B 14 21.41 8.45 -24.71
C VAL B 14 20.12 7.65 -24.55
N LEU B 15 19.51 7.24 -25.66
CA LEU B 15 18.30 6.44 -25.57
C LEU B 15 18.56 5.12 -24.87
N ALA B 16 19.68 4.47 -25.19
CA ALA B 16 20.02 3.21 -24.53
C ALA B 16 20.23 3.40 -23.05
N ILE B 17 20.92 4.48 -22.66
CA ILE B 17 21.17 4.74 -21.25
C ILE B 17 19.86 5.04 -20.52
N LEU B 18 18.96 5.75 -21.18
CA LEU B 18 17.66 6.02 -20.58
C LEU B 18 16.91 4.72 -20.32
N LEU B 19 16.91 3.81 -21.31
CA LEU B 19 16.27 2.52 -21.10
C LEU B 19 16.92 1.75 -19.96
N CYS B 20 18.25 1.77 -19.90
CA CYS B 20 18.96 1.05 -18.86
C CYS B 20 18.63 1.60 -17.47
N LEU B 21 18.56 2.93 -17.34
CA LEU B 21 18.29 3.54 -16.05
C LEU B 21 16.85 3.28 -15.60
N THR B 22 15.90 3.41 -16.52
CA THR B 22 14.52 3.10 -16.19
C THR B 22 14.38 1.63 -15.79
N GLY B 23 15.09 0.74 -16.49
CA GLY B 23 15.04 -0.66 -16.15
C GLY B 23 15.64 -0.94 -14.78
N THR B 24 16.74 -0.26 -14.44
CA THR B 24 17.34 -0.44 -13.13
C THR B 24 16.39 0.02 -12.03
N LEU B 25 15.73 1.16 -12.23
CA LEU B 25 14.75 1.62 -11.26
C LEU B 25 13.60 0.63 -11.12
N ALA B 26 13.13 0.09 -12.24
CA ALA B 26 12.07 -0.90 -12.20
C ALA B 26 12.51 -2.15 -11.45
N ILE B 27 13.72 -2.63 -11.72
CA ILE B 27 14.24 -3.83 -11.05
C ILE B 27 14.30 -3.61 -9.55
N PHE B 28 14.81 -2.45 -9.13
CA PHE B 28 14.87 -2.18 -7.70
C PHE B 28 13.49 -1.98 -7.10
N SER B 29 12.50 -1.64 -7.91
CA SER B 29 11.14 -1.44 -7.41
C SER B 29 10.16 -2.54 -7.81
N LEU B 30 10.65 -3.69 -8.30
CA LEU B 30 9.72 -4.74 -8.71
C LEU B 30 9.58 -5.79 -7.62
N PRO B 31 8.37 -6.23 -7.31
CA PRO B 31 8.19 -7.29 -6.32
C PRO B 31 8.71 -8.62 -6.84
N VAL B 32 9.11 -9.48 -5.90
CA VAL B 32 9.67 -10.79 -6.21
C VAL B 32 8.68 -11.86 -5.74
N GLU B 33 8.36 -12.79 -6.62
CA GLU B 33 7.45 -13.89 -6.32
C GLU B 33 8.01 -15.16 -6.94
N GLN B 34 7.45 -16.30 -6.53
CA GLN B 34 7.71 -17.54 -7.25
C GLN B 34 6.80 -17.64 -8.45
N TYR B 35 5.50 -17.50 -8.25
CA TYR B 35 4.49 -17.49 -9.28
C TYR B 35 3.58 -16.28 -9.10
N PRO B 36 2.92 -15.84 -10.15
CA PRO B 36 1.83 -14.87 -9.99
C PRO B 36 0.66 -15.50 -9.26
N ASP B 37 -0.48 -14.79 -9.19
CA ASP B 37 -1.68 -15.36 -8.61
C ASP B 37 -1.96 -16.76 -9.13
N LEU B 38 -2.21 -16.89 -10.44
CA LEU B 38 -2.39 -18.17 -11.10
C LEU B 38 -3.39 -19.08 -10.40
N ALA B 39 -4.29 -18.52 -9.60
CA ALA B 39 -5.16 -19.38 -8.82
C ALA B 39 -6.58 -18.85 -8.88
N PRO B 40 -7.56 -19.72 -9.11
CA PRO B 40 -8.95 -19.29 -9.10
C PRO B 40 -9.32 -18.73 -7.75
N PRO B 41 -9.80 -17.49 -7.68
CA PRO B 41 -10.23 -16.93 -6.40
C PRO B 41 -11.35 -17.78 -5.80
N ASN B 42 -11.29 -17.95 -4.49
CA ASN B 42 -12.26 -18.76 -3.77
C ASN B 42 -12.92 -17.93 -2.69
N VAL B 43 -14.23 -18.05 -2.59
CA VAL B 43 -15.01 -17.39 -1.55
C VAL B 43 -15.74 -18.47 -0.76
N ARG B 44 -15.61 -18.40 0.56
CA ARG B 44 -16.14 -19.42 1.45
C ARG B 44 -17.32 -18.86 2.22
N VAL B 45 -18.42 -19.61 2.22
CA VAL B 45 -19.61 -19.27 2.97
C VAL B 45 -19.70 -20.23 4.15
N THR B 46 -19.69 -19.69 5.36
CA THR B 46 -19.69 -20.50 6.56
C THR B 46 -20.95 -20.26 7.36
N ALA B 47 -21.58 -21.35 7.78
CA ALA B 47 -22.78 -21.29 8.62
C ALA B 47 -22.63 -22.30 9.74
N ASN B 48 -23.29 -22.01 10.86
CA ASN B 48 -23.24 -22.87 12.03
C ASN B 48 -24.66 -23.20 12.49
N TYR B 49 -24.88 -24.48 12.79
CA TYR B 49 -26.16 -24.97 13.28
C TYR B 49 -25.89 -25.81 14.52
N PRO B 50 -25.80 -25.18 15.69
CA PRO B 50 -25.39 -25.91 16.89
C PRO B 50 -26.29 -27.08 17.22
N GLY B 51 -25.70 -28.19 17.65
CA GLY B 51 -26.45 -29.37 18.02
C GLY B 51 -27.27 -29.96 16.88
N ALA B 52 -26.70 -29.99 15.69
CA ALA B 52 -27.36 -30.54 14.51
C ALA B 52 -26.49 -31.62 13.89
N SER B 53 -27.14 -32.69 13.44
CA SER B 53 -26.41 -33.76 12.78
C SER B 53 -25.91 -33.30 11.41
N ALA B 54 -24.91 -34.00 10.88
CA ALA B 54 -24.33 -33.60 9.61
C ALA B 54 -25.35 -33.64 8.49
N GLN B 55 -26.15 -34.69 8.43
CA GLN B 55 -27.15 -34.82 7.37
C GLN B 55 -28.21 -33.72 7.48
N THR B 56 -28.67 -33.46 8.71
CA THR B 56 -29.67 -32.42 8.90
C THR B 56 -29.10 -31.06 8.53
N LEU B 57 -27.85 -30.80 8.91
CA LEU B 57 -27.22 -29.54 8.54
C LEU B 57 -27.10 -29.40 7.03
N GLU B 58 -26.69 -30.47 6.35
CA GLU B 58 -26.57 -30.43 4.90
C GLU B 58 -27.91 -30.15 4.24
N ASN B 59 -28.96 -30.83 4.71
CA ASN B 59 -30.27 -30.66 4.10
C ASN B 59 -30.84 -29.27 4.35
N THR B 60 -30.76 -28.80 5.59
CA THR B 60 -31.42 -27.55 5.95
C THR B 60 -30.64 -26.33 5.46
N VAL B 61 -29.32 -26.38 5.51
CA VAL B 61 -28.53 -25.20 5.16
C VAL B 61 -27.69 -25.32 3.91
N THR B 62 -26.76 -26.27 3.89
CA THR B 62 -25.84 -26.38 2.75
C THR B 62 -26.57 -26.35 1.43
N GLN B 63 -27.53 -27.25 1.26
CA GLN B 63 -28.23 -27.34 -0.01
C GLN B 63 -28.89 -26.02 -0.38
N VAL B 64 -29.56 -25.40 0.58
CA VAL B 64 -30.25 -24.15 0.32
C VAL B 64 -29.28 -23.10 -0.18
N ILE B 65 -28.16 -22.96 0.53
CA ILE B 65 -27.18 -21.97 0.15
C ILE B 65 -26.72 -22.23 -1.26
N GLU B 66 -26.38 -23.48 -1.54
CA GLU B 66 -25.90 -23.82 -2.86
C GLU B 66 -26.90 -23.40 -3.91
N GLN B 67 -28.17 -23.71 -3.68
CA GLN B 67 -29.19 -23.41 -4.67
C GLN B 67 -29.18 -21.94 -5.06
N ASN B 68 -29.16 -21.06 -4.07
CA ASN B 68 -29.18 -19.64 -4.36
C ASN B 68 -27.86 -19.21 -4.99
N MET B 69 -26.76 -19.76 -4.52
CA MET B 69 -25.45 -19.37 -5.04
C MET B 69 -25.28 -19.71 -6.51
N THR B 70 -25.84 -20.84 -6.93
CA THR B 70 -25.73 -21.23 -8.33
C THR B 70 -26.21 -20.10 -9.21
N GLY B 71 -25.52 -19.90 -10.32
CA GLY B 71 -25.91 -18.85 -11.25
C GLY B 71 -25.12 -17.58 -11.06
N LEU B 72 -23.95 -17.68 -10.42
CA LEU B 72 -23.11 -16.51 -10.23
C LEU B 72 -22.43 -16.12 -11.54
N ASP B 73 -21.65 -15.05 -11.49
CA ASP B 73 -21.04 -14.49 -12.69
C ASP B 73 -20.05 -15.49 -13.31
N ASN B 74 -18.99 -15.82 -12.57
CA ASN B 74 -17.94 -16.70 -13.08
C ASN B 74 -17.74 -17.90 -12.17
N LEU B 75 -18.82 -18.47 -11.66
CA LEU B 75 -18.70 -19.61 -10.75
C LEU B 75 -18.19 -20.84 -11.47
N MET B 76 -16.92 -21.18 -11.24
CA MET B 76 -16.33 -22.34 -11.91
C MET B 76 -16.92 -23.65 -11.37
N TYR B 77 -16.97 -23.79 -10.05
CA TYR B 77 -17.59 -24.97 -9.46
C TYR B 77 -17.82 -24.77 -7.98
N MET B 78 -18.88 -25.37 -7.46
CA MET B 78 -19.18 -25.22 -6.04
C MET B 78 -18.81 -26.46 -5.28
N SER B 79 -18.10 -26.29 -4.18
CA SER B 79 -17.77 -27.42 -3.34
C SER B 79 -18.29 -27.10 -1.95
N SER B 80 -18.96 -28.06 -1.32
CA SER B 80 -19.55 -27.80 -0.02
C SER B 80 -19.20 -28.88 0.97
N GLN B 81 -19.21 -28.52 2.26
CA GLN B 81 -18.90 -29.48 3.30
C GLN B 81 -19.83 -29.31 4.48
N SER B 82 -20.28 -30.42 5.04
CA SER B 82 -21.18 -30.36 6.20
C SER B 82 -20.58 -31.24 7.30
N SER B 83 -20.19 -30.62 8.41
CA SER B 83 -19.48 -31.29 9.47
C SER B 83 -20.43 -31.66 10.61
N GLY B 84 -20.10 -32.73 11.32
CA GLY B 84 -20.92 -33.14 12.45
C GLY B 84 -20.90 -32.14 13.59
N THR B 85 -19.86 -31.31 13.65
CA THR B 85 -19.77 -30.31 14.71
C THR B 85 -20.82 -29.22 14.56
N GLY B 86 -21.52 -29.17 13.44
CA GLY B 86 -22.56 -28.19 13.21
C GLY B 86 -22.19 -27.04 12.31
N GLN B 87 -20.98 -27.05 11.74
CA GLN B 87 -20.54 -25.99 10.85
C GLN B 87 -20.71 -26.42 9.41
N ALA B 88 -21.38 -25.58 8.62
CA ALA B 88 -21.56 -25.81 7.19
C ALA B 88 -20.73 -24.80 6.43
N SER B 89 -19.88 -25.29 5.53
CA SER B 89 -19.07 -24.40 4.72
C SER B 89 -19.22 -24.71 3.24
N VAL B 90 -19.71 -23.74 2.46
CA VAL B 90 -19.83 -23.93 1.03
C VAL B 90 -18.82 -23.05 0.32
N THR B 91 -17.91 -23.67 -0.43
CA THR B 91 -16.86 -22.90 -1.09
C THR B 91 -17.19 -22.67 -2.54
N LEU B 92 -16.98 -21.44 -2.99
CA LEU B 92 -17.29 -21.10 -4.38
C LEU B 92 -16.01 -20.63 -5.05
N SER B 93 -15.51 -21.40 -6.01
CA SER B 93 -14.31 -21.04 -6.74
C SER B 93 -14.72 -20.37 -8.04
N PHE B 94 -14.17 -19.18 -8.30
CA PHE B 94 -14.51 -18.40 -9.48
C PHE B 94 -13.39 -18.50 -10.51
N LYS B 95 -13.75 -18.21 -11.75
CA LYS B 95 -12.80 -18.33 -12.86
C LYS B 95 -11.62 -17.41 -12.66
N ALA B 96 -10.44 -17.88 -13.07
CA ALA B 96 -9.21 -17.11 -12.89
C ALA B 96 -9.32 -15.77 -13.59
N GLY B 97 -8.84 -14.72 -12.90
CA GLY B 97 -8.93 -13.37 -13.37
C GLY B 97 -10.08 -12.59 -12.78
N THR B 98 -11.04 -13.28 -12.15
CA THR B 98 -12.14 -12.60 -11.50
C THR B 98 -11.64 -11.82 -10.29
N ASP B 99 -12.06 -10.57 -10.17
CA ASP B 99 -11.70 -9.78 -9.01
C ASP B 99 -12.39 -10.34 -7.78
N PRO B 100 -11.66 -10.64 -6.71
CA PRO B 100 -12.30 -11.25 -5.53
C PRO B 100 -13.40 -10.39 -4.93
N ASP B 101 -13.24 -9.06 -4.97
CA ASP B 101 -14.22 -8.19 -4.33
C ASP B 101 -15.59 -8.31 -4.97
N GLU B 102 -15.64 -8.32 -6.30
CA GLU B 102 -16.92 -8.45 -6.99
C GLU B 102 -17.57 -9.79 -6.70
N ALA B 103 -16.77 -10.86 -6.66
CA ALA B 103 -17.31 -12.18 -6.33
C ALA B 103 -17.88 -12.19 -4.93
N VAL B 104 -17.17 -11.58 -3.99
CA VAL B 104 -17.66 -11.51 -2.61
C VAL B 104 -18.97 -10.73 -2.55
N GLN B 105 -19.07 -9.63 -3.30
CA GLN B 105 -20.30 -8.85 -3.31
C GLN B 105 -21.47 -9.66 -3.85
N GLN B 106 -21.25 -10.38 -4.96
CA GLN B 106 -22.32 -11.20 -5.53
C GLN B 106 -22.75 -12.29 -4.56
N VAL B 107 -21.78 -12.94 -3.92
CA VAL B 107 -22.10 -13.99 -2.96
C VAL B 107 -22.89 -13.40 -1.79
N GLN B 108 -22.50 -12.20 -1.34
CA GLN B 108 -23.22 -11.56 -0.25
C GLN B 108 -24.66 -11.24 -0.64
N ASN B 109 -24.87 -10.76 -1.87
CA ASN B 109 -26.23 -10.47 -2.31
C ASN B 109 -27.09 -11.73 -2.34
N GLN B 110 -26.55 -12.81 -2.90
CA GLN B 110 -27.34 -14.04 -2.95
C GLN B 110 -27.52 -14.64 -1.55
N LEU B 111 -26.57 -14.39 -0.66
CA LEU B 111 -26.72 -14.82 0.73
C LEU B 111 -27.84 -14.03 1.42
N GLN B 112 -27.93 -12.74 1.12
CA GLN B 112 -29.06 -11.95 1.61
C GLN B 112 -30.37 -12.53 1.11
N SER B 113 -30.38 -12.94 -0.15
CA SER B 113 -31.58 -13.56 -0.71
C SER B 113 -31.94 -14.85 0.03
N ALA B 114 -30.93 -15.67 0.33
CA ALA B 114 -31.18 -17.00 0.87
C ALA B 114 -31.28 -17.04 2.39
N MET B 115 -30.92 -15.97 3.10
CA MET B 115 -30.82 -16.04 4.55
C MET B 115 -32.17 -16.34 5.19
N ARG B 116 -33.24 -15.76 4.66
CA ARG B 116 -34.56 -16.01 5.21
C ARG B 116 -34.93 -17.50 5.13
N LYS B 117 -34.61 -18.15 4.01
CA LYS B 117 -34.93 -19.56 3.84
C LYS B 117 -34.19 -20.45 4.83
N LEU B 118 -33.07 -19.99 5.36
CA LEU B 118 -32.29 -20.77 6.31
C LEU B 118 -33.01 -20.87 7.65
N PRO B 119 -32.70 -21.89 8.45
CA PRO B 119 -33.28 -21.97 9.80
C PRO B 119 -32.94 -20.75 10.63
N GLN B 120 -33.90 -20.35 11.47
CA GLN B 120 -33.73 -19.13 12.25
C GLN B 120 -32.59 -19.24 13.25
N ALA B 121 -32.33 -20.45 13.75
CA ALA B 121 -31.20 -20.64 14.65
C ALA B 121 -29.88 -20.32 13.95
N VAL B 122 -29.73 -20.79 12.71
CA VAL B 122 -28.53 -20.49 11.94
C VAL B 122 -28.44 -19.01 11.65
N GLN B 123 -29.58 -18.38 11.32
CA GLN B 123 -29.58 -16.95 11.06
C GLN B 123 -29.14 -16.16 12.28
N ASN B 124 -29.60 -16.56 13.46
CA ASN B 124 -29.16 -15.93 14.70
C ASN B 124 -27.67 -16.13 14.92
N GLN B 125 -27.19 -17.34 14.63
CA GLN B 125 -25.77 -17.63 14.79
C GLN B 125 -24.92 -16.77 13.85
N GLY B 126 -25.37 -16.61 12.61
CA GLY B 126 -24.66 -15.77 11.66
C GLY B 126 -24.00 -16.53 10.52
N VAL B 127 -24.09 -15.98 9.31
CA VAL B 127 -23.49 -16.57 8.13
C VAL B 127 -22.43 -15.62 7.60
N THR B 128 -21.24 -16.14 7.35
CA THR B 128 -20.08 -15.33 6.99
C THR B 128 -19.63 -15.63 5.57
N VAL B 129 -19.37 -14.58 4.81
CA VAL B 129 -18.86 -14.69 3.45
C VAL B 129 -17.52 -13.98 3.40
N ARG B 130 -16.49 -14.68 2.95
CA ARG B 130 -15.14 -14.13 2.94
C ARG B 130 -14.33 -14.82 1.83
N LYS B 131 -13.36 -14.09 1.30
CA LYS B 131 -12.42 -14.70 0.36
C LYS B 131 -11.40 -15.51 1.13
N THR B 132 -11.31 -16.80 0.83
CA THR B 132 -10.49 -17.72 1.61
C THR B 132 -9.09 -17.78 1.03
N GLY B 133 -8.12 -17.23 1.76
CA GLY B 133 -6.73 -17.45 1.46
C GLY B 133 -6.11 -18.41 2.46
N ASP B 134 -5.90 -19.66 2.03
CA ASP B 134 -5.43 -20.71 2.90
C ASP B 134 -3.95 -21.01 2.72
N THR B 135 -3.22 -20.16 2.02
CA THR B 135 -1.79 -20.38 1.82
C THR B 135 -1.05 -20.21 3.14
N ASN B 136 -0.46 -21.28 3.62
CA ASN B 136 0.32 -21.27 4.86
C ASN B 136 1.72 -20.79 4.52
N ILE B 137 1.97 -19.49 4.71
CA ILE B 137 3.25 -18.92 4.31
C ILE B 137 4.39 -19.50 5.14
N LEU B 138 4.20 -19.61 6.46
CA LEU B 138 5.21 -20.25 7.29
C LEU B 138 4.58 -20.76 8.56
N THR B 139 5.16 -21.82 9.10
CA THR B 139 4.74 -22.43 10.36
C THR B 139 5.89 -22.36 11.35
N ILE B 140 5.62 -21.83 12.53
CA ILE B 140 6.65 -21.58 13.54
C ILE B 140 6.41 -22.49 14.73
N ALA B 141 7.48 -23.09 15.24
CA ALA B 141 7.41 -23.98 16.40
C ALA B 141 8.19 -23.35 17.54
N PHE B 142 7.56 -23.28 18.72
CA PHE B 142 8.19 -22.75 19.92
C PHE B 142 8.48 -23.89 20.87
N VAL B 143 9.75 -24.10 21.18
CA VAL B 143 10.19 -25.23 22.00
C VAL B 143 11.02 -24.70 23.15
N SER B 144 10.78 -25.25 24.35
CA SER B 144 11.51 -24.86 25.55
C SER B 144 12.83 -25.61 25.59
N THR B 145 13.94 -24.88 25.48
CA THR B 145 15.25 -25.51 25.46
C THR B 145 15.58 -26.13 26.82
N ASP B 146 15.41 -25.36 27.89
CA ASP B 146 15.75 -25.86 29.22
C ASP B 146 14.78 -26.93 29.70
N GLY B 147 13.58 -26.96 29.14
CA GLY B 147 12.52 -27.81 29.65
C GLY B 147 11.79 -27.25 30.83
N SER B 148 12.15 -26.05 31.29
CA SER B 148 11.48 -25.45 32.45
C SER B 148 10.05 -25.05 32.11
N MET B 149 9.76 -24.79 30.85
CA MET B 149 8.44 -24.33 30.44
C MET B 149 7.65 -25.52 29.88
N ASP B 150 6.48 -25.77 30.47
CA ASP B 150 5.64 -26.87 30.04
C ASP B 150 4.98 -26.55 28.71
N LYS B 151 4.51 -27.60 28.03
CA LYS B 151 3.86 -27.43 26.73
C LYS B 151 2.66 -26.51 26.83
N GLN B 152 1.84 -26.68 27.87
CA GLN B 152 0.74 -25.76 28.09
C GLN B 152 1.23 -24.37 28.39
N ASP B 153 2.32 -24.25 29.15
CA ASP B 153 2.90 -22.95 29.43
C ASP B 153 3.41 -22.29 28.16
N ILE B 154 4.05 -23.08 27.28
CA ILE B 154 4.53 -22.55 26.00
C ILE B 154 3.34 -22.06 25.18
N ALA B 155 2.28 -22.86 25.11
CA ALA B 155 1.11 -22.48 24.33
C ALA B 155 0.48 -21.21 24.88
N ASP B 156 0.38 -21.12 26.20
CA ASP B 156 -0.20 -19.93 26.82
C ASP B 156 0.64 -18.69 26.52
N TYR B 157 1.96 -18.79 26.68
CA TYR B 157 2.82 -17.65 26.42
C TYR B 157 2.74 -17.23 24.97
N VAL B 158 2.73 -18.19 24.05
CA VAL B 158 2.67 -17.86 22.63
C VAL B 158 1.35 -17.16 22.32
N ALA B 159 0.24 -17.75 22.74
CA ALA B 159 -1.06 -17.17 22.43
C ALA B 159 -1.28 -15.85 23.15
N SER B 160 -0.51 -15.57 24.19
CA SER B 160 -0.69 -14.31 24.92
C SER B 160 0.19 -13.20 24.37
N ASN B 161 1.45 -13.49 24.07
CA ASN B 161 2.42 -12.45 23.76
C ASN B 161 2.90 -12.43 22.31
N ILE B 162 2.72 -13.51 21.56
CA ILE B 162 3.29 -13.64 20.24
C ILE B 162 2.23 -13.65 19.15
N GLN B 163 1.12 -14.36 19.37
CA GLN B 163 0.10 -14.47 18.33
C GLN B 163 -0.51 -13.11 18.01
N ASP B 164 -0.80 -12.32 19.05
CA ASP B 164 -1.45 -11.03 18.81
C ASP B 164 -0.58 -10.07 18.00
N PRO B 165 0.68 -9.82 18.35
CA PRO B 165 1.48 -8.93 17.49
C PRO B 165 1.72 -9.48 16.10
N LEU B 166 1.82 -10.80 15.95
CA LEU B 166 2.06 -11.37 14.64
C LEU B 166 0.84 -11.23 13.74
N SER B 167 -0.36 -11.26 14.34
CA SER B 167 -1.57 -11.10 13.53
C SER B 167 -1.64 -9.70 12.92
N ARG B 168 -1.01 -8.71 13.58
CA ARG B 168 -1.05 -7.34 13.10
C ARG B 168 0.00 -7.06 12.03
N VAL B 169 0.86 -8.03 11.70
CA VAL B 169 1.82 -7.84 10.64
C VAL B 169 1.08 -7.73 9.31
N ASN B 170 1.56 -6.85 8.43
CA ASN B 170 0.93 -6.64 7.14
C ASN B 170 0.91 -7.92 6.33
N GLY B 171 -0.25 -8.24 5.75
CA GLY B 171 -0.39 -9.40 4.91
C GLY B 171 -0.71 -10.70 5.63
N VAL B 172 -0.79 -10.67 6.96
CA VAL B 172 -1.12 -11.88 7.71
C VAL B 172 -2.64 -12.00 7.81
N GLY B 173 -3.23 -12.81 6.93
CA GLY B 173 -4.67 -12.94 6.93
C GLY B 173 -5.19 -13.59 8.20
N ASP B 174 -4.54 -14.66 8.65
CA ASP B 174 -4.97 -15.39 9.83
C ASP B 174 -3.81 -16.23 10.31
N ILE B 175 -3.54 -16.18 11.61
CA ILE B 175 -2.43 -16.92 12.20
C ILE B 175 -3.03 -18.02 13.08
N ASP B 176 -3.00 -19.24 12.57
CA ASP B 176 -3.52 -20.38 13.32
C ASP B 176 -2.62 -20.70 14.51
N ALA B 177 -3.23 -21.19 15.58
CA ALA B 177 -2.50 -21.53 16.80
C ALA B 177 -2.64 -23.03 17.04
N TYR B 178 -1.51 -23.73 17.11
CA TYR B 178 -1.48 -25.13 17.46
C TYR B 178 -1.37 -25.36 18.95
N GLY B 179 -1.74 -24.35 19.74
CA GLY B 179 -1.86 -24.48 21.18
C GLY B 179 -2.76 -23.39 21.68
N SER B 180 -3.47 -23.68 22.75
CA SER B 180 -4.49 -22.78 23.27
C SER B 180 -4.06 -22.20 24.60
N GLN B 181 -4.30 -20.91 24.78
CA GLN B 181 -3.94 -20.26 26.03
C GLN B 181 -4.84 -20.75 27.16
N TYR B 182 -4.42 -20.46 28.39
CA TYR B 182 -5.23 -20.81 29.54
C TYR B 182 -6.55 -20.05 29.52
N SER B 183 -7.56 -20.65 30.15
CA SER B 183 -8.85 -20.01 30.28
C SER B 183 -9.53 -20.51 31.54
N MET B 184 -10.36 -19.66 32.12
CA MET B 184 -11.09 -20.02 33.34
C MET B 184 -12.24 -20.94 32.95
N ARG B 185 -11.92 -22.21 32.80
CA ARG B 185 -12.92 -23.20 32.42
C ARG B 185 -13.66 -23.68 33.65
N ILE B 186 -14.98 -23.65 33.61
CA ILE B 186 -15.83 -24.04 34.72
C ILE B 186 -16.58 -25.29 34.31
N TRP B 187 -16.33 -26.40 35.01
CA TRP B 187 -16.93 -27.69 34.69
C TRP B 187 -18.17 -27.91 35.55
N LEU B 188 -19.34 -27.88 34.93
CA LEU B 188 -20.59 -28.08 35.65
C LEU B 188 -20.86 -29.56 35.84
N ASP B 189 -21.31 -29.93 37.04
CA ASP B 189 -21.77 -31.28 37.31
C ASP B 189 -23.29 -31.27 37.36
N PRO B 190 -23.99 -31.89 36.42
CA PRO B 190 -25.46 -31.86 36.47
C PRO B 190 -26.04 -32.49 37.72
N ALA B 191 -25.31 -33.40 38.36
CA ALA B 191 -25.78 -33.98 39.62
C ALA B 191 -25.94 -32.89 40.68
N LYS B 192 -24.90 -32.08 40.88
CA LYS B 192 -25.01 -30.98 41.83
C LYS B 192 -26.05 -29.96 41.38
N LEU B 193 -26.12 -29.70 40.07
CA LEU B 193 -27.07 -28.71 39.56
C LEU B 193 -28.50 -29.11 39.87
N ASN B 194 -28.82 -30.40 39.72
CA ASN B 194 -30.15 -30.88 40.09
C ASN B 194 -30.31 -30.97 41.60
N SER B 195 -29.21 -31.19 42.32
CA SER B 195 -29.27 -31.26 43.78
C SER B 195 -29.74 -29.94 44.38
N PHE B 196 -29.18 -28.83 43.91
CA PHE B 196 -29.52 -27.51 44.40
C PHE B 196 -30.63 -26.84 43.60
N GLN B 197 -31.21 -27.56 42.64
CA GLN B 197 -32.30 -27.03 41.82
C GLN B 197 -31.87 -25.78 41.05
N MET B 198 -30.63 -25.77 40.57
CA MET B 198 -30.09 -24.66 39.79
C MET B 198 -29.76 -25.17 38.40
N THR B 199 -30.26 -24.47 37.39
CA THR B 199 -29.95 -24.80 36.00
C THR B 199 -28.63 -24.15 35.59
N ALA B 200 -28.09 -24.61 34.47
CA ALA B 200 -26.88 -24.01 33.93
C ALA B 200 -27.09 -22.55 33.57
N LYS B 201 -28.32 -22.20 33.19
CA LYS B 201 -28.64 -20.81 32.89
C LYS B 201 -28.43 -19.92 34.11
N ASP B 202 -28.78 -20.40 35.30
CA ASP B 202 -28.57 -19.64 36.50
C ASP B 202 -27.08 -19.38 36.73
N VAL B 203 -26.26 -20.41 36.51
CA VAL B 203 -24.82 -20.26 36.67
C VAL B 203 -24.26 -19.24 35.68
N THR B 204 -24.70 -19.34 34.42
CA THR B 204 -24.23 -18.40 33.40
C THR B 204 -24.62 -16.98 33.76
N ASP B 205 -25.86 -16.78 34.20
CA ASP B 205 -26.33 -15.44 34.56
C ASP B 205 -25.57 -14.89 35.75
N ALA B 206 -25.30 -15.73 36.76
CA ALA B 206 -24.54 -15.27 37.90
C ALA B 206 -23.12 -14.89 37.51
N ILE B 207 -22.50 -15.68 36.64
CA ILE B 207 -21.15 -15.34 36.18
C ILE B 207 -21.17 -14.02 35.42
N GLU B 208 -22.19 -13.83 34.57
CA GLU B 208 -22.29 -12.58 33.81
C GLU B 208 -22.47 -11.38 34.74
N SER B 209 -23.32 -11.51 35.75
CA SER B 209 -23.62 -10.38 36.61
C SER B 209 -22.47 -10.06 37.57
N GLN B 210 -21.88 -11.09 38.18
CA GLN B 210 -20.86 -10.86 39.21
C GLN B 210 -19.52 -10.50 38.60
N ASN B 211 -19.15 -11.13 37.49
CA ASN B 211 -17.88 -10.85 36.83
C ASN B 211 -18.12 -9.82 35.73
N ALA B 212 -18.11 -8.55 36.12
CA ALA B 212 -18.40 -7.47 35.18
C ALA B 212 -17.64 -6.23 35.60
N GLN B 213 -17.55 -5.28 34.66
CA GLN B 213 -16.85 -4.01 34.88
C GLN B 213 -17.66 -2.94 34.18
N ILE B 214 -18.41 -2.16 34.94
CA ILE B 214 -19.31 -1.16 34.39
C ILE B 214 -18.98 0.20 34.95
N ALA B 215 -18.94 1.20 34.07
CA ALA B 215 -18.77 2.58 34.50
C ALA B 215 -20.13 3.20 34.74
N VAL B 216 -20.31 3.80 35.92
CA VAL B 216 -21.60 4.28 36.37
C VAL B 216 -21.66 5.80 36.46
N GLY B 217 -20.65 6.50 35.99
CA GLY B 217 -20.69 7.94 36.05
C GLY B 217 -19.39 8.55 36.53
N GLN B 218 -19.47 9.74 37.14
CA GLN B 218 -18.26 10.42 37.59
C GLN B 218 -18.47 11.00 38.97
N LEU B 219 -17.46 10.86 39.82
CA LEU B 219 -17.41 11.53 41.12
C LEU B 219 -16.99 12.97 40.87
N GLY B 220 -17.93 13.89 41.02
CA GLY B 220 -17.64 15.28 40.73
C GLY B 220 -17.99 15.66 39.31
N GLY B 221 -19.22 15.37 38.90
CA GLY B 221 -19.65 15.64 37.54
C GLY B 221 -19.68 17.13 37.25
N THR B 222 -19.82 17.44 35.96
CA THR B 222 -19.64 18.81 35.48
C THR B 222 -20.51 19.85 36.19
N PRO B 223 -21.81 19.62 36.45
CA PRO B 223 -22.56 20.59 37.26
C PRO B 223 -22.18 20.52 38.73
N SER B 224 -20.89 20.71 39.01
CA SER B 224 -20.32 20.43 40.32
C SER B 224 -20.70 21.52 41.32
N VAL B 225 -20.39 21.25 42.59
CA VAL B 225 -20.57 22.23 43.66
C VAL B 225 -19.51 23.30 43.51
N ASP B 226 -19.64 24.39 44.28
CA ASP B 226 -18.81 25.57 44.06
C ASP B 226 -17.33 25.25 44.13
N LYS B 227 -16.90 24.49 45.14
CA LYS B 227 -15.48 24.35 45.42
C LYS B 227 -15.10 22.89 45.66
N GLN B 228 -15.52 22.01 44.76
CA GLN B 228 -15.06 20.63 44.83
C GLN B 228 -13.58 20.56 44.40
N ALA B 229 -12.93 19.47 44.81
CA ALA B 229 -11.50 19.31 44.59
C ALA B 229 -11.11 18.16 43.67
N LEU B 230 -11.98 17.18 43.45
CA LEU B 230 -11.60 15.98 42.73
C LEU B 230 -12.68 15.58 41.75
N ASN B 231 -12.29 15.26 40.53
CA ASN B 231 -13.18 14.74 39.51
C ASN B 231 -12.64 13.39 39.06
N ALA B 232 -13.42 12.32 39.31
CA ALA B 232 -12.96 10.97 39.04
C ALA B 232 -14.08 10.14 38.45
N THR B 233 -13.69 9.16 37.63
CA THR B 233 -14.64 8.19 37.10
C THR B 233 -14.98 7.15 38.17
N ILE B 234 -16.17 6.58 38.06
CA ILE B 234 -16.65 5.58 39.02
C ILE B 234 -16.99 4.32 38.26
N ASN B 235 -16.46 3.19 38.73
CA ASN B 235 -16.72 1.88 38.14
C ASN B 235 -17.56 1.03 39.08
N ALA B 236 -18.52 0.30 38.51
CA ALA B 236 -19.48 -0.44 39.32
C ALA B 236 -18.81 -1.58 40.09
N GLN B 237 -17.97 -2.36 39.42
CA GLN B 237 -17.31 -3.48 40.08
C GLN B 237 -16.07 -3.84 39.25
N SER B 238 -15.46 -4.98 39.58
CA SER B 238 -14.21 -5.39 38.97
C SER B 238 -14.35 -6.78 38.38
N LEU B 239 -13.41 -7.10 37.48
CA LEU B 239 -13.34 -8.42 36.88
C LEU B 239 -12.57 -9.37 37.80
N LEU B 240 -13.11 -10.57 37.97
CA LEU B 240 -12.46 -11.56 38.82
C LEU B 240 -11.12 -11.97 38.22
N GLN B 241 -10.17 -12.30 39.10
CA GLN B 241 -8.83 -12.67 38.66
C GLN B 241 -8.48 -14.11 39.05
N THR B 242 -8.58 -14.45 40.31
CA THR B 242 -8.13 -15.79 40.65
C THR B 242 -9.26 -16.80 40.51
N PRO B 243 -8.92 -18.07 40.29
CA PRO B 243 -9.97 -19.10 40.27
C PRO B 243 -10.77 -19.18 41.56
N GLU B 244 -10.15 -18.82 42.69
CA GLU B 244 -10.86 -18.88 43.97
C GLU B 244 -12.04 -17.92 43.99
N GLN B 245 -11.88 -16.74 43.40
CA GLN B 245 -12.99 -15.79 43.33
C GLN B 245 -14.17 -16.38 42.57
N PHE B 246 -13.87 -17.13 41.50
CA PHE B 246 -14.94 -17.80 40.76
C PHE B 246 -15.63 -18.85 41.62
N ARG B 247 -14.88 -19.55 42.46
CA ARG B 247 -15.49 -20.53 43.35
C ARG B 247 -16.40 -19.88 44.37
N ASP B 248 -16.24 -18.59 44.61
CA ASP B 248 -17.01 -17.87 45.61
C ASP B 248 -18.21 -17.14 45.03
N ILE B 249 -18.51 -17.34 43.75
CA ILE B 249 -19.72 -16.75 43.16
C ILE B 249 -20.94 -17.32 43.89
N THR B 250 -21.87 -16.43 44.25
CA THR B 250 -22.88 -16.78 45.23
C THR B 250 -23.94 -17.71 44.66
N LEU B 251 -24.60 -17.30 43.58
CA LEU B 251 -25.61 -18.07 42.86
C LEU B 251 -26.93 -18.23 43.62
N ARG B 252 -26.92 -18.00 44.94
CA ARG B 252 -28.12 -18.09 45.76
C ARG B 252 -27.74 -17.78 47.20
N VAL B 253 -28.67 -17.20 47.95
CA VAL B 253 -28.59 -17.13 49.41
C VAL B 253 -29.91 -17.63 49.96
N ASN B 254 -29.86 -18.70 50.75
CA ASN B 254 -31.05 -19.24 51.36
C ASN B 254 -31.51 -18.37 52.52
N GLN B 255 -32.77 -18.59 52.93
CA GLN B 255 -33.30 -17.84 54.07
C GLN B 255 -32.53 -18.16 55.34
N ASP B 256 -32.07 -19.41 55.49
CA ASP B 256 -31.28 -19.78 56.65
C ASP B 256 -29.92 -19.10 56.66
N GLY B 257 -29.46 -18.59 55.53
CA GLY B 257 -28.17 -17.96 55.40
C GLY B 257 -27.17 -18.74 54.56
N SER B 258 -27.48 -19.99 54.22
CA SER B 258 -26.58 -20.78 53.40
C SER B 258 -26.56 -20.27 51.97
N GLU B 259 -25.38 -20.28 51.36
CA GLU B 259 -25.20 -19.84 49.98
C GLU B 259 -24.72 -21.01 49.12
N VAL B 260 -25.28 -21.13 47.92
CA VAL B 260 -24.92 -22.22 47.01
C VAL B 260 -23.81 -21.68 46.12
N ARG B 261 -22.59 -21.72 46.65
CA ARG B 261 -21.44 -21.16 45.94
C ARG B 261 -21.19 -21.91 44.64
N LEU B 262 -20.47 -21.25 43.73
CA LEU B 262 -20.15 -21.87 42.44
C LEU B 262 -19.27 -23.09 42.64
N GLY B 263 -18.30 -23.01 43.55
CA GLY B 263 -17.46 -24.16 43.83
C GLY B 263 -18.24 -25.32 44.39
N ASP B 264 -19.39 -25.05 45.01
CA ASP B 264 -20.22 -26.13 45.53
C ASP B 264 -20.95 -26.88 44.42
N VAL B 265 -21.20 -26.23 43.29
CA VAL B 265 -21.96 -26.83 42.20
C VAL B 265 -21.12 -27.11 40.98
N ALA B 266 -19.86 -26.70 40.97
CA ALA B 266 -19.00 -26.90 39.80
C ALA B 266 -17.54 -26.83 40.24
N THR B 267 -16.65 -27.12 39.30
CA THR B 267 -15.21 -27.04 39.52
C THR B 267 -14.63 -26.10 38.49
N VAL B 268 -13.81 -25.15 38.94
CA VAL B 268 -13.20 -24.16 38.06
C VAL B 268 -11.70 -24.42 38.01
N GLU B 269 -11.13 -24.29 36.81
CA GLU B 269 -9.71 -24.52 36.59
C GLU B 269 -9.21 -23.54 35.54
N MET B 270 -7.98 -23.07 35.73
CA MET B 270 -7.34 -22.23 34.72
C MET B 270 -6.50 -23.10 33.78
N GLY B 271 -7.17 -24.08 33.20
CA GLY B 271 -6.53 -25.04 32.31
C GLY B 271 -6.61 -24.63 30.87
N ALA B 272 -6.44 -25.62 29.99
CA ALA B 272 -6.51 -25.43 28.55
C ALA B 272 -7.65 -26.26 27.99
N GLU B 273 -7.74 -26.30 26.66
CA GLU B 273 -8.82 -27.02 26.00
C GLU B 273 -8.74 -28.51 26.32
N LYS B 274 -9.89 -29.19 26.19
CA LYS B 274 -9.94 -30.61 26.47
C LYS B 274 -9.07 -31.39 25.49
N TYR B 275 -9.12 -31.04 24.20
CA TYR B 275 -8.35 -31.72 23.16
C TYR B 275 -7.54 -30.66 22.42
N ASP B 276 -6.34 -30.38 22.93
CA ASP B 276 -5.45 -29.43 22.29
C ASP B 276 -4.46 -30.17 21.41
N TYR B 277 -4.00 -29.52 20.36
CA TYR B 277 -3.01 -30.09 19.47
C TYR B 277 -1.78 -30.55 20.25
N LEU B 278 -1.44 -31.83 20.11
CA LEU B 278 -0.24 -32.37 20.75
C LEU B 278 0.95 -32.19 19.82
N SER B 279 1.26 -30.93 19.54
CA SER B 279 2.33 -30.60 18.61
C SER B 279 3.69 -30.98 19.18
N ARG B 280 4.56 -31.48 18.31
CA ARG B 280 5.91 -31.88 18.69
C ARG B 280 6.90 -31.40 17.64
N PHE B 281 8.13 -31.16 18.06
CA PHE B 281 9.19 -30.70 17.17
C PHE B 281 10.46 -31.48 17.47
N ASN B 282 10.89 -32.30 16.51
CA ASN B 282 12.08 -33.12 16.65
C ASN B 282 12.02 -33.97 17.91
N GLY B 283 10.84 -34.54 18.18
CA GLY B 283 10.68 -35.39 19.33
C GLY B 283 10.64 -34.67 20.66
N LYS B 284 10.30 -33.38 20.66
CA LYS B 284 10.22 -32.60 21.88
C LYS B 284 8.89 -31.86 21.94
N PRO B 285 8.33 -31.68 23.13
CA PRO B 285 7.04 -30.97 23.24
C PRO B 285 7.20 -29.51 22.84
N ALA B 286 6.26 -29.03 22.03
CA ALA B 286 6.34 -27.67 21.51
C ALA B 286 4.96 -27.23 21.07
N SER B 287 4.80 -25.92 20.94
CA SER B 287 3.60 -25.31 20.39
C SER B 287 3.91 -24.73 19.02
N GLY B 288 2.87 -24.38 18.28
CA GLY B 288 3.04 -23.95 16.91
C GLY B 288 2.16 -22.78 16.54
N LEU B 289 2.58 -22.07 15.50
CA LEU B 289 1.81 -21.00 14.90
C LEU B 289 1.78 -21.22 13.40
N GLY B 290 0.58 -21.21 12.83
CA GLY B 290 0.44 -21.31 11.39
C GLY B 290 0.03 -19.99 10.78
N VAL B 291 0.95 -19.29 10.14
CA VAL B 291 0.68 -17.99 9.55
C VAL B 291 0.15 -18.19 8.14
N LYS B 292 -1.00 -17.60 7.85
CA LYS B 292 -1.62 -17.70 6.54
C LYS B 292 -1.55 -16.36 5.82
N LEU B 293 -1.15 -16.40 4.55
CA LEU B 293 -0.95 -15.20 3.76
C LEU B 293 -2.29 -14.61 3.35
N ALA B 294 -2.47 -13.31 3.60
CA ALA B 294 -3.70 -12.64 3.23
C ALA B 294 -3.82 -12.54 1.71
N SER B 295 -5.06 -12.53 1.23
CA SER B 295 -5.31 -12.47 -0.21
C SER B 295 -4.69 -11.21 -0.80
N GLY B 296 -4.07 -11.37 -1.96
CA GLY B 296 -3.45 -10.26 -2.66
C GLY B 296 -2.29 -9.63 -1.92
N ALA B 297 -1.39 -10.45 -1.41
CA ALA B 297 -0.23 -9.97 -0.67
C ALA B 297 1.01 -10.74 -1.12
N ASN B 298 2.16 -10.09 -0.99
CA ASN B 298 3.42 -10.69 -1.43
C ASN B 298 3.93 -11.63 -0.35
N GLU B 299 4.11 -12.90 -0.70
CA GLU B 299 4.52 -13.90 0.28
C GLU B 299 5.88 -13.58 0.88
N MET B 300 6.84 -13.20 0.05
CA MET B 300 8.19 -12.97 0.54
C MET B 300 8.23 -11.79 1.51
N ALA B 301 7.58 -10.68 1.16
CA ALA B 301 7.59 -9.52 2.04
C ALA B 301 6.90 -9.81 3.35
N THR B 302 5.76 -10.49 3.30
CA THR B 302 5.03 -10.82 4.52
C THR B 302 5.85 -11.74 5.41
N ALA B 303 6.49 -12.76 4.82
CA ALA B 303 7.30 -13.67 5.61
C ALA B 303 8.49 -12.94 6.23
N GLU B 304 9.12 -12.04 5.48
CA GLU B 304 10.22 -11.27 6.03
C GLU B 304 9.77 -10.40 7.19
N LEU B 305 8.60 -9.77 7.06
CA LEU B 305 8.09 -8.93 8.14
C LEU B 305 7.77 -9.77 9.38
N VAL B 306 7.12 -10.90 9.16
CA VAL B 306 6.75 -11.77 10.27
C VAL B 306 7.99 -12.28 10.94
N LEU B 307 8.91 -12.79 10.14
CA LEU B 307 10.15 -13.27 10.71
C LEU B 307 10.81 -12.11 11.43
N ASN B 308 10.82 -10.94 10.80
CA ASN B 308 11.44 -9.79 11.42
C ASN B 308 10.84 -9.52 12.77
N ARG B 309 9.51 -9.42 12.83
CA ARG B 309 8.86 -9.14 14.10
C ARG B 309 9.15 -10.23 15.10
N LEU B 310 9.11 -11.48 14.65
CA LEU B 310 9.33 -12.59 15.56
C LEU B 310 10.71 -12.49 16.14
N ASP B 311 11.67 -12.07 15.32
CA ASP B 311 13.03 -11.89 15.82
C ASP B 311 13.01 -10.88 16.93
N GLU B 312 12.31 -9.77 16.71
CA GLU B 312 12.22 -8.75 17.74
C GLU B 312 11.59 -9.34 18.99
N LEU B 313 10.47 -10.03 18.81
CA LEU B 313 9.77 -10.59 19.96
C LEU B 313 10.68 -11.58 20.67
N ALA B 314 11.48 -12.30 19.92
CA ALA B 314 12.37 -13.29 20.50
C ALA B 314 13.27 -12.64 21.52
N GLN B 315 13.71 -11.43 21.24
CA GLN B 315 14.62 -10.74 22.14
C GLN B 315 14.03 -10.62 23.52
N TYR B 316 12.71 -10.83 23.64
CA TYR B 316 12.06 -10.66 24.93
C TYR B 316 11.36 -11.92 25.39
N PHE B 317 11.92 -13.07 25.06
CA PHE B 317 11.33 -14.34 25.46
C PHE B 317 11.80 -14.71 26.86
N PRO B 318 10.99 -15.48 27.60
CA PRO B 318 11.46 -16.03 28.87
C PRO B 318 12.65 -16.95 28.64
N HIS B 319 13.50 -17.03 29.66
CA HIS B 319 14.72 -17.83 29.55
C HIS B 319 14.38 -19.27 29.17
N GLY B 320 15.04 -19.76 28.12
CA GLY B 320 14.86 -21.12 27.67
C GLY B 320 13.84 -21.34 26.58
N LEU B 321 13.27 -20.27 26.02
CA LEU B 321 12.27 -20.38 24.97
C LEU B 321 12.83 -19.82 23.68
N GLU B 322 12.72 -20.59 22.60
CA GLU B 322 13.21 -20.15 21.29
C GLU B 322 12.24 -20.62 20.21
N TYR B 323 12.26 -19.94 19.07
CA TYR B 323 11.32 -20.29 18.00
C TYR B 323 12.03 -20.98 16.87
N LYS B 324 11.36 -21.94 16.25
CA LYS B 324 11.94 -22.66 15.14
C LYS B 324 11.04 -22.52 13.93
N VAL B 325 11.64 -22.39 12.77
CA VAL B 325 10.86 -22.27 11.54
C VAL B 325 10.69 -23.68 10.98
N ALA B 326 9.54 -24.29 11.27
CA ALA B 326 9.29 -25.66 10.82
C ALA B 326 8.99 -25.72 9.34
N TYR B 327 8.28 -24.71 8.82
CA TYR B 327 7.84 -24.69 7.43
C TYR B 327 8.11 -23.30 6.87
N GLU B 328 8.93 -23.22 5.83
CA GLU B 328 9.30 -21.96 5.22
C GLU B 328 9.24 -22.07 3.71
N THR B 329 8.61 -21.09 3.07
CA THR B 329 8.47 -21.11 1.62
C THR B 329 9.47 -20.20 0.90
N THR B 330 9.87 -19.10 1.53
CA THR B 330 10.69 -18.12 0.84
C THR B 330 12.08 -18.64 0.52
N SER B 331 12.55 -19.65 1.25
CA SER B 331 13.87 -20.21 0.96
C SER B 331 13.92 -20.74 -0.46
N PHE B 332 12.92 -21.53 -0.85
CA PHE B 332 12.89 -22.08 -2.20
C PHE B 332 12.74 -20.98 -3.23
N VAL B 333 11.93 -19.96 -2.94
CA VAL B 333 11.74 -18.87 -3.90
C VAL B 333 13.06 -18.16 -4.16
N LYS B 334 13.79 -17.84 -3.10
CA LYS B 334 15.07 -17.18 -3.26
C LYS B 334 16.05 -18.07 -4.02
N ALA B 335 16.10 -19.35 -3.67
CA ALA B 335 17.02 -20.26 -4.35
C ALA B 335 16.71 -20.34 -5.84
N SER B 336 15.43 -20.49 -6.18
CA SER B 336 15.04 -20.62 -7.57
C SER B 336 15.33 -19.34 -8.35
N ILE B 337 15.02 -18.18 -7.78
CA ILE B 337 15.26 -16.93 -8.48
C ILE B 337 16.75 -16.72 -8.71
N GLU B 338 17.58 -17.00 -7.69
CA GLU B 338 19.01 -16.84 -7.85
C GLU B 338 19.54 -17.82 -8.90
N ASP B 339 19.02 -19.04 -8.91
CA ASP B 339 19.45 -20.02 -9.91
C ASP B 339 19.09 -19.55 -11.32
N VAL B 340 17.90 -18.98 -11.49
CA VAL B 340 17.50 -18.50 -12.82
C VAL B 340 18.36 -17.31 -13.22
N VAL B 341 18.74 -16.47 -12.27
CA VAL B 341 19.64 -15.35 -12.56
C VAL B 341 21.00 -15.87 -13.02
N LYS B 342 21.51 -16.89 -12.33
CA LYS B 342 22.77 -17.50 -12.76
C LYS B 342 22.64 -18.10 -14.16
N THR B 343 21.50 -18.73 -14.44
CA THR B 343 21.25 -19.27 -15.77
C THR B 343 21.24 -18.17 -16.83
N LEU B 344 20.63 -17.04 -16.51
CA LEU B 344 20.58 -15.92 -17.45
C LEU B 344 21.97 -15.37 -17.72
N LEU B 345 22.79 -15.22 -16.67
CA LEU B 345 24.14 -14.72 -16.86
C LEU B 345 24.98 -15.70 -17.68
N GLU B 346 24.83 -17.00 -17.41
CA GLU B 346 25.55 -18.00 -18.18
C GLU B 346 25.08 -17.98 -19.64
N ALA B 347 23.78 -17.76 -19.86
CA ALA B 347 23.27 -17.64 -21.22
C ALA B 347 23.87 -16.46 -21.94
N ILE B 348 23.99 -15.32 -21.26
CA ILE B 348 24.64 -14.16 -21.87
C ILE B 348 26.08 -14.48 -22.22
N ALA B 349 26.79 -15.15 -21.31
CA ALA B 349 28.19 -15.50 -21.58
C ALA B 349 28.30 -16.41 -22.80
N LEU B 350 27.44 -17.43 -22.88
CA LEU B 350 27.52 -18.36 -24.00
C LEU B 350 27.12 -17.70 -25.31
N VAL B 351 26.14 -16.80 -25.27
CA VAL B 351 25.79 -16.05 -26.47
C VAL B 351 26.95 -15.19 -26.93
N PHE B 352 27.63 -14.54 -26.00
CA PHE B 352 28.82 -13.77 -26.35
C PHE B 352 29.87 -14.66 -27.00
N LEU B 353 30.11 -15.83 -26.42
CA LEU B 353 31.15 -16.72 -26.96
C LEU B 353 30.79 -17.20 -28.37
N VAL B 354 29.54 -17.60 -28.57
CA VAL B 354 29.16 -18.13 -29.88
C VAL B 354 29.17 -17.02 -30.93
N MET B 355 28.81 -15.80 -30.55
CA MET B 355 28.92 -14.69 -31.49
C MET B 355 30.38 -14.39 -31.79
N TYR B 356 31.25 -14.48 -30.78
CA TYR B 356 32.68 -14.23 -31.00
C TYR B 356 33.27 -15.27 -31.93
N LEU B 357 32.75 -16.51 -31.88
CA LEU B 357 33.23 -17.55 -32.77
C LEU B 357 33.06 -17.16 -34.23
N PHE B 358 31.86 -16.72 -34.60
CA PHE B 358 31.62 -16.33 -35.99
C PHE B 358 32.23 -14.98 -36.31
N LEU B 359 32.17 -14.04 -35.38
CA LEU B 359 32.72 -12.69 -35.56
C LEU B 359 33.97 -12.59 -34.69
N GLN B 360 35.13 -12.83 -35.31
CA GLN B 360 36.38 -12.84 -34.57
C GLN B 360 36.68 -11.48 -33.95
N ASN B 361 36.19 -10.40 -34.56
CA ASN B 361 36.44 -9.07 -34.01
C ASN B 361 35.75 -8.93 -32.66
N PHE B 362 36.48 -8.39 -31.68
CA PHE B 362 35.91 -8.23 -30.34
C PHE B 362 34.81 -7.17 -30.34
N ARG B 363 35.02 -6.07 -31.04
CA ARG B 363 34.00 -5.01 -31.10
C ARG B 363 32.74 -5.51 -31.80
N ALA B 364 32.93 -6.27 -32.88
CA ALA B 364 31.78 -6.84 -33.58
C ALA B 364 31.02 -7.82 -32.69
N THR B 365 31.72 -8.42 -31.72
CA THR B 365 31.03 -9.27 -30.75
C THR B 365 30.31 -8.43 -29.70
N LEU B 366 30.93 -7.31 -29.31
CA LEU B 366 30.32 -6.46 -28.29
C LEU B 366 29.02 -5.85 -28.78
N ILE B 367 28.98 -5.43 -30.04
CA ILE B 367 27.85 -4.65 -30.55
C ILE B 367 26.51 -5.37 -30.34
N PRO B 368 26.36 -6.66 -30.65
CA PRO B 368 25.10 -7.32 -30.28
C PRO B 368 24.98 -7.58 -28.79
N THR B 369 26.11 -7.78 -28.11
CA THR B 369 26.06 -8.05 -26.68
C THR B 369 25.47 -6.86 -25.91
N ILE B 370 25.82 -5.64 -26.33
CA ILE B 370 25.29 -4.45 -25.67
C ILE B 370 23.78 -4.39 -25.78
N ALA B 371 23.21 -5.01 -26.81
CA ALA B 371 21.76 -5.00 -26.96
C ALA B 371 21.08 -5.78 -25.85
N VAL B 372 21.76 -6.77 -25.28
CA VAL B 372 21.15 -7.62 -24.26
C VAL B 372 20.79 -6.82 -23.01
N PRO B 373 21.70 -6.08 -22.38
CA PRO B 373 21.29 -5.29 -21.20
C PRO B 373 20.21 -4.27 -21.52
N VAL B 374 20.31 -3.61 -22.69
CA VAL B 374 19.35 -2.57 -23.02
C VAL B 374 17.95 -3.14 -23.16
N VAL B 375 17.82 -4.21 -23.96
CA VAL B 375 16.51 -4.82 -24.18
C VAL B 375 16.00 -5.46 -22.89
N LEU B 376 16.89 -6.06 -22.11
CA LEU B 376 16.49 -6.70 -20.87
C LEU B 376 15.92 -5.68 -19.89
N MET B 377 16.60 -4.55 -19.72
CA MET B 377 16.14 -3.55 -18.77
C MET B 377 14.91 -2.82 -19.30
N GLY B 378 14.80 -2.65 -20.62
CA GLY B 378 13.56 -2.15 -21.17
C GLY B 378 12.39 -3.09 -20.91
N THR B 379 12.64 -4.39 -20.99
CA THR B 379 11.61 -5.36 -20.67
C THR B 379 11.21 -5.28 -19.20
N PHE B 380 12.19 -5.07 -18.33
CA PHE B 380 11.87 -4.89 -16.91
C PHE B 380 11.03 -3.63 -16.71
N SER B 381 11.35 -2.56 -17.43
CA SER B 381 10.53 -1.34 -17.36
C SER B 381 9.10 -1.63 -17.82
N VAL B 382 8.95 -2.38 -18.90
CA VAL B 382 7.62 -2.73 -19.40
C VAL B 382 6.87 -3.55 -18.37
N LEU B 383 7.56 -4.50 -17.72
CA LEU B 383 6.93 -5.30 -16.68
C LEU B 383 6.46 -4.40 -15.53
N TYR B 384 7.29 -3.44 -15.14
CA TYR B 384 6.91 -2.54 -14.05
C TYR B 384 5.71 -1.69 -14.43
N ALA B 385 5.67 -1.22 -15.67
CA ALA B 385 4.57 -0.36 -16.11
C ALA B 385 3.24 -1.10 -16.08
N PHE B 386 3.24 -2.37 -16.50
CA PHE B 386 2.02 -3.16 -16.55
C PHE B 386 1.68 -3.82 -15.22
N GLY B 387 2.48 -3.60 -14.19
CA GLY B 387 2.16 -4.14 -12.89
C GLY B 387 2.56 -5.57 -12.68
N TYR B 388 3.38 -6.14 -13.56
CA TYR B 388 3.84 -7.51 -13.39
C TYR B 388 4.97 -7.55 -12.38
N SER B 389 5.45 -8.75 -12.08
CA SER B 389 6.43 -8.95 -11.02
C SER B 389 7.53 -9.87 -11.52
N VAL B 390 8.62 -9.93 -10.75
CA VAL B 390 9.74 -10.83 -11.05
C VAL B 390 9.39 -12.18 -10.45
N ASN B 391 8.94 -13.10 -11.29
CA ASN B 391 8.60 -14.46 -10.87
C ASN B 391 9.31 -15.44 -11.76
N THR B 392 9.13 -16.73 -11.46
CA THR B 392 9.78 -17.77 -12.25
C THR B 392 9.34 -17.72 -13.70
N LEU B 393 8.06 -17.43 -13.94
CA LEU B 393 7.56 -17.38 -15.31
C LEU B 393 8.20 -16.23 -16.09
N THR B 394 8.25 -15.04 -15.50
CA THR B 394 8.84 -13.91 -16.19
C THR B 394 10.33 -14.11 -16.41
N MET B 395 11.04 -14.69 -15.43
CA MET B 395 12.46 -14.92 -15.60
C MET B 395 12.74 -15.98 -16.66
N PHE B 396 11.91 -17.02 -16.71
CA PHE B 396 12.03 -18.00 -17.79
C PHE B 396 11.80 -17.34 -19.13
N ALA B 397 10.80 -16.45 -19.21
CA ALA B 397 10.55 -15.73 -20.45
C ALA B 397 11.74 -14.86 -20.83
N MET B 398 12.40 -14.27 -19.84
CA MET B 398 13.58 -13.45 -20.11
C MET B 398 14.72 -14.29 -20.68
N VAL B 399 14.97 -15.44 -20.06
CA VAL B 399 16.05 -16.31 -20.54
C VAL B 399 15.74 -16.81 -21.94
N LEU B 400 14.48 -17.13 -22.21
CA LEU B 400 14.08 -17.47 -23.57
C LEU B 400 14.27 -16.28 -24.51
N ALA B 401 13.98 -15.07 -24.02
CA ALA B 401 14.03 -13.90 -24.86
C ALA B 401 15.43 -13.60 -25.35
N ILE B 402 16.43 -13.76 -24.49
CA ILE B 402 17.82 -13.40 -24.81
C ILE B 402 18.23 -13.82 -26.22
N GLY B 403 18.07 -15.11 -26.52
CA GLY B 403 18.48 -15.61 -27.83
C GLY B 403 17.68 -15.02 -28.96
N LEU B 404 16.40 -14.73 -28.71
CA LEU B 404 15.56 -14.13 -29.74
C LEU B 404 15.93 -12.66 -29.97
N LEU B 405 16.17 -11.93 -28.89
CA LEU B 405 16.41 -10.50 -29.00
C LEU B 405 17.77 -10.20 -29.60
N VAL B 406 18.74 -11.10 -29.41
CA VAL B 406 20.03 -10.88 -30.06
C VAL B 406 19.99 -11.14 -31.56
N ASP B 407 18.88 -11.67 -32.08
CA ASP B 407 18.85 -12.08 -33.48
C ASP B 407 19.03 -10.91 -34.43
N ASP B 408 18.23 -9.86 -34.26
CA ASP B 408 18.31 -8.72 -35.18
C ASP B 408 19.67 -8.03 -35.08
N ALA B 409 20.19 -7.88 -33.87
CA ALA B 409 21.51 -7.27 -33.70
C ALA B 409 22.57 -8.11 -34.41
N ILE B 410 22.50 -9.43 -34.27
CA ILE B 410 23.45 -10.31 -34.93
C ILE B 410 23.35 -10.15 -36.44
N VAL B 411 22.12 -10.12 -36.96
CA VAL B 411 21.92 -9.99 -38.41
C VAL B 411 22.56 -8.70 -38.92
N VAL B 412 22.29 -7.59 -38.23
CA VAL B 412 22.84 -6.31 -38.66
C VAL B 412 24.36 -6.34 -38.63
N VAL B 413 24.93 -6.82 -37.52
CA VAL B 413 26.38 -6.79 -37.36
C VAL B 413 27.06 -7.63 -38.44
N GLU B 414 26.52 -8.82 -38.69
CA GLU B 414 27.20 -9.70 -39.64
C GLU B 414 26.97 -9.25 -41.08
N ASN B 415 25.82 -8.63 -41.37
CA ASN B 415 25.66 -8.07 -42.70
C ASN B 415 26.64 -6.94 -42.94
N VAL B 416 26.86 -6.09 -41.92
CA VAL B 416 27.87 -5.04 -42.03
C VAL B 416 29.24 -5.66 -42.23
N GLU B 417 29.55 -6.72 -41.49
CA GLU B 417 30.84 -7.38 -41.63
C GLU B 417 31.03 -7.95 -43.02
N ARG B 418 29.99 -8.58 -43.56
CA ARG B 418 30.08 -9.15 -44.91
C ARG B 418 30.30 -8.05 -45.94
N ILE B 419 29.56 -6.94 -45.82
CA ILE B 419 29.73 -5.85 -46.78
C ILE B 419 31.14 -5.26 -46.68
N MET B 420 31.65 -5.11 -45.46
CA MET B 420 33.01 -4.60 -45.29
C MET B 420 34.03 -5.54 -45.90
N SER B 421 33.86 -6.85 -45.70
CA SER B 421 34.85 -7.81 -46.16
C SER B 421 34.82 -7.95 -47.68
N GLU B 422 33.63 -8.04 -48.27
CA GLU B 422 33.50 -8.29 -49.72
C GLU B 422 33.69 -6.99 -50.50
N GLU B 423 32.79 -6.03 -50.30
CA GLU B 423 32.82 -4.81 -51.10
C GLU B 423 33.96 -3.88 -50.68
N GLY B 424 34.47 -4.04 -49.47
CA GLY B 424 35.56 -3.20 -49.01
C GLY B 424 35.17 -1.82 -48.57
N LEU B 425 33.87 -1.56 -48.35
CA LEU B 425 33.41 -0.24 -47.98
C LEU B 425 33.85 0.12 -46.57
N THR B 426 33.77 1.41 -46.26
CA THR B 426 34.01 1.89 -44.91
C THR B 426 32.88 1.47 -43.99
N PRO B 427 33.13 1.41 -42.68
CA PRO B 427 32.06 0.99 -41.76
C PRO B 427 30.79 1.82 -41.87
N ARG B 428 30.90 3.12 -42.10
CA ARG B 428 29.71 3.96 -42.21
C ARG B 428 28.90 3.61 -43.45
N GLU B 429 29.55 3.57 -44.61
CA GLU B 429 28.85 3.20 -45.84
C GLU B 429 28.34 1.77 -45.78
N ALA B 430 29.13 0.87 -45.19
CA ALA B 430 28.70 -0.51 -45.05
C ALA B 430 27.45 -0.60 -44.19
N THR B 431 27.41 0.16 -43.09
CA THR B 431 26.22 0.17 -42.24
C THR B 431 25.01 0.72 -42.99
N ARG B 432 25.22 1.79 -43.75
CA ARG B 432 24.14 2.36 -44.55
C ARG B 432 23.55 1.31 -45.50
N LYS B 433 24.43 0.65 -46.27
CA LYS B 433 23.97 -0.33 -47.23
C LYS B 433 23.33 -1.53 -46.53
N SER B 434 23.89 -1.95 -45.40
CA SER B 434 23.33 -3.09 -44.68
C SER B 434 21.93 -2.79 -44.19
N MET B 435 21.72 -1.60 -43.62
CA MET B 435 20.37 -1.24 -43.18
C MET B 435 19.42 -1.18 -44.36
N GLY B 436 19.87 -0.59 -45.47
CA GLY B 436 19.01 -0.54 -46.65
C GLY B 436 18.64 -1.91 -47.16
N GLN B 437 19.56 -2.87 -47.07
CA GLN B 437 19.28 -4.22 -47.55
C GLN B 437 18.32 -4.95 -46.61
N ILE B 438 18.67 -5.03 -45.33
CA ILE B 438 17.98 -5.93 -44.41
C ILE B 438 16.99 -5.21 -43.50
N GLN B 439 16.53 -4.02 -43.86
CA GLN B 439 15.49 -3.37 -43.07
C GLN B 439 14.24 -4.23 -43.02
N GLY B 440 13.87 -4.83 -44.15
CA GLY B 440 12.70 -5.68 -44.18
C GLY B 440 12.85 -6.94 -43.35
N ALA B 441 14.03 -7.55 -43.40
CA ALA B 441 14.25 -8.83 -42.72
C ALA B 441 14.11 -8.67 -41.21
N LEU B 442 14.62 -7.58 -40.66
CA LEU B 442 14.50 -7.36 -39.21
C LEU B 442 13.04 -7.25 -38.80
N VAL B 443 12.25 -6.50 -39.57
CA VAL B 443 10.83 -6.35 -39.26
C VAL B 443 10.12 -7.70 -39.36
N GLY B 444 10.46 -8.48 -40.38
CA GLY B 444 9.85 -9.80 -40.51
C GLY B 444 10.18 -10.71 -39.34
N ILE B 445 11.45 -10.70 -38.92
CA ILE B 445 11.87 -11.54 -37.79
C ILE B 445 11.15 -11.12 -36.53
N ALA B 446 11.08 -9.81 -36.27
CA ALA B 446 10.38 -9.34 -35.09
C ALA B 446 8.89 -9.71 -35.15
N MET B 447 8.29 -9.59 -36.33
CA MET B 447 6.87 -9.93 -36.49
C MET B 447 6.64 -11.41 -36.18
N VAL B 448 7.45 -12.29 -36.76
CA VAL B 448 7.23 -13.72 -36.56
C VAL B 448 7.53 -14.12 -35.11
N LEU B 449 8.53 -13.49 -34.49
CA LEU B 449 8.88 -13.85 -33.13
C LEU B 449 7.97 -13.21 -32.09
N SER B 450 7.17 -12.21 -32.47
CA SER B 450 6.25 -11.58 -31.54
C SER B 450 4.79 -11.95 -31.79
N ALA B 451 4.43 -12.29 -33.03
CA ALA B 451 3.04 -12.62 -33.32
C ALA B 451 2.64 -13.96 -32.70
N VAL B 452 3.60 -14.86 -32.51
CA VAL B 452 3.29 -16.16 -31.93
C VAL B 452 2.81 -16.01 -30.50
N PHE B 453 3.35 -15.04 -29.76
CA PHE B 453 3.05 -14.89 -28.36
C PHE B 453 1.89 -13.94 -28.08
N VAL B 454 1.27 -13.36 -29.11
CA VAL B 454 0.14 -12.46 -28.90
C VAL B 454 -1.13 -13.25 -28.55
N PRO B 455 -1.51 -14.22 -29.41
CA PRO B 455 -2.78 -14.90 -29.15
C PRO B 455 -2.80 -15.55 -27.78
N MET B 456 -1.66 -16.04 -27.33
CA MET B 456 -1.61 -16.72 -26.05
C MET B 456 -2.20 -15.83 -25.00
N ALA B 457 -1.93 -14.53 -25.08
CA ALA B 457 -2.39 -13.61 -24.05
C ALA B 457 -3.91 -13.52 -23.96
N PHE B 458 -4.62 -13.92 -25.01
CA PHE B 458 -6.08 -13.77 -25.01
C PHE B 458 -6.82 -14.97 -24.44
N PHE B 459 -6.09 -15.96 -23.95
CA PHE B 459 -6.73 -17.13 -23.33
C PHE B 459 -7.04 -16.87 -21.87
N GLY B 460 -7.78 -17.76 -21.23
CA GLY B 460 -8.18 -17.57 -19.84
C GLY B 460 -7.79 -18.69 -18.91
N GLY B 461 -8.04 -18.52 -17.61
CA GLY B 461 -7.65 -19.55 -16.66
C GLY B 461 -6.23 -19.37 -16.18
N THR B 462 -5.78 -20.35 -15.40
CA THR B 462 -4.40 -20.31 -14.97
C THR B 462 -3.53 -20.44 -16.19
N THR B 463 -3.98 -21.25 -17.15
CA THR B 463 -3.19 -21.46 -18.35
C THR B 463 -3.00 -20.15 -19.09
N GLY B 464 -4.07 -19.39 -19.24
CA GLY B 464 -3.98 -18.12 -19.92
C GLY B 464 -3.06 -17.19 -19.21
N ALA B 465 -3.10 -17.21 -17.88
CA ALA B 465 -2.23 -16.34 -17.11
C ALA B 465 -0.79 -16.68 -17.37
N ILE B 466 -0.47 -17.97 -17.35
CA ILE B 466 0.89 -18.39 -17.61
C ILE B 466 1.30 -17.91 -18.98
N TYR B 467 0.44 -18.12 -19.96
CA TYR B 467 0.74 -17.71 -21.32
C TYR B 467 1.01 -16.22 -21.36
N ARG B 468 0.18 -15.45 -20.67
CA ARG B 468 0.32 -14.00 -20.70
C ARG B 468 1.65 -13.55 -20.13
N GLN B 469 2.09 -14.20 -19.06
CA GLN B 469 3.34 -13.84 -18.45
C GLN B 469 4.44 -13.94 -19.48
N PHE B 470 4.43 -15.02 -20.25
CA PHE B 470 5.43 -15.19 -21.30
C PHE B 470 5.22 -14.19 -22.43
N SER B 471 3.97 -13.99 -22.82
CA SER B 471 3.68 -13.09 -23.92
C SER B 471 4.22 -11.71 -23.66
N ILE B 472 3.72 -11.07 -22.62
CA ILE B 472 4.17 -9.72 -22.31
C ILE B 472 5.69 -9.64 -22.39
N THR B 473 6.38 -10.41 -21.54
CA THR B 473 7.82 -10.30 -21.52
C THR B 473 8.41 -10.48 -22.92
N ILE B 474 8.02 -11.54 -23.63
CA ILE B 474 8.66 -11.85 -24.90
C ILE B 474 8.28 -10.82 -25.96
N VAL B 475 7.01 -10.38 -25.95
CA VAL B 475 6.59 -9.37 -26.91
C VAL B 475 7.32 -8.06 -26.67
N ALA B 476 7.44 -7.65 -25.41
CA ALA B 476 8.18 -6.43 -25.11
C ALA B 476 9.64 -6.57 -25.54
N ALA B 477 10.24 -7.73 -25.30
CA ALA B 477 11.63 -7.94 -25.70
C ALA B 477 11.79 -7.85 -27.21
N MET B 478 10.86 -8.43 -27.96
CA MET B 478 10.96 -8.39 -29.42
C MET B 478 10.77 -6.98 -29.95
N VAL B 479 9.81 -6.24 -29.39
CA VAL B 479 9.60 -4.86 -29.82
C VAL B 479 10.84 -4.03 -29.56
N LEU B 480 11.42 -4.17 -28.36
CA LEU B 480 12.63 -3.42 -28.06
C LEU B 480 13.79 -3.85 -28.94
N SER B 481 13.90 -5.14 -29.23
CA SER B 481 14.99 -5.63 -30.07
C SER B 481 14.90 -5.03 -31.47
N VAL B 482 13.69 -4.99 -32.05
CA VAL B 482 13.55 -4.40 -33.37
C VAL B 482 13.78 -2.90 -33.30
N LEU B 483 13.45 -2.28 -32.17
CA LEU B 483 13.78 -0.87 -31.99
C LEU B 483 15.28 -0.68 -31.81
N VAL B 484 15.91 -1.52 -30.98
CA VAL B 484 17.35 -1.41 -30.76
C VAL B 484 18.11 -1.72 -32.06
N ALA B 485 17.62 -2.68 -32.83
CA ALA B 485 18.33 -3.07 -34.04
C ALA B 485 18.36 -1.95 -35.08
N MET B 486 17.39 -1.03 -35.03
CA MET B 486 17.31 0.06 -35.98
C MET B 486 17.73 1.40 -35.38
N ILE B 487 18.17 1.41 -34.13
CA ILE B 487 18.57 2.65 -33.47
C ILE B 487 19.99 2.53 -32.95
N LEU B 488 20.22 1.59 -32.05
CA LEU B 488 21.52 1.52 -31.38
C LEU B 488 22.54 0.77 -32.23
N THR B 489 22.19 -0.44 -32.68
CA THR B 489 23.15 -1.26 -33.41
C THR B 489 23.69 -0.60 -34.69
N PRO B 490 22.88 0.09 -35.52
CA PRO B 490 23.50 0.75 -36.68
C PRO B 490 24.54 1.79 -36.28
N ALA B 491 24.27 2.58 -35.24
CA ALA B 491 25.25 3.55 -34.78
C ALA B 491 26.50 2.87 -34.26
N LEU B 492 26.33 1.78 -33.50
CA LEU B 492 27.50 1.06 -32.99
C LEU B 492 28.32 0.49 -34.14
N CYS B 493 27.66 -0.06 -35.15
CA CYS B 493 28.38 -0.58 -36.31
C CYS B 493 29.12 0.53 -37.04
N ALA B 494 28.51 1.70 -37.15
CA ALA B 494 29.15 2.83 -37.82
C ALA B 494 30.29 3.44 -37.01
N THR B 495 30.32 3.22 -35.69
CA THR B 495 31.36 3.83 -34.86
C THR B 495 32.29 2.79 -34.24
N LEU B 496 31.77 1.79 -33.55
CA LEU B 496 32.63 0.84 -32.85
C LEU B 496 33.45 0.02 -33.83
N LEU B 497 32.87 -0.37 -34.96
CA LEU B 497 33.58 -1.21 -35.92
C LEU B 497 34.70 -0.44 -36.58
N LYS B 498 35.93 -0.90 -36.38
CA LYS B 498 37.08 -0.42 -37.14
C LYS B 498 37.02 -0.97 -38.55
N PRO B 499 37.73 -0.35 -39.49
CA PRO B 499 37.68 -0.86 -40.89
C PRO B 499 38.07 -2.32 -41.00
N LEU B 500 38.98 -2.79 -40.14
CA LEU B 500 39.29 -4.21 -39.97
C LEU B 500 40.02 -4.77 -41.18
N LYS B 501 40.15 -3.97 -42.23
CA LYS B 501 40.93 -4.39 -43.38
C LYS B 501 42.39 -3.99 -43.22
N LYS B 502 42.64 -2.95 -42.42
CA LYS B 502 44.00 -2.59 -42.06
C LYS B 502 44.65 -3.68 -41.22
N GLY B 503 43.90 -4.29 -40.31
CA GLY B 503 44.43 -5.33 -39.45
C GLY B 503 44.75 -6.63 -40.17
N GLU B 504 44.20 -6.84 -41.37
CA GLU B 504 44.48 -8.01 -42.18
C GLU B 504 44.17 -9.30 -41.43
N HIS B 505 42.89 -9.47 -41.09
CA HIS B 505 42.46 -10.68 -40.40
C HIS B 505 42.71 -11.92 -41.26
N HIS B 506 42.60 -11.77 -42.57
CA HIS B 506 42.94 -12.86 -43.48
C HIS B 506 44.42 -13.20 -43.36
N GLY B 507 44.71 -14.50 -43.32
CA GLY B 507 46.06 -14.98 -43.15
C GLY B 507 46.49 -15.16 -41.71
N GLN B 508 45.68 -14.77 -40.74
CA GLN B 508 46.01 -14.93 -39.33
C GLN B 508 45.68 -16.35 -38.91
N LYS B 509 46.71 -17.17 -38.73
CA LYS B 509 46.52 -18.57 -38.39
C LYS B 509 46.03 -18.71 -36.96
N GLY B 510 45.56 -19.90 -36.63
CA GLY B 510 45.07 -20.20 -35.31
C GLY B 510 43.82 -21.04 -35.37
N PHE B 511 43.15 -21.15 -34.22
CA PHE B 511 41.90 -21.90 -34.15
C PHE B 511 40.84 -21.28 -35.06
N PHE B 512 40.79 -19.94 -35.11
CA PHE B 512 39.81 -19.28 -35.95
C PHE B 512 40.07 -19.54 -37.42
N ALA B 513 41.34 -19.69 -37.81
CA ALA B 513 41.65 -20.01 -39.20
C ALA B 513 41.09 -21.38 -39.57
N TRP B 514 41.28 -22.37 -38.71
CA TRP B 514 40.74 -23.70 -38.96
C TRP B 514 39.21 -23.66 -39.00
N PHE B 515 38.61 -22.91 -38.08
CA PHE B 515 37.16 -22.79 -38.05
C PHE B 515 36.65 -22.18 -39.35
N ASN B 516 37.32 -21.13 -39.83
CA ASN B 516 36.91 -20.50 -41.09
C ASN B 516 37.06 -21.46 -42.26
N GLN B 517 38.14 -22.24 -42.29
CA GLN B 517 38.31 -23.21 -43.36
C GLN B 517 37.19 -24.23 -43.36
N MET B 518 36.89 -24.79 -42.18
CA MET B 518 35.82 -25.77 -42.06
C MET B 518 34.48 -25.16 -42.48
N PHE B 519 34.23 -23.93 -42.04
CA PHE B 519 32.97 -23.27 -42.36
C PHE B 519 32.83 -23.03 -43.86
N ASN B 520 33.89 -22.58 -44.51
CA ASN B 520 33.83 -22.33 -45.95
C ASN B 520 33.60 -23.62 -46.72
N ARG B 521 34.33 -24.69 -46.36
CA ARG B 521 34.15 -25.96 -47.05
C ARG B 521 32.73 -26.48 -46.84
N ASN B 522 32.22 -26.41 -45.62
CA ASN B 522 30.88 -26.90 -45.35
C ASN B 522 29.83 -26.04 -46.04
N ALA B 523 30.06 -24.74 -46.16
CA ALA B 523 29.13 -23.88 -46.88
C ALA B 523 29.07 -24.25 -48.35
N GLU B 524 30.23 -24.50 -48.96
CA GLU B 524 30.24 -24.93 -50.36
C GLU B 524 29.50 -26.24 -50.53
N ARG B 525 29.77 -27.20 -49.64
CA ARG B 525 29.06 -28.48 -49.71
C ARG B 525 27.57 -28.30 -49.50
N TYR B 526 27.19 -27.38 -48.62
CA TYR B 526 25.78 -27.10 -48.35
C TYR B 526 25.08 -26.54 -49.59
N GLU B 527 25.74 -25.61 -50.28
CA GLU B 527 25.14 -25.06 -51.49
C GLU B 527 25.00 -26.14 -52.56
N LYS B 528 26.01 -27.00 -52.70
CA LYS B 528 25.91 -28.10 -53.65
C LYS B 528 24.73 -29.01 -53.30
N GLY B 529 24.59 -29.34 -52.01
CA GLY B 529 23.50 -30.20 -51.60
C GLY B 529 22.14 -29.57 -51.80
N VAL B 530 22.04 -28.26 -51.58
CA VAL B 530 20.79 -27.56 -51.82
C VAL B 530 20.42 -27.62 -53.29
N ALA B 531 21.41 -27.40 -54.17
CA ALA B 531 21.14 -27.52 -55.60
C ALA B 531 20.66 -28.93 -55.94
N LYS B 532 21.35 -29.95 -55.41
CA LYS B 532 20.97 -31.32 -55.71
C LYS B 532 19.55 -31.63 -55.27
N ILE B 533 19.19 -31.24 -54.03
CA ILE B 533 17.86 -31.54 -53.54
C ILE B 533 16.82 -30.69 -54.25
N LEU B 534 17.20 -29.53 -54.77
CA LEU B 534 16.30 -28.78 -55.65
C LEU B 534 16.02 -29.58 -56.91
N HIS B 535 17.03 -30.26 -57.45
CA HIS B 535 16.81 -31.11 -58.62
C HIS B 535 15.99 -32.34 -58.25
N ARG B 536 16.27 -32.95 -57.09
CA ARG B 536 15.56 -34.15 -56.65
C ARG B 536 14.44 -33.79 -55.67
N SER B 537 13.34 -33.27 -56.23
CA SER B 537 12.26 -32.75 -55.40
C SER B 537 11.47 -33.87 -54.73
N LEU B 538 11.14 -34.92 -55.49
CA LEU B 538 10.16 -35.90 -55.03
C LEU B 538 10.63 -36.65 -53.80
N ARG B 539 11.92 -37.03 -53.77
CA ARG B 539 12.44 -37.78 -52.64
C ARG B 539 12.32 -36.99 -51.35
N TRP B 540 12.68 -35.70 -51.40
CA TRP B 540 12.61 -34.89 -50.19
C TRP B 540 11.17 -34.52 -49.84
N ILE B 541 10.28 -34.44 -50.82
CA ILE B 541 8.86 -34.27 -50.49
C ILE B 541 8.36 -35.48 -49.71
N VAL B 542 8.76 -36.67 -50.14
CA VAL B 542 8.39 -37.89 -49.43
C VAL B 542 8.97 -37.88 -48.01
N ILE B 543 10.23 -37.46 -47.89
CA ILE B 543 10.85 -37.38 -46.57
C ILE B 543 10.10 -36.39 -45.68
N TYR B 544 9.66 -35.27 -46.26
CA TYR B 544 8.90 -34.29 -45.49
C TYR B 544 7.57 -34.87 -45.02
N VAL B 545 6.89 -35.63 -45.88
CA VAL B 545 5.64 -36.26 -45.47
C VAL B 545 5.89 -37.26 -44.35
N LEU B 546 6.98 -38.01 -44.44
CA LEU B 546 7.34 -38.94 -43.37
C LEU B 546 7.61 -38.19 -42.06
N LEU B 547 8.25 -37.02 -42.16
CA LEU B 547 8.49 -36.21 -40.97
C LEU B 547 7.17 -35.75 -40.36
N LEU B 548 6.22 -35.36 -41.21
CA LEU B 548 4.89 -34.98 -40.71
C LEU B 548 4.23 -36.13 -39.97
N GLY B 549 4.30 -37.33 -40.55
CA GLY B 549 3.75 -38.50 -39.88
C GLY B 549 4.41 -38.77 -38.55
N GLY B 550 5.74 -38.68 -38.51
CA GLY B 550 6.45 -38.88 -37.26
C GLY B 550 6.10 -37.84 -36.22
N MET B 551 5.89 -36.59 -36.66
CA MET B 551 5.47 -35.54 -35.74
C MET B 551 4.12 -35.86 -35.14
N VAL B 552 3.18 -36.32 -35.96
CA VAL B 552 1.86 -36.69 -35.44
C VAL B 552 1.99 -37.85 -34.45
N PHE B 553 2.81 -38.84 -34.80
CA PHE B 553 3.00 -39.99 -33.93
C PHE B 553 3.57 -39.58 -32.58
N LEU B 554 4.58 -38.71 -32.58
CA LEU B 554 5.18 -38.27 -31.33
C LEU B 554 4.21 -37.39 -30.54
N PHE B 555 3.38 -36.61 -31.24
CA PHE B 555 2.37 -35.82 -30.56
C PHE B 555 1.40 -36.70 -29.80
N LEU B 556 0.96 -37.80 -30.44
CA LEU B 556 0.03 -38.70 -29.77
C LEU B 556 0.74 -39.51 -28.68
N ARG B 557 2.03 -39.78 -28.86
CA ARG B 557 2.75 -40.63 -27.93
C ARG B 557 3.10 -39.89 -26.65
N LEU B 558 3.34 -38.59 -26.74
CA LEU B 558 3.90 -37.84 -25.63
C LEU B 558 2.88 -37.72 -24.51
N PRO B 559 3.23 -38.10 -23.28
CA PRO B 559 2.31 -37.91 -22.15
C PRO B 559 2.16 -36.44 -21.79
N THR B 560 1.05 -36.13 -21.13
CA THR B 560 0.68 -34.75 -20.82
C THR B 560 0.66 -34.53 -19.31
N SER B 561 0.91 -33.30 -18.92
CA SER B 561 0.88 -32.86 -17.52
C SER B 561 0.59 -31.37 -17.50
N PHE B 562 0.60 -30.78 -16.31
CA PHE B 562 0.35 -29.34 -16.20
C PHE B 562 1.62 -28.57 -15.82
N LEU B 563 2.22 -28.90 -14.69
CA LEU B 563 3.43 -28.23 -14.24
C LEU B 563 4.37 -29.21 -13.57
N PRO B 564 5.66 -29.14 -13.87
CA PRO B 564 6.60 -30.07 -13.24
C PRO B 564 6.68 -29.84 -11.74
N LEU B 565 6.79 -30.94 -11.00
CA LEU B 565 7.03 -30.82 -9.57
C LEU B 565 8.46 -30.40 -9.30
N GLU B 566 8.66 -29.69 -8.20
CA GLU B 566 9.96 -29.16 -7.85
C GLU B 566 10.35 -29.60 -6.46
N ASP B 567 11.65 -29.75 -6.24
CA ASP B 567 12.19 -30.08 -4.93
C ASP B 567 12.22 -28.80 -4.11
N ARG B 568 11.17 -28.57 -3.33
CA ARG B 568 11.07 -27.39 -2.49
C ARG B 568 11.78 -27.55 -1.16
N GLY B 569 12.38 -28.70 -0.91
CA GLY B 569 12.98 -28.96 0.38
C GLY B 569 11.99 -29.27 1.48
N MET B 570 10.73 -29.49 1.14
CA MET B 570 9.70 -29.78 2.12
C MET B 570 8.78 -30.85 1.58
N PHE B 571 8.15 -31.57 2.50
CA PHE B 571 7.00 -32.41 2.18
C PHE B 571 6.27 -32.72 3.47
N THR B 572 4.98 -33.04 3.34
CA THR B 572 4.11 -33.27 4.48
C THR B 572 3.62 -34.70 4.47
N THR B 573 3.70 -35.36 5.61
CA THR B 573 3.15 -36.70 5.78
C THR B 573 1.93 -36.63 6.67
N SER B 574 0.84 -37.24 6.23
CA SER B 574 -0.42 -37.22 6.96
C SER B 574 -0.68 -38.60 7.54
N VAL B 575 -1.13 -38.62 8.79
CA VAL B 575 -1.42 -39.84 9.53
C VAL B 575 -2.91 -39.86 9.84
N GLN B 576 -3.58 -40.95 9.49
CA GLN B 576 -5.00 -41.12 9.80
C GLN B 576 -5.22 -42.53 10.33
N LEU B 577 -5.52 -42.63 11.62
CA LEU B 577 -5.81 -43.89 12.26
C LEU B 577 -7.26 -44.30 12.01
N PRO B 578 -7.60 -45.57 12.26
CA PRO B 578 -8.99 -45.99 12.14
C PRO B 578 -9.89 -45.17 13.05
N SER B 579 -11.12 -44.94 12.59
CA SER B 579 -12.03 -44.02 13.26
C SER B 579 -12.27 -44.44 14.71
N GLY B 580 -12.32 -43.45 15.60
CA GLY B 580 -12.47 -43.67 17.02
C GLY B 580 -11.18 -43.80 17.79
N SER B 581 -10.04 -43.78 17.10
CA SER B 581 -8.76 -43.93 17.79
C SER B 581 -8.50 -42.73 18.70
N THR B 582 -7.92 -43.01 19.87
CA THR B 582 -7.59 -41.95 20.81
C THR B 582 -6.35 -41.20 20.37
N GLN B 583 -6.11 -40.06 21.02
CA GLN B 583 -4.96 -39.24 20.67
C GLN B 583 -3.65 -39.95 20.98
N GLN B 584 -3.65 -40.84 21.97
CA GLN B 584 -2.42 -41.50 22.37
C GLN B 584 -1.94 -42.48 21.30
N GLN B 585 -2.85 -43.21 20.67
CA GLN B 585 -2.47 -44.11 19.59
C GLN B 585 -1.90 -43.34 18.41
N THR B 586 -2.53 -42.21 18.08
CA THR B 586 -2.01 -41.35 17.03
C THR B 586 -0.61 -40.85 17.38
N LEU B 587 -0.41 -40.49 18.65
CA LEU B 587 0.91 -40.06 19.10
C LEU B 587 1.94 -41.18 18.94
N LYS B 588 1.54 -42.41 19.25
CA LYS B 588 2.46 -43.54 19.09
C LYS B 588 2.86 -43.73 17.63
N VAL B 589 1.88 -43.65 16.73
CA VAL B 589 2.19 -43.77 15.30
C VAL B 589 3.10 -42.63 14.86
N VAL B 590 2.85 -41.42 15.35
CA VAL B 590 3.68 -40.27 15.02
C VAL B 590 5.10 -40.50 15.50
N GLU B 591 5.26 -41.06 16.70
CA GLU B 591 6.58 -41.36 17.23
C GLU B 591 7.29 -42.39 16.36
N GLN B 592 6.57 -43.40 15.89
CA GLN B 592 7.17 -44.39 15.00
C GLN B 592 7.66 -43.74 13.72
N ILE B 593 6.86 -42.84 13.15
CA ILE B 593 7.25 -42.17 11.91
C ILE B 593 8.46 -41.28 12.14
N GLU B 594 8.48 -40.55 13.25
CA GLU B 594 9.62 -39.70 13.58
C GLU B 594 10.88 -40.51 13.75
N LYS B 595 10.76 -41.68 14.40
CA LYS B 595 11.90 -42.57 14.56
C LYS B 595 12.42 -43.02 13.19
N TYR B 596 11.50 -43.38 12.30
CA TYR B 596 11.90 -43.77 10.95
C TYR B 596 12.66 -42.66 10.25
N TYR B 597 12.14 -41.43 10.34
CA TYR B 597 12.78 -40.31 9.65
C TYR B 597 14.14 -40.00 10.26
N PHE B 598 14.28 -40.17 11.56
CA PHE B 598 15.56 -39.87 12.21
C PHE B 598 16.59 -40.96 11.94
N THR B 599 16.16 -42.21 11.78
CA THR B 599 17.11 -43.31 11.64
C THR B 599 17.36 -43.73 10.20
N HIS B 600 16.49 -43.36 9.26
CA HIS B 600 16.69 -43.70 7.85
C HIS B 600 17.14 -42.50 7.04
N GLU B 601 16.37 -41.42 7.06
CA GLU B 601 16.75 -40.20 6.34
C GLU B 601 17.52 -39.23 7.24
N LYS B 602 18.55 -39.74 7.90
CA LYS B 602 19.28 -38.93 8.87
C LYS B 602 20.11 -37.85 8.20
N ASP B 603 20.53 -38.07 6.96
CA ASP B 603 21.41 -37.14 6.27
C ASP B 603 20.66 -36.04 5.52
N ASN B 604 19.33 -36.11 5.45
CA ASN B 604 18.56 -35.16 4.68
C ASN B 604 17.54 -34.36 5.49
N ILE B 605 17.00 -34.92 6.57
CA ILE B 605 15.99 -34.24 7.35
C ILE B 605 16.65 -33.16 8.20
N MET B 606 16.10 -31.95 8.13
CA MET B 606 16.52 -30.86 9.00
C MET B 606 15.68 -30.79 10.27
N SER B 607 14.36 -30.93 10.16
CA SER B 607 13.46 -30.87 11.29
C SER B 607 12.12 -31.44 10.89
N VAL B 608 11.46 -32.14 11.82
CA VAL B 608 10.13 -32.65 11.63
C VAL B 608 9.23 -32.06 12.70
N PHE B 609 8.11 -31.50 12.30
CA PHE B 609 7.15 -30.90 13.21
C PHE B 609 5.81 -31.61 13.06
N ALA B 610 5.40 -32.32 14.09
CA ALA B 610 4.18 -33.10 14.06
C ALA B 610 3.08 -32.40 14.84
N THR B 611 1.85 -32.57 14.36
CA THR B 611 0.67 -31.92 14.95
C THR B 611 -0.41 -33.00 15.14
N VAL B 612 -0.41 -33.62 16.31
CA VAL B 612 -1.33 -34.72 16.57
C VAL B 612 -2.71 -34.18 16.91
N GLY B 613 -3.73 -34.78 16.32
CA GLY B 613 -5.10 -34.43 16.67
C GLY B 613 -5.66 -33.31 15.81
N SER B 614 -6.98 -33.26 15.75
CA SER B 614 -7.66 -32.18 15.04
C SER B 614 -7.70 -30.89 15.84
N GLY B 615 -7.34 -30.94 17.11
CA GLY B 615 -7.32 -29.76 17.95
C GLY B 615 -8.66 -29.47 18.58
N PRO B 616 -8.75 -28.36 19.31
CA PRO B 616 -10.03 -28.02 19.96
C PRO B 616 -11.17 -27.86 18.98
N GLY B 617 -10.89 -27.33 17.79
CA GLY B 617 -11.89 -27.26 16.75
C GLY B 617 -11.80 -28.48 15.85
N GLY B 618 -12.66 -29.45 16.08
CA GLY B 618 -12.63 -30.67 15.31
C GLY B 618 -13.45 -31.74 15.99
N ASN B 619 -13.39 -32.94 15.40
CA ASN B 619 -14.21 -34.06 15.85
C ASN B 619 -13.40 -35.29 16.23
N GLY B 620 -12.35 -35.61 15.51
CA GLY B 620 -11.60 -36.83 15.75
C GLY B 620 -10.16 -36.56 16.09
N GLN B 621 -9.60 -37.40 16.95
CA GLN B 621 -8.20 -37.33 17.34
C GLN B 621 -7.36 -38.36 16.61
N ASN B 622 -7.90 -38.99 15.56
CA ASN B 622 -7.20 -39.97 14.76
C ASN B 622 -6.50 -39.36 13.56
N VAL B 623 -6.19 -38.08 13.62
CA VAL B 623 -5.57 -37.35 12.51
C VAL B 623 -4.32 -36.66 13.02
N ALA B 624 -3.28 -36.69 12.18
CA ALA B 624 -2.03 -36.02 12.53
C ALA B 624 -1.34 -35.56 11.25
N ARG B 625 -0.79 -34.35 11.29
CA ARG B 625 0.00 -33.80 10.19
C ARG B 625 1.43 -33.64 10.66
N MET B 626 2.38 -33.80 9.73
CA MET B 626 3.80 -33.79 10.05
C MET B 626 4.54 -32.95 9.02
N PHE B 627 4.89 -31.72 9.41
CA PHE B 627 5.63 -30.83 8.52
C PHE B 627 7.10 -31.22 8.55
N ILE B 628 7.64 -31.61 7.40
CA ILE B 628 8.99 -32.11 7.28
C ILE B 628 9.79 -31.16 6.40
N ARG B 629 10.91 -30.69 6.92
CA ARG B 629 11.77 -29.72 6.23
C ARG B 629 13.11 -30.38 5.94
N LEU B 630 13.49 -30.41 4.67
CA LEU B 630 14.75 -30.99 4.27
C LEU B 630 15.88 -29.98 4.41
N LYS B 631 17.11 -30.48 4.33
CA LYS B 631 18.28 -29.62 4.38
C LYS B 631 18.40 -28.80 3.11
N ASP B 632 19.44 -28.00 3.02
CA ASP B 632 19.69 -27.21 1.82
C ASP B 632 19.98 -28.14 0.65
N TRP B 633 19.65 -27.68 -0.56
CA TRP B 633 19.85 -28.49 -1.75
C TRP B 633 21.31 -28.89 -1.92
N SER B 634 22.22 -27.97 -1.59
CA SER B 634 23.64 -28.27 -1.71
C SER B 634 24.05 -29.41 -0.79
N GLU B 635 23.53 -29.40 0.45
CA GLU B 635 23.89 -30.45 1.40
C GLU B 635 23.36 -31.81 0.98
N ARG B 636 22.15 -31.84 0.42
CA ARG B 636 21.55 -33.09 0.00
C ARG B 636 22.11 -33.53 -1.35
N ASP B 637 22.10 -34.85 -1.57
CA ASP B 637 22.60 -35.40 -2.81
C ASP B 637 21.65 -35.11 -3.96
N SER B 638 22.19 -35.16 -5.18
CA SER B 638 21.43 -34.86 -6.38
C SER B 638 20.71 -36.07 -6.96
N LYS B 639 20.95 -37.26 -6.42
CA LYS B 639 20.31 -38.47 -6.92
C LYS B 639 19.42 -39.14 -5.88
N THR B 640 19.92 -39.32 -4.66
CA THR B 640 19.15 -39.93 -3.59
C THR B 640 18.66 -38.93 -2.55
N GLY B 641 19.21 -37.71 -2.54
CA GLY B 641 18.77 -36.69 -1.62
C GLY B 641 17.61 -35.85 -2.09
N THR B 642 17.12 -36.08 -3.30
CA THR B 642 16.02 -35.29 -3.81
C THR B 642 14.75 -35.57 -3.03
N SER B 643 13.83 -34.59 -3.02
CA SER B 643 12.58 -34.77 -2.31
C SER B 643 11.81 -35.98 -2.83
N PHE B 644 11.82 -36.18 -4.14
CA PHE B 644 11.05 -37.28 -4.73
C PHE B 644 11.58 -38.63 -4.28
N ALA B 645 12.90 -38.79 -4.28
CA ALA B 645 13.49 -40.06 -3.84
C ALA B 645 13.17 -40.32 -2.38
N ILE B 646 13.29 -39.30 -1.54
CA ILE B 646 12.98 -39.44 -0.12
C ILE B 646 11.52 -39.82 0.05
N ILE B 647 10.63 -39.18 -0.70
CA ILE B 647 9.20 -39.44 -0.59
C ILE B 647 8.90 -40.88 -0.99
N GLU B 648 9.50 -41.36 -2.08
CA GLU B 648 9.26 -42.73 -2.52
C GLU B 648 9.78 -43.74 -1.49
N ARG B 649 10.98 -43.51 -0.98
CA ARG B 649 11.55 -44.42 0.01
C ARG B 649 10.70 -44.45 1.26
N ALA B 650 10.23 -43.29 1.71
CA ALA B 650 9.34 -43.24 2.86
C ALA B 650 8.00 -43.90 2.55
N THR B 651 7.52 -43.74 1.32
CA THR B 651 6.22 -44.27 0.94
C THR B 651 6.22 -45.79 1.00
N LYS B 652 7.32 -46.41 0.57
CA LYS B 652 7.42 -47.87 0.69
C LYS B 652 7.23 -48.33 2.13
N ALA B 653 8.00 -47.74 3.05
CA ALA B 653 7.93 -48.14 4.44
C ALA B 653 6.57 -47.83 5.05
N PHE B 654 5.98 -46.69 4.69
CA PHE B 654 4.69 -46.30 5.24
C PHE B 654 3.56 -47.15 4.70
N ASN B 655 3.68 -47.61 3.45
CA ASN B 655 2.71 -48.57 2.93
C ASN B 655 2.87 -49.93 3.59
N GLN B 656 4.09 -50.24 4.06
CA GLN B 656 4.25 -51.43 4.88
C GLN B 656 3.49 -51.29 6.19
N ILE B 657 3.43 -50.08 6.75
CA ILE B 657 2.73 -49.84 8.01
C ILE B 657 1.24 -50.13 7.86
N LYS B 658 0.72 -51.01 8.70
CA LYS B 658 -0.70 -51.37 8.67
C LYS B 658 -1.49 -50.81 9.83
N GLU B 659 -0.82 -50.19 10.81
CA GLU B 659 -1.54 -49.64 11.95
C GLU B 659 -2.49 -48.52 11.52
N ALA B 660 -2.04 -47.67 10.60
CA ALA B 660 -2.84 -46.54 10.17
C ALA B 660 -2.41 -46.14 8.77
N ARG B 661 -3.28 -45.37 8.10
CA ARG B 661 -2.99 -44.84 6.78
C ARG B 661 -2.05 -43.65 6.89
N VAL B 662 -0.83 -43.80 6.38
CA VAL B 662 0.19 -42.76 6.45
C VAL B 662 0.71 -42.52 5.04
N ILE B 663 0.62 -41.28 4.57
CA ILE B 663 0.99 -40.90 3.22
C ILE B 663 1.93 -39.70 3.28
N ALA B 664 3.06 -39.79 2.58
CA ALA B 664 3.99 -38.67 2.45
C ALA B 664 3.83 -38.05 1.08
N SER B 665 3.47 -36.77 1.04
CA SER B 665 3.18 -36.08 -0.21
C SER B 665 3.91 -34.76 -0.26
N SER B 666 4.42 -34.43 -1.44
CA SER B 666 5.07 -33.15 -1.68
C SER B 666 4.05 -32.03 -1.74
N PRO B 667 4.45 -30.80 -1.45
CA PRO B 667 3.50 -29.70 -1.49
C PRO B 667 3.08 -29.42 -2.92
N PRO B 668 1.91 -28.81 -3.11
CA PRO B 668 1.39 -28.60 -4.46
C PRO B 668 2.22 -27.61 -5.25
N ALA B 669 2.13 -27.72 -6.58
CA ALA B 669 2.87 -26.83 -7.46
C ALA B 669 2.43 -25.38 -7.27
N ILE B 670 1.14 -25.16 -7.14
CA ILE B 670 0.58 -23.83 -6.92
C ILE B 670 -0.11 -23.83 -5.56
N SER B 671 0.19 -22.82 -4.74
CA SER B 671 -0.28 -22.82 -3.36
C SER B 671 -1.80 -22.78 -3.29
N GLY B 672 -2.43 -21.86 -4.00
CA GLY B 672 -3.86 -21.68 -3.87
C GLY B 672 -4.67 -22.71 -4.65
N LEU B 673 -4.02 -23.46 -5.55
CA LEU B 673 -4.76 -24.36 -6.41
C LEU B 673 -5.27 -25.57 -5.66
N GLY B 674 -4.36 -26.41 -5.16
CA GLY B 674 -4.75 -27.67 -4.54
C GLY B 674 -4.07 -27.86 -3.20
N SER B 675 -4.61 -28.81 -2.44
CA SER B 675 -4.05 -29.10 -1.13
C SER B 675 -2.68 -29.74 -1.23
N SER B 676 -2.51 -30.69 -2.17
CA SER B 676 -1.24 -31.39 -2.32
C SER B 676 -1.01 -31.66 -3.81
N ALA B 677 0.14 -32.25 -4.11
CA ALA B 677 0.50 -32.54 -5.49
C ALA B 677 -0.34 -33.69 -6.03
N GLY B 678 -0.27 -33.89 -7.34
CA GLY B 678 -0.98 -34.96 -7.99
C GLY B 678 -2.39 -34.57 -8.39
N PHE B 679 -3.10 -35.54 -8.95
CA PHE B 679 -4.44 -35.29 -9.43
C PHE B 679 -5.41 -35.12 -8.27
N ASP B 680 -6.52 -34.44 -8.55
CA ASP B 680 -7.56 -34.16 -7.56
C ASP B 680 -8.91 -34.46 -8.21
N MET B 681 -9.62 -35.44 -7.67
CA MET B 681 -10.83 -35.97 -8.28
C MET B 681 -11.97 -35.98 -7.27
N GLU B 682 -13.16 -35.63 -7.75
CA GLU B 682 -14.39 -35.68 -6.97
C GLU B 682 -15.26 -36.80 -7.50
N LEU B 683 -15.54 -37.79 -6.65
CA LEU B 683 -16.38 -38.93 -7.03
C LEU B 683 -17.83 -38.58 -6.74
N GLN B 684 -18.52 -38.03 -7.74
CA GLN B 684 -19.89 -37.59 -7.60
C GLN B 684 -20.84 -38.78 -7.70
N ASP B 685 -21.91 -38.74 -6.91
CA ASP B 685 -22.95 -39.76 -6.95
C ASP B 685 -24.13 -39.21 -7.76
N HIS B 686 -24.04 -39.36 -9.08
CA HIS B 686 -25.09 -38.84 -9.96
C HIS B 686 -26.41 -39.55 -9.75
N ALA B 687 -26.38 -40.85 -9.44
CA ALA B 687 -27.62 -41.61 -9.29
C ALA B 687 -28.43 -41.17 -8.09
N GLY B 688 -27.85 -40.38 -7.19
CA GLY B 688 -28.56 -40.00 -5.99
C GLY B 688 -28.72 -41.11 -4.98
N ALA B 689 -27.87 -42.13 -5.04
CA ALA B 689 -27.98 -43.26 -4.14
C ALA B 689 -27.61 -42.87 -2.71
N GLY B 690 -27.61 -43.85 -1.83
CA GLY B 690 -27.33 -43.58 -0.43
C GLY B 690 -25.88 -43.19 -0.19
N HIS B 691 -25.66 -42.58 0.96
CA HIS B 691 -24.31 -42.19 1.36
C HIS B 691 -23.43 -43.43 1.54
N ASP B 692 -24.00 -44.49 2.11
CA ASP B 692 -23.24 -45.73 2.28
C ASP B 692 -22.84 -46.32 0.93
N ALA B 693 -23.70 -46.16 -0.08
CA ALA B 693 -23.34 -46.58 -1.43
C ALA B 693 -22.12 -45.81 -1.94
N LEU B 694 -22.10 -44.50 -1.69
CA LEU B 694 -20.96 -43.69 -2.07
C LEU B 694 -19.70 -44.14 -1.33
N MET B 695 -19.84 -44.48 -0.04
CA MET B 695 -18.69 -44.94 0.73
C MET B 695 -18.15 -46.26 0.19
N ALA B 696 -19.05 -47.18 -0.17
CA ALA B 696 -18.62 -48.44 -0.76
C ALA B 696 -17.92 -48.22 -2.10
N ALA B 697 -18.46 -47.31 -2.91
CA ALA B 697 -17.80 -46.97 -4.16
C ALA B 697 -16.41 -46.39 -3.92
N ARG B 698 -16.28 -45.54 -2.90
CA ARG B 698 -14.98 -44.98 -2.55
C ARG B 698 -14.01 -46.07 -2.16
N ASN B 699 -14.46 -47.04 -1.35
CA ASN B 699 -13.59 -48.13 -0.95
C ASN B 699 -13.15 -48.96 -2.15
N GLN B 700 -14.08 -49.24 -3.06
CA GLN B 700 -13.73 -49.98 -4.27
C GLN B 700 -12.69 -49.22 -5.09
N LEU B 701 -12.89 -47.91 -5.23
CA LEU B 701 -11.96 -47.10 -6.01
C LEU B 701 -10.57 -47.10 -5.38
N LEU B 702 -10.51 -47.00 -4.06
CA LEU B 702 -9.22 -47.01 -3.38
C LEU B 702 -8.54 -48.36 -3.53
N ALA B 703 -9.29 -49.45 -3.44
CA ALA B 703 -8.71 -50.78 -3.64
C ALA B 703 -8.15 -50.91 -5.06
N LEU B 704 -8.92 -50.48 -6.06
CA LEU B 704 -8.45 -50.56 -7.43
C LEU B 704 -7.21 -49.70 -7.64
N ALA B 705 -7.18 -48.51 -7.05
CA ALA B 705 -6.02 -47.65 -7.17
C ALA B 705 -4.80 -48.28 -6.52
N ALA B 706 -4.99 -48.96 -5.39
CA ALA B 706 -3.90 -49.70 -4.78
C ALA B 706 -3.41 -50.82 -5.69
N GLU B 707 -4.32 -51.43 -6.44
CA GLU B 707 -3.93 -52.51 -7.35
C GLU B 707 -3.02 -51.99 -8.47
N ASN B 708 -3.40 -50.89 -9.11
CA ASN B 708 -2.66 -50.41 -10.27
C ASN B 708 -1.29 -49.90 -9.87
N PRO B 709 -0.22 -50.37 -10.50
CA PRO B 709 1.12 -49.82 -10.19
C PRO B 709 1.34 -48.44 -10.77
N GLU B 710 0.48 -47.97 -11.68
CA GLU B 710 0.66 -46.64 -12.23
C GLU B 710 0.29 -45.56 -11.23
N LEU B 711 -0.47 -45.91 -10.20
CA LEU B 711 -0.95 -44.96 -9.21
C LEU B 711 -0.31 -45.25 -7.87
N THR B 712 0.04 -44.18 -7.14
CA THR B 712 0.63 -44.32 -5.82
C THR B 712 0.09 -43.21 -4.92
N ARG B 713 0.09 -43.50 -3.61
CA ARG B 713 -0.34 -42.52 -2.61
C ARG B 713 -1.75 -42.01 -2.89
N VAL B 714 -2.62 -42.91 -3.34
CA VAL B 714 -4.02 -42.58 -3.53
C VAL B 714 -4.73 -42.68 -2.19
N ARG B 715 -5.41 -41.61 -1.80
CA ARG B 715 -6.06 -41.55 -0.51
C ARG B 715 -7.35 -40.77 -0.63
N HIS B 716 -8.22 -40.93 0.35
CA HIS B 716 -9.46 -40.17 0.43
C HIS B 716 -9.23 -38.97 1.32
N ASN B 717 -9.49 -37.77 0.78
CA ASN B 717 -9.32 -36.54 1.52
C ASN B 717 -10.59 -36.26 2.33
N GLY B 718 -10.78 -37.07 3.36
CA GLY B 718 -11.97 -36.95 4.17
C GLY B 718 -11.92 -37.86 5.38
N LEU B 719 -13.07 -38.02 6.02
CA LEU B 719 -13.20 -38.78 7.25
C LEU B 719 -14.13 -39.96 7.05
N ASP B 720 -13.87 -41.03 7.79
CA ASP B 720 -14.68 -42.24 7.72
C ASP B 720 -15.86 -42.15 8.68
N ASP B 721 -16.89 -42.95 8.40
CA ASP B 721 -18.10 -42.94 9.21
C ASP B 721 -17.79 -43.42 10.63
N SER B 722 -18.39 -42.74 11.60
CA SER B 722 -18.19 -43.06 13.01
C SER B 722 -19.49 -42.79 13.75
N PRO B 723 -19.70 -43.43 14.89
CA PRO B 723 -20.88 -43.11 15.71
C PRO B 723 -20.84 -41.66 16.16
N GLN B 724 -21.99 -40.99 16.09
CA GLN B 724 -22.09 -39.58 16.43
C GLN B 724 -23.40 -39.31 17.13
N LEU B 725 -23.36 -38.43 18.12
CA LEU B 725 -24.57 -38.03 18.82
C LEU B 725 -25.46 -37.19 17.91
N GLN B 726 -26.77 -37.26 18.18
CA GLN B 726 -27.73 -36.43 17.44
C GLN B 726 -28.78 -35.96 18.45
N ILE B 727 -28.56 -34.77 18.99
CA ILE B 727 -29.53 -34.20 19.92
C ILE B 727 -30.68 -33.59 19.13
N ASP B 728 -31.86 -34.18 19.26
CA ASP B 728 -33.04 -33.73 18.54
C ASP B 728 -33.98 -33.07 19.54
N ILE B 729 -34.25 -31.79 19.33
CA ILE B 729 -35.09 -30.99 20.23
C ILE B 729 -36.38 -30.66 19.50
N ASP B 730 -37.51 -30.99 20.11
CA ASP B 730 -38.82 -30.72 19.53
C ASP B 730 -39.27 -29.33 19.97
N GLN B 731 -39.33 -28.39 19.03
CA GLN B 731 -39.72 -27.03 19.37
C GLN B 731 -41.15 -26.95 19.86
N ARG B 732 -42.06 -27.70 19.23
CA ARG B 732 -43.45 -27.66 19.66
C ARG B 732 -43.63 -28.26 21.04
N LYS B 733 -42.89 -29.33 21.35
CA LYS B 733 -42.93 -29.90 22.69
C LYS B 733 -42.44 -28.89 23.72
N ALA B 734 -41.35 -28.18 23.41
CA ALA B 734 -40.81 -27.20 24.33
C ALA B 734 -41.79 -26.05 24.55
N GLN B 735 -42.39 -25.56 23.47
CA GLN B 735 -43.33 -24.45 23.62
C GLN B 735 -44.60 -24.88 24.33
N ALA B 736 -45.01 -26.15 24.18
CA ALA B 736 -46.09 -26.68 24.99
C ALA B 736 -45.70 -26.69 26.46
N LEU B 737 -44.47 -27.09 26.75
CA LEU B 737 -43.94 -26.95 28.10
C LEU B 737 -43.59 -25.51 28.44
N GLY B 738 -43.60 -24.62 27.46
CA GLY B 738 -43.32 -23.21 27.69
C GLY B 738 -41.84 -22.87 27.75
N VAL B 739 -40.95 -23.82 27.55
CA VAL B 739 -39.53 -23.54 27.67
C VAL B 739 -39.06 -22.78 26.44
N ALA B 740 -38.30 -21.72 26.67
CA ALA B 740 -37.84 -20.86 25.58
C ALA B 740 -36.84 -21.60 24.69
N ILE B 741 -36.88 -21.28 23.39
CA ILE B 741 -35.94 -21.89 22.45
C ILE B 741 -34.52 -21.45 22.75
N ASP B 742 -34.34 -20.17 23.07
CA ASP B 742 -33.01 -19.66 23.36
C ASP B 742 -32.40 -20.32 24.58
N ASP B 743 -33.21 -20.52 25.63
CA ASP B 743 -32.71 -21.12 26.85
C ASP B 743 -32.26 -22.56 26.61
N ILE B 744 -33.08 -23.34 25.90
CA ILE B 744 -32.72 -24.73 25.64
C ILE B 744 -31.52 -24.80 24.72
N ASN B 745 -31.43 -23.89 23.76
CA ASN B 745 -30.27 -23.88 22.85
C ASN B 745 -28.99 -23.57 23.62
N ASP B 746 -29.04 -22.58 24.52
CA ASP B 746 -27.86 -22.23 25.31
C ASP B 746 -27.47 -23.38 26.23
N THR B 747 -28.46 -24.02 26.86
CA THR B 747 -28.15 -25.16 27.72
C THR B 747 -27.54 -26.30 26.92
N LEU B 748 -28.05 -26.55 25.72
CA LEU B 748 -27.51 -27.59 24.86
C LEU B 748 -26.06 -27.27 24.48
N GLN B 749 -25.79 -26.01 24.15
CA GLN B 749 -24.42 -25.62 23.81
C GLN B 749 -23.50 -25.80 25.01
N THR B 750 -23.96 -25.43 26.20
CA THR B 750 -23.14 -25.54 27.40
C THR B 750 -22.85 -27.01 27.73
N ALA B 751 -23.85 -27.88 27.61
CA ALA B 751 -23.69 -29.27 28.00
C ALA B 751 -22.93 -30.06 26.93
N TRP B 752 -23.50 -30.10 25.71
CA TRP B 752 -22.88 -30.87 24.62
C TRP B 752 -21.51 -30.32 24.27
N GLY B 753 -21.36 -29.00 24.19
CA GLY B 753 -20.09 -28.41 23.85
C GLY B 753 -19.55 -27.50 24.94
N SER B 754 -19.19 -26.28 24.57
CA SER B 754 -18.71 -25.29 25.52
C SER B 754 -19.37 -23.96 25.22
N SER B 755 -19.50 -23.13 26.25
CA SER B 755 -20.15 -21.83 26.12
C SER B 755 -19.22 -20.75 26.66
N TYR B 756 -18.91 -19.77 25.82
CA TYR B 756 -18.17 -18.60 26.27
C TYR B 756 -19.09 -17.63 27.00
N VAL B 757 -18.59 -17.03 28.07
CA VAL B 757 -19.44 -16.18 28.90
C VAL B 757 -18.94 -14.75 28.91
N ASN B 758 -17.75 -14.52 29.43
CA ASN B 758 -17.16 -13.19 29.51
C ASN B 758 -15.66 -13.35 29.69
N ASP B 759 -14.98 -12.27 30.07
CA ASP B 759 -13.54 -12.26 30.21
C ASP B 759 -13.13 -11.94 31.64
N PHE B 760 -11.98 -12.47 32.05
CA PHE B 760 -11.39 -12.19 33.35
C PHE B 760 -9.94 -11.77 33.14
N MET B 761 -9.46 -10.88 34.00
CA MET B 761 -8.11 -10.34 33.85
C MET B 761 -7.12 -11.24 34.57
N ASP B 762 -6.19 -11.81 33.82
CA ASP B 762 -5.12 -12.64 34.36
C ASP B 762 -3.79 -11.95 34.10
N ARG B 763 -3.11 -11.55 35.17
CA ARG B 763 -1.79 -10.91 35.08
C ARG B 763 -1.84 -9.68 34.17
N GLY B 764 -2.97 -8.97 34.21
CA GLY B 764 -3.17 -7.82 33.36
C GLY B 764 -3.66 -8.14 31.97
N ARG B 765 -3.78 -9.42 31.60
CA ARG B 765 -4.26 -9.84 30.29
C ARG B 765 -5.64 -10.46 30.46
N VAL B 766 -6.59 -10.01 29.66
CA VAL B 766 -7.93 -10.58 29.72
C VAL B 766 -7.93 -11.95 29.06
N LYS B 767 -8.61 -12.90 29.68
CA LYS B 767 -8.75 -14.24 29.14
C LYS B 767 -10.20 -14.67 29.24
N LYS B 768 -10.59 -15.59 28.37
CA LYS B 768 -11.99 -15.98 28.26
C LYS B 768 -12.41 -16.86 29.42
N VAL B 769 -13.72 -16.92 29.66
CA VAL B 769 -14.32 -17.74 30.69
C VAL B 769 -15.32 -18.68 30.02
N TYR B 770 -14.99 -19.97 30.00
CA TYR B 770 -15.84 -20.97 29.38
C TYR B 770 -16.58 -21.77 30.43
N VAL B 771 -17.86 -22.03 30.17
CA VAL B 771 -18.68 -22.89 31.01
C VAL B 771 -18.95 -24.17 30.25
N GLN B 772 -18.51 -25.30 30.82
CA GLN B 772 -18.60 -26.58 30.15
C GLN B 772 -19.14 -27.62 31.13
N ALA B 773 -19.70 -28.70 30.58
CA ALA B 773 -20.16 -29.80 31.41
C ALA B 773 -18.96 -30.55 31.98
N ALA B 774 -19.23 -31.37 32.99
CA ALA B 774 -18.17 -32.16 33.59
C ALA B 774 -17.61 -33.17 32.59
N ALA B 775 -16.47 -33.75 32.94
CA ALA B 775 -15.79 -34.67 32.02
C ALA B 775 -16.65 -35.87 31.62
N PRO B 776 -17.30 -36.61 32.53
CA PRO B 776 -18.09 -37.77 32.08
C PRO B 776 -19.32 -37.39 31.28
N TYR B 777 -19.84 -36.19 31.46
CA TYR B 777 -21.09 -35.77 30.83
C TYR B 777 -20.78 -34.97 29.57
N ARG B 778 -21.28 -35.44 28.43
CA ARG B 778 -21.13 -34.75 27.16
C ARG B 778 -22.45 -34.75 26.40
N MET B 779 -23.56 -34.59 27.13
CA MET B 779 -24.91 -34.64 26.55
C MET B 779 -25.14 -35.97 25.84
N LEU B 780 -24.72 -37.07 26.47
CA LEU B 780 -24.93 -38.40 25.92
C LEU B 780 -26.43 -38.72 25.92
N PRO B 781 -26.85 -39.72 25.13
CA PRO B 781 -28.27 -40.11 25.15
C PRO B 781 -28.74 -40.56 26.53
N ASP B 782 -27.78 -40.89 27.40
CA ASP B 782 -28.09 -41.32 28.76
C ASP B 782 -28.29 -40.14 29.72
N ASP B 783 -27.35 -39.19 29.71
CA ASP B 783 -27.37 -38.14 30.73
C ASP B 783 -28.23 -36.94 30.36
N ILE B 784 -28.89 -36.96 29.20
CA ILE B 784 -29.69 -35.81 28.77
C ILE B 784 -30.82 -35.54 29.75
N ASN B 785 -31.30 -36.58 30.44
CA ASN B 785 -32.36 -36.38 31.43
C ASN B 785 -31.86 -35.60 32.64
N LEU B 786 -30.56 -35.69 32.94
CA LEU B 786 -30.01 -35.02 34.10
C LEU B 786 -30.04 -33.50 33.95
N TRP B 787 -30.07 -32.99 32.72
CA TRP B 787 -30.10 -31.55 32.51
C TRP B 787 -31.52 -31.03 32.62
N TYR B 788 -31.67 -29.88 33.28
CA TYR B 788 -32.96 -29.23 33.45
C TYR B 788 -32.89 -27.79 32.96
N VAL B 789 -33.96 -27.36 32.30
CA VAL B 789 -34.10 -25.99 31.83
C VAL B 789 -35.43 -25.46 32.33
N ARG B 790 -35.39 -24.36 33.08
CA ARG B 790 -36.62 -23.80 33.63
C ARG B 790 -37.39 -23.06 32.55
N ASN B 791 -38.71 -23.20 32.61
CA ASN B 791 -39.61 -22.57 31.65
C ASN B 791 -39.96 -21.16 32.12
N LYS B 792 -40.98 -20.56 31.50
CA LYS B 792 -41.40 -19.23 31.90
C LYS B 792 -41.87 -19.20 33.35
N ASP B 793 -42.59 -20.23 33.79
CA ASP B 793 -43.05 -20.31 35.16
C ASP B 793 -41.90 -20.46 36.15
N GLY B 794 -40.75 -20.96 35.69
CA GLY B 794 -39.62 -21.21 36.54
C GLY B 794 -39.41 -22.66 36.91
N GLY B 795 -40.41 -23.51 36.69
CA GLY B 795 -40.27 -24.93 36.95
C GLY B 795 -39.19 -25.56 36.09
N MET B 796 -38.31 -26.35 36.69
CA MET B 796 -37.18 -26.95 35.98
C MET B 796 -37.68 -28.08 35.09
N VAL B 797 -38.04 -27.73 33.86
CA VAL B 797 -38.45 -28.71 32.87
C VAL B 797 -37.24 -29.57 32.50
N PRO B 798 -37.32 -30.89 32.63
CA PRO B 798 -36.18 -31.73 32.25
C PRO B 798 -35.89 -31.61 30.76
N PHE B 799 -34.60 -31.70 30.42
CA PHE B 799 -34.20 -31.61 29.01
C PHE B 799 -34.75 -32.79 28.21
N SER B 800 -34.78 -33.98 28.81
CA SER B 800 -35.25 -35.17 28.10
C SER B 800 -36.72 -35.04 27.72
N ALA B 801 -37.47 -34.21 28.44
CA ALA B 801 -38.89 -34.06 28.19
C ALA B 801 -39.15 -33.52 26.78
N PHE B 802 -38.34 -32.56 26.33
CA PHE B 802 -38.53 -31.93 25.04
C PHE B 802 -37.44 -32.29 24.03
N ALA B 803 -36.44 -33.08 24.43
CA ALA B 803 -35.34 -33.40 23.54
C ALA B 803 -35.03 -34.89 23.60
N THR B 804 -34.60 -35.44 22.47
CA THR B 804 -34.23 -36.84 22.34
C THR B 804 -32.82 -36.92 21.79
N SER B 805 -31.98 -37.74 22.42
CA SER B 805 -30.61 -37.96 21.97
C SER B 805 -30.41 -39.45 21.72
N ARG B 806 -29.72 -39.78 20.63
CA ARG B 806 -29.47 -41.17 20.26
C ARG B 806 -28.15 -41.25 19.52
N TRP B 807 -27.35 -42.27 19.82
CA TRP B 807 -26.15 -42.51 19.05
C TRP B 807 -26.49 -42.96 17.64
N GLU B 808 -25.75 -42.46 16.66
CA GLU B 808 -26.00 -42.79 15.27
C GLU B 808 -24.67 -42.91 14.54
N THR B 809 -24.55 -43.93 13.70
CA THR B 809 -23.35 -44.14 12.90
C THR B 809 -23.50 -43.43 11.56
N GLY B 810 -22.64 -42.44 11.32
CA GLY B 810 -22.69 -41.71 10.07
C GLY B 810 -21.39 -40.98 9.84
N SER B 811 -21.30 -40.33 8.70
CA SER B 811 -20.10 -39.58 8.37
C SER B 811 -20.03 -38.30 9.20
N PRO B 812 -18.94 -38.06 9.93
CA PRO B 812 -18.81 -36.80 10.65
C PRO B 812 -18.75 -35.60 9.71
N ARG B 813 -18.28 -35.79 8.48
CA ARG B 813 -18.12 -34.72 7.52
C ARG B 813 -18.71 -35.16 6.19
N LEU B 814 -19.74 -34.45 5.73
CA LEU B 814 -20.41 -34.75 4.48
C LEU B 814 -20.00 -33.72 3.43
N GLU B 815 -19.65 -34.19 2.23
CA GLU B 815 -19.19 -33.28 1.19
C GLU B 815 -20.05 -33.32 -0.06
N ARG B 816 -20.09 -32.22 -0.79
CA ARG B 816 -20.84 -32.18 -2.05
C ARG B 816 -20.06 -31.41 -3.11
N TYR B 817 -20.16 -31.86 -4.35
CA TYR B 817 -19.50 -31.14 -5.43
C TYR B 817 -20.49 -30.86 -6.54
N ASN B 818 -20.65 -29.59 -6.90
CA ASN B 818 -21.56 -29.23 -7.97
C ASN B 818 -22.87 -29.98 -7.85
N GLY B 819 -23.55 -29.83 -6.72
CA GLY B 819 -24.84 -30.47 -6.53
C GLY B 819 -24.83 -31.98 -6.61
N TYR B 820 -23.92 -32.61 -5.90
CA TYR B 820 -23.85 -34.07 -5.88
C TYR B 820 -23.05 -34.57 -4.69
N SER B 821 -23.66 -35.43 -3.87
CA SER B 821 -22.90 -36.01 -2.78
C SER B 821 -21.64 -36.68 -3.34
N ALA B 822 -20.48 -36.17 -2.93
CA ALA B 822 -19.23 -36.63 -3.49
C ALA B 822 -18.19 -36.77 -2.40
N VAL B 823 -17.19 -37.62 -2.65
CA VAL B 823 -16.03 -37.75 -1.78
C VAL B 823 -14.79 -37.40 -2.61
N GLU B 824 -13.98 -36.48 -2.10
CA GLU B 824 -12.80 -36.04 -2.82
C GLU B 824 -11.70 -37.09 -2.72
N ILE B 825 -11.19 -37.53 -3.86
CA ILE B 825 -10.13 -38.54 -3.92
C ILE B 825 -8.91 -37.89 -4.55
N VAL B 826 -7.79 -37.93 -3.82
CA VAL B 826 -6.54 -37.34 -4.29
C VAL B 826 -5.49 -38.44 -4.38
N GLY B 827 -4.52 -38.22 -5.25
CA GLY B 827 -3.44 -39.18 -5.44
C GLY B 827 -2.41 -38.61 -6.37
N GLU B 828 -1.33 -39.38 -6.55
CA GLU B 828 -0.22 -38.97 -7.39
C GLU B 828 0.17 -40.12 -8.31
N ALA B 829 0.69 -39.78 -9.47
CA ALA B 829 1.15 -40.80 -10.40
C ALA B 829 2.43 -41.46 -9.90
N ALA B 830 2.62 -42.71 -10.29
CA ALA B 830 3.83 -43.42 -9.94
C ALA B 830 5.03 -42.80 -10.66
N PRO B 831 6.25 -43.04 -10.16
CA PRO B 831 7.43 -42.50 -10.83
C PRO B 831 7.49 -42.95 -12.28
N GLY B 832 7.87 -42.03 -13.16
CA GLY B 832 7.90 -42.29 -14.59
C GLY B 832 6.57 -42.19 -15.29
N VAL B 833 5.51 -41.82 -14.58
CA VAL B 833 4.16 -41.72 -15.14
C VAL B 833 3.68 -40.29 -14.97
N SER B 834 3.18 -39.71 -16.05
CA SER B 834 2.69 -38.33 -16.00
C SER B 834 1.36 -38.26 -15.26
N THR B 835 0.99 -37.04 -14.87
CA THR B 835 -0.29 -36.84 -14.20
C THR B 835 -1.46 -37.14 -15.13
N GLY B 836 -1.32 -36.81 -16.42
CA GLY B 836 -2.40 -37.09 -17.36
C GLY B 836 -2.68 -38.58 -17.48
N THR B 837 -1.63 -39.39 -17.52
CA THR B 837 -1.82 -40.84 -17.53
C THR B 837 -2.52 -41.31 -16.27
N ALA B 838 -2.16 -40.74 -15.12
CA ALA B 838 -2.83 -41.11 -13.87
C ALA B 838 -4.31 -40.74 -13.91
N MET B 839 -4.63 -39.58 -14.46
CA MET B 839 -6.02 -39.17 -14.59
C MET B 839 -6.79 -40.11 -15.50
N ASP B 840 -6.16 -40.53 -16.60
CA ASP B 840 -6.80 -41.50 -17.49
C ASP B 840 -7.06 -42.82 -16.77
N ILE B 841 -6.08 -43.29 -16.00
CA ILE B 841 -6.25 -44.53 -15.25
C ILE B 841 -7.38 -44.40 -14.23
N MET B 842 -7.46 -43.25 -13.56
CA MET B 842 -8.53 -43.03 -12.61
C MET B 842 -9.89 -43.01 -13.30
N GLU B 843 -9.97 -42.42 -14.49
CA GLU B 843 -11.21 -42.45 -15.25
C GLU B 843 -11.58 -43.88 -15.62
N SER B 844 -10.61 -44.69 -16.01
CA SER B 844 -10.88 -46.09 -16.30
C SER B 844 -11.42 -46.81 -15.07
N LEU B 845 -10.81 -46.55 -13.92
CA LEU B 845 -11.25 -47.19 -12.68
C LEU B 845 -12.66 -46.76 -12.32
N VAL B 846 -12.98 -45.48 -12.47
CA VAL B 846 -14.32 -45.02 -12.13
C VAL B 846 -15.34 -45.57 -13.11
N LYS B 847 -14.93 -45.81 -14.37
CA LYS B 847 -15.79 -46.55 -15.29
C LYS B 847 -16.03 -47.97 -14.79
N GLN B 848 -14.99 -48.59 -14.22
CA GLN B 848 -15.15 -49.93 -13.66
C GLN B 848 -16.10 -49.96 -12.47
N LEU B 849 -16.37 -48.81 -11.86
CA LEU B 849 -17.27 -48.74 -10.71
C LEU B 849 -18.71 -48.97 -11.14
N PRO B 850 -19.59 -49.31 -10.20
CA PRO B 850 -21.02 -49.41 -10.53
C PRO B 850 -21.58 -48.12 -11.10
N ASN B 851 -22.73 -48.22 -11.74
CA ASN B 851 -23.32 -47.09 -12.44
C ASN B 851 -23.75 -46.01 -11.45
N GLY B 852 -23.93 -44.80 -11.99
CA GLY B 852 -24.38 -43.67 -11.21
C GLY B 852 -23.30 -42.95 -10.45
N PHE B 853 -22.05 -43.37 -10.55
CA PHE B 853 -20.93 -42.74 -9.85
C PHE B 853 -20.00 -42.14 -10.90
N GLY B 854 -20.28 -40.92 -11.30
CA GLY B 854 -19.39 -40.19 -12.18
C GLY B 854 -18.28 -39.49 -11.43
N LEU B 855 -17.36 -38.91 -12.18
CA LEU B 855 -16.22 -38.21 -11.61
C LEU B 855 -16.12 -36.83 -12.24
N GLU B 856 -15.51 -35.90 -11.53
CA GLU B 856 -15.32 -34.54 -12.00
C GLU B 856 -14.04 -33.98 -11.40
N TRP B 857 -13.06 -33.70 -12.25
CA TRP B 857 -11.78 -33.20 -11.77
C TRP B 857 -11.92 -31.77 -11.25
N THR B 858 -11.17 -31.47 -10.19
CA THR B 858 -11.21 -30.17 -9.55
C THR B 858 -9.80 -29.63 -9.39
N ALA B 859 -9.72 -28.32 -9.14
CA ALA B 859 -8.45 -27.65 -8.88
C ALA B 859 -7.45 -27.86 -10.01
N MET B 860 -6.23 -28.25 -9.64
CA MET B 860 -5.16 -28.37 -10.64
C MET B 860 -5.51 -29.40 -11.70
N SER B 861 -6.20 -30.47 -11.31
CA SER B 861 -6.64 -31.44 -12.30
C SER B 861 -7.62 -30.81 -13.30
N TYR B 862 -8.56 -30.02 -12.79
CA TYR B 862 -9.52 -29.36 -13.66
C TYR B 862 -8.82 -28.43 -14.64
N GLN B 863 -7.86 -27.64 -14.15
CA GLN B 863 -7.22 -26.70 -15.04
C GLN B 863 -6.22 -27.37 -15.97
N GLU B 864 -5.65 -28.51 -15.56
CA GLU B 864 -4.83 -29.29 -16.47
C GLU B 864 -5.67 -29.84 -17.62
N ARG B 865 -6.87 -30.33 -17.31
CA ARG B 865 -7.77 -30.77 -18.36
C ARG B 865 -8.15 -29.61 -19.28
N LEU B 866 -8.39 -28.44 -18.69
CA LEU B 866 -8.71 -27.26 -19.50
C LEU B 866 -7.57 -26.92 -20.46
N SER B 867 -6.33 -26.90 -19.95
CA SER B 867 -5.19 -26.57 -20.80
C SER B 867 -5.00 -27.61 -21.89
N GLY B 868 -5.14 -28.90 -21.54
CA GLY B 868 -5.00 -29.92 -22.55
C GLY B 868 -6.06 -29.82 -23.64
N ALA B 869 -7.30 -29.52 -23.26
CA ALA B 869 -8.36 -29.37 -24.25
C ALA B 869 -8.16 -28.12 -25.10
N GLN B 870 -7.62 -27.05 -24.52
CA GLN B 870 -7.49 -25.78 -25.21
C GLN B 870 -6.19 -25.65 -25.99
N ALA B 871 -5.25 -26.60 -25.84
CA ALA B 871 -3.96 -26.47 -26.50
C ALA B 871 -4.05 -26.45 -28.03
N PRO B 872 -4.77 -27.36 -28.71
CA PRO B 872 -4.79 -27.29 -30.17
C PRO B 872 -5.31 -25.98 -30.72
N ALA B 873 -6.30 -25.39 -30.07
CA ALA B 873 -6.80 -24.10 -30.52
C ALA B 873 -5.68 -23.08 -30.61
N LEU B 874 -4.93 -22.94 -29.53
CA LEU B 874 -3.86 -21.94 -29.51
C LEU B 874 -2.92 -22.16 -30.66
N TYR B 875 -2.44 -23.38 -30.83
CA TYR B 875 -1.51 -23.68 -31.90
C TYR B 875 -2.12 -23.20 -33.20
N ALA B 876 -3.38 -23.56 -33.43
CA ALA B 876 -4.02 -23.17 -34.68
C ALA B 876 -4.11 -21.65 -34.81
N ILE B 877 -4.51 -20.98 -33.73
CA ILE B 877 -4.66 -19.52 -33.77
C ILE B 877 -3.31 -18.85 -33.98
N SER B 878 -2.28 -19.34 -33.29
CA SER B 878 -0.95 -18.75 -33.43
C SER B 878 -0.42 -18.92 -34.85
N LEU B 879 -0.59 -20.12 -35.41
CA LEU B 879 -0.16 -20.35 -36.79
C LEU B 879 -0.91 -19.44 -37.75
N LEU B 880 -2.23 -19.29 -37.54
CA LEU B 880 -3.02 -18.42 -38.41
C LEU B 880 -2.54 -16.98 -38.31
N VAL B 881 -2.25 -16.50 -37.10
CA VAL B 881 -1.80 -15.13 -36.94
C VAL B 881 -0.46 -14.91 -37.61
N VAL B 882 0.45 -15.87 -37.47
CA VAL B 882 1.75 -15.76 -38.14
C VAL B 882 1.56 -15.73 -39.65
N PHE B 883 0.70 -16.60 -40.17
CA PHE B 883 0.45 -16.63 -41.60
C PHE B 883 -0.10 -15.30 -42.10
N LEU B 884 -1.09 -14.76 -41.39
CA LEU B 884 -1.70 -13.51 -41.82
C LEU B 884 -0.69 -12.36 -41.76
N CYS B 885 0.10 -12.30 -40.69
CA CYS B 885 1.09 -11.24 -40.57
C CYS B 885 2.14 -11.32 -41.68
N LEU B 886 2.59 -12.53 -41.99
CA LEU B 886 3.57 -12.68 -43.05
C LEU B 886 2.97 -12.30 -44.41
N ALA B 887 1.71 -12.67 -44.65
CA ALA B 887 1.05 -12.25 -45.87
C ALA B 887 0.95 -10.73 -45.96
N ALA B 888 0.65 -10.08 -44.84
CA ALA B 888 0.55 -8.62 -44.83
C ALA B 888 1.90 -7.99 -45.10
N LEU B 889 2.97 -8.52 -44.51
CA LEU B 889 4.29 -7.93 -44.67
C LEU B 889 4.75 -7.98 -46.12
N TYR B 890 4.67 -9.15 -46.74
CA TYR B 890 5.15 -9.33 -48.10
C TYR B 890 4.10 -9.08 -49.16
N GLU B 891 2.86 -8.76 -48.76
CA GLU B 891 1.77 -8.48 -49.69
C GLU B 891 1.54 -9.63 -50.67
N SER B 892 1.90 -10.84 -50.25
CA SER B 892 1.78 -12.03 -51.08
C SER B 892 1.27 -13.19 -50.24
N TRP B 893 0.84 -14.25 -50.91
CA TRP B 893 0.44 -15.48 -50.24
C TRP B 893 1.42 -16.62 -50.46
N SER B 894 2.26 -16.53 -51.49
CA SER B 894 3.23 -17.59 -51.75
C SER B 894 4.29 -17.64 -50.67
N VAL B 895 4.83 -16.49 -50.29
CA VAL B 895 5.90 -16.41 -49.30
C VAL B 895 5.43 -16.93 -47.93
N PRO B 896 4.32 -16.43 -47.36
CA PRO B 896 3.90 -16.98 -46.05
C PRO B 896 3.60 -18.46 -46.11
N PHE B 897 3.01 -18.93 -47.22
CA PHE B 897 2.75 -20.36 -47.36
C PHE B 897 4.05 -21.15 -47.37
N SER B 898 5.08 -20.61 -48.03
CA SER B 898 6.38 -21.26 -48.02
C SER B 898 6.96 -21.29 -46.61
N VAL B 899 6.79 -20.21 -45.85
CA VAL B 899 7.34 -20.16 -44.50
C VAL B 899 6.66 -21.17 -43.59
N MET B 900 5.32 -21.22 -43.63
CA MET B 900 4.59 -22.06 -42.68
C MET B 900 4.90 -23.53 -42.86
N LEU B 901 5.46 -23.92 -44.00
CA LEU B 901 5.79 -25.32 -44.22
C LEU B 901 7.01 -25.75 -43.41
N VAL B 902 7.74 -24.79 -42.83
CA VAL B 902 8.93 -25.14 -42.07
C VAL B 902 8.58 -25.40 -40.60
N VAL B 903 7.39 -24.99 -40.17
CA VAL B 903 6.96 -25.13 -38.78
C VAL B 903 7.04 -26.58 -38.34
N PRO B 904 6.56 -27.57 -39.11
CA PRO B 904 6.70 -28.96 -38.68
C PRO B 904 8.14 -29.41 -38.50
N LEU B 905 9.10 -28.74 -39.15
CA LEU B 905 10.49 -29.16 -39.03
C LEU B 905 11.06 -28.88 -37.64
N GLY B 906 10.50 -27.91 -36.93
CA GLY B 906 10.97 -27.62 -35.59
C GLY B 906 10.21 -28.40 -34.53
N VAL B 907 8.91 -28.57 -34.77
CA VAL B 907 8.06 -29.28 -33.81
C VAL B 907 8.54 -30.72 -33.65
N ILE B 908 8.97 -31.34 -34.75
CA ILE B 908 9.48 -32.71 -34.65
C ILE B 908 10.70 -32.76 -33.75
N GLY B 909 11.60 -31.78 -33.87
CA GLY B 909 12.77 -31.76 -33.02
C GLY B 909 12.44 -31.52 -31.56
N ALA B 910 11.50 -30.62 -31.29
CA ALA B 910 11.09 -30.37 -29.92
C ALA B 910 10.48 -31.63 -29.31
N LEU B 911 9.61 -32.31 -30.06
CA LEU B 911 9.00 -33.53 -29.58
C LEU B 911 10.05 -34.60 -29.32
N LEU B 912 11.03 -34.74 -30.22
CA LEU B 912 12.09 -35.71 -30.02
C LEU B 912 12.89 -35.40 -28.77
N ALA B 913 13.23 -34.13 -28.56
CA ALA B 913 14.03 -33.75 -27.40
C ALA B 913 13.29 -34.05 -26.11
N THR B 914 12.01 -33.67 -26.04
CA THR B 914 11.24 -33.92 -24.82
C THR B 914 11.04 -35.42 -24.60
N TRP B 915 10.77 -36.16 -25.67
CA TRP B 915 10.55 -37.60 -25.54
C TRP B 915 11.81 -38.31 -25.08
N MET B 916 12.97 -37.92 -25.61
CA MET B 916 14.21 -38.57 -25.21
C MET B 916 14.60 -38.18 -23.78
N ARG B 917 14.42 -36.91 -23.42
CA ARG B 917 14.75 -36.48 -22.07
C ARG B 917 13.85 -37.14 -21.04
N GLY B 918 12.63 -37.48 -21.42
CA GLY B 918 11.66 -38.04 -20.51
C GLY B 918 10.65 -37.05 -19.96
N LEU B 919 10.64 -35.83 -20.47
CA LEU B 919 9.69 -34.83 -20.02
C LEU B 919 8.32 -35.06 -20.66
N GLU B 920 7.37 -34.19 -20.32
CA GLU B 920 5.99 -34.37 -20.71
C GLU B 920 5.44 -33.09 -21.32
N ASN B 921 4.28 -33.22 -21.96
CA ASN B 921 3.62 -32.13 -22.68
C ASN B 921 2.86 -31.27 -21.67
N ASP B 922 3.57 -30.32 -21.08
CA ASP B 922 2.95 -29.44 -20.11
C ASP B 922 2.70 -28.07 -20.70
N VAL B 923 2.42 -27.09 -19.84
CA VAL B 923 2.21 -25.74 -20.32
C VAL B 923 3.50 -25.20 -20.89
N TYR B 924 4.62 -25.52 -20.25
CA TYR B 924 5.90 -25.04 -20.71
C TYR B 924 6.18 -25.53 -22.12
N PHE B 925 5.85 -26.79 -22.38
CA PHE B 925 6.07 -27.35 -23.70
C PHE B 925 5.26 -26.56 -24.71
N GLN B 926 4.04 -26.21 -24.33
CA GLN B 926 3.18 -25.47 -25.23
C GLN B 926 3.83 -24.14 -25.59
N VAL B 927 4.26 -23.39 -24.59
CA VAL B 927 4.90 -22.10 -24.86
C VAL B 927 6.20 -22.33 -25.60
N GLY B 928 6.87 -23.42 -25.30
CA GLY B 928 8.10 -23.74 -26.00
C GLY B 928 7.77 -24.01 -27.44
N LEU B 929 6.90 -24.98 -27.68
CA LEU B 929 6.47 -25.23 -29.05
C LEU B 929 6.18 -23.93 -29.77
N LEU B 930 5.55 -22.97 -29.08
CA LEU B 930 5.30 -21.68 -29.71
C LEU B 930 6.60 -20.96 -30.04
N THR B 931 7.58 -21.02 -29.14
CA THR B 931 8.88 -20.42 -29.42
C THR B 931 9.55 -21.09 -30.62
N VAL B 932 9.44 -22.41 -30.70
CA VAL B 932 10.03 -23.15 -31.83
C VAL B 932 9.36 -22.75 -33.14
N ILE B 933 8.03 -22.58 -33.11
CA ILE B 933 7.31 -22.09 -34.29
C ILE B 933 7.87 -20.75 -34.72
N GLY B 934 8.04 -19.84 -33.76
CA GLY B 934 8.56 -18.53 -34.07
C GLY B 934 9.95 -18.58 -34.68
N LEU B 935 10.82 -19.41 -34.13
CA LEU B 935 12.21 -19.46 -34.62
C LEU B 935 12.30 -20.14 -35.98
N SER B 936 11.48 -21.18 -36.21
CA SER B 936 11.43 -21.79 -37.53
C SER B 936 10.97 -20.77 -38.56
N ALA B 937 9.95 -19.99 -38.22
CA ALA B 937 9.53 -18.90 -39.09
C ALA B 937 10.65 -17.89 -39.28
N LYS B 938 11.47 -17.67 -38.25
CA LYS B 938 12.59 -16.74 -38.37
C LYS B 938 13.58 -17.20 -39.43
N ASN B 939 14.00 -18.45 -39.36
CA ASN B 939 14.94 -18.96 -40.37
C ASN B 939 14.32 -18.95 -41.76
N ALA B 940 13.06 -19.39 -41.84
CA ALA B 940 12.38 -19.40 -43.13
C ALA B 940 12.33 -17.99 -43.72
N ILE B 941 12.03 -17.00 -42.89
CA ILE B 941 12.01 -15.62 -43.36
C ILE B 941 13.38 -15.19 -43.82
N LEU B 942 14.42 -15.49 -43.03
CA LEU B 942 15.76 -15.07 -43.38
C LEU B 942 16.17 -15.57 -44.75
N ILE B 943 15.65 -16.73 -45.15
CA ILE B 943 15.96 -17.18 -46.51
C ILE B 943 15.00 -16.58 -47.54
N VAL B 944 13.70 -16.71 -47.30
CA VAL B 944 12.73 -16.45 -48.36
C VAL B 944 12.62 -14.96 -48.67
N GLU B 945 12.89 -14.09 -47.70
CA GLU B 945 12.79 -12.66 -47.98
C GLU B 945 13.83 -12.26 -49.01
N PHE B 946 15.06 -12.72 -48.84
CA PHE B 946 16.11 -12.41 -49.81
C PHE B 946 15.86 -13.11 -51.14
N ALA B 947 15.40 -14.36 -51.09
CA ALA B 947 15.08 -15.06 -52.33
C ALA B 947 13.99 -14.34 -53.11
N ASN B 948 12.95 -13.87 -52.40
CA ASN B 948 11.85 -13.16 -53.03
C ASN B 948 12.31 -11.83 -53.60
N GLU B 949 13.18 -11.12 -52.87
CA GLU B 949 13.73 -9.87 -53.40
C GLU B 949 14.50 -10.13 -54.68
N MET B 950 15.34 -11.16 -54.70
CA MET B 950 16.11 -11.48 -55.89
C MET B 950 15.18 -11.83 -57.05
N ASN B 951 14.15 -12.62 -56.79
CA ASN B 951 13.21 -12.98 -57.85
C ASN B 951 12.47 -11.76 -58.38
N GLN B 952 12.03 -10.87 -57.49
CA GLN B 952 11.32 -9.67 -57.93
C GLN B 952 12.22 -8.79 -58.77
N LYS B 953 13.50 -8.71 -58.41
CA LYS B 953 14.44 -7.95 -59.24
C LYS B 953 14.59 -8.57 -60.62
N GLY B 954 14.30 -9.86 -60.76
CA GLY B 954 14.34 -10.52 -62.06
C GLY B 954 15.30 -11.68 -62.17
N HIS B 955 16.00 -12.05 -61.11
CA HIS B 955 16.95 -13.14 -61.20
C HIS B 955 16.23 -14.48 -61.32
N ASP B 956 16.92 -15.46 -61.89
CA ASP B 956 16.36 -16.79 -62.04
C ASP B 956 16.11 -17.42 -60.67
N LEU B 957 14.99 -18.13 -60.56
CA LEU B 957 14.57 -18.67 -59.26
C LEU B 957 15.63 -19.59 -58.68
N PHE B 958 16.17 -20.49 -59.50
CA PHE B 958 17.23 -21.38 -59.03
C PHE B 958 18.45 -20.60 -58.57
N GLU B 959 18.92 -19.67 -59.40
CA GLU B 959 20.07 -18.85 -59.03
C GLU B 959 19.75 -17.99 -57.82
N ALA B 960 18.54 -17.42 -57.78
CA ALA B 960 18.16 -16.55 -56.67
C ALA B 960 18.18 -17.31 -55.35
N THR B 961 17.57 -18.49 -55.31
CA THR B 961 17.51 -19.23 -54.06
C THR B 961 18.89 -19.75 -53.66
N LEU B 962 19.70 -20.17 -54.63
CA LEU B 962 21.05 -20.59 -54.29
C LEU B 962 21.86 -19.43 -53.70
N HIS B 963 21.76 -18.25 -54.30
CA HIS B 963 22.48 -17.09 -53.78
C HIS B 963 21.98 -16.72 -52.39
N ALA B 964 20.66 -16.79 -52.18
CA ALA B 964 20.10 -16.47 -50.89
C ALA B 964 20.60 -17.42 -49.82
N CYS B 965 20.62 -18.72 -50.12
CA CYS B 965 21.13 -19.69 -49.15
C CYS B 965 22.60 -19.43 -48.86
N ARG B 966 23.39 -19.17 -49.90
CA ARG B 966 24.81 -18.95 -49.73
C ARG B 966 25.08 -17.75 -48.84
N GLN B 967 24.34 -16.66 -49.04
CA GLN B 967 24.57 -15.46 -48.25
C GLN B 967 24.03 -15.60 -46.83
N ARG B 968 22.82 -16.14 -46.67
CA ARG B 968 22.17 -16.15 -45.37
C ARG B 968 22.46 -17.41 -44.56
N LEU B 969 23.35 -18.29 -45.02
CA LEU B 969 23.71 -19.45 -44.21
C LEU B 969 24.30 -19.03 -42.88
N ARG B 970 25.31 -18.15 -42.91
CA ARG B 970 25.94 -17.74 -41.66
C ARG B 970 25.00 -17.03 -40.70
N PRO B 971 24.15 -16.09 -41.13
CA PRO B 971 23.20 -15.50 -40.17
C PRO B 971 22.30 -16.51 -39.49
N ILE B 972 21.69 -17.42 -40.26
CA ILE B 972 20.83 -18.43 -39.68
C ILE B 972 21.61 -19.27 -38.67
N LEU B 973 22.80 -19.73 -39.06
CA LEU B 973 23.59 -20.59 -38.20
C LEU B 973 23.94 -19.89 -36.91
N MET B 974 24.42 -18.64 -36.99
CA MET B 974 24.92 -18.01 -35.77
C MET B 974 23.79 -17.54 -34.87
N THR B 975 22.68 -17.05 -35.44
CA THR B 975 21.54 -16.72 -34.59
C THR B 975 20.99 -17.96 -33.90
N SER B 976 20.86 -19.06 -34.63
CA SER B 976 20.33 -20.28 -34.05
C SER B 976 21.26 -20.84 -33.00
N LEU B 977 22.58 -20.81 -33.25
CA LEU B 977 23.52 -21.29 -32.25
C LEU B 977 23.53 -20.39 -31.02
N ALA B 978 23.35 -19.08 -31.23
CA ALA B 978 23.22 -18.17 -30.10
C ALA B 978 22.04 -18.57 -29.23
N PHE B 979 20.90 -18.84 -29.85
CA PHE B 979 19.73 -19.25 -29.08
C PHE B 979 19.97 -20.61 -28.40
N ILE B 980 20.58 -21.56 -29.10
CA ILE B 980 20.78 -22.89 -28.54
C ILE B 980 21.67 -22.81 -27.32
N PHE B 981 22.78 -22.09 -27.41
CA PHE B 981 23.67 -22.00 -26.26
C PHE B 981 23.11 -21.05 -25.21
N GLY B 982 22.17 -20.18 -25.58
CA GLY B 982 21.46 -19.41 -24.57
C GLY B 982 20.58 -20.28 -23.70
N VAL B 983 19.84 -21.21 -24.32
CA VAL B 983 18.96 -22.09 -23.56
C VAL B 983 19.67 -23.32 -23.03
N LEU B 984 20.92 -23.55 -23.42
CA LEU B 984 21.64 -24.69 -22.88
C LEU B 984 21.75 -24.71 -21.36
N PRO B 985 22.09 -23.60 -20.68
CA PRO B 985 22.10 -23.67 -19.20
C PRO B 985 20.76 -24.04 -18.60
N MET B 986 19.65 -23.65 -19.22
CA MET B 986 18.35 -24.07 -18.72
C MET B 986 18.19 -25.57 -18.78
N ALA B 987 18.59 -26.18 -19.90
CA ALA B 987 18.42 -27.62 -20.06
C ALA B 987 19.36 -28.42 -19.16
N THR B 988 20.42 -27.78 -18.66
CA THR B 988 21.40 -28.45 -17.80
C THR B 988 21.48 -27.80 -16.42
N SER B 989 20.41 -27.15 -15.99
CA SER B 989 20.42 -26.49 -14.70
C SER B 989 20.42 -27.51 -13.58
N THR B 990 21.05 -27.15 -12.46
CA THR B 990 21.16 -28.01 -11.31
C THR B 990 20.65 -27.29 -10.07
N GLY B 991 19.78 -27.96 -9.32
CA GLY B 991 19.30 -27.43 -8.07
C GLY B 991 18.19 -26.40 -8.24
N ALA B 992 17.63 -26.01 -7.10
CA ALA B 992 16.54 -25.01 -7.02
C ALA B 992 15.41 -25.50 -7.92
N GLY B 993 14.83 -24.64 -8.76
CA GLY B 993 13.76 -25.06 -9.65
C GLY B 993 14.28 -25.64 -10.95
N SER B 994 15.18 -26.62 -10.86
CA SER B 994 15.79 -27.18 -12.06
C SER B 994 14.76 -27.88 -12.94
N GLY B 995 13.69 -28.39 -12.35
CA GLY B 995 12.70 -29.11 -13.13
C GLY B 995 12.01 -28.23 -14.15
N GLY B 996 11.58 -27.04 -13.72
CA GLY B 996 10.95 -26.11 -14.65
C GLY B 996 11.93 -25.65 -15.73
N GLN B 997 13.17 -25.39 -15.34
CA GLN B 997 14.17 -24.96 -16.31
C GLN B 997 14.41 -26.04 -17.35
N HIS B 998 14.51 -27.29 -16.92
CA HIS B 998 14.67 -28.39 -17.87
C HIS B 998 13.47 -28.47 -18.79
N ALA B 999 12.26 -28.38 -18.23
CA ALA B 999 11.05 -28.52 -19.04
C ALA B 999 10.99 -27.44 -20.11
N VAL B 1000 11.35 -26.21 -19.74
CA VAL B 1000 11.31 -25.13 -20.72
C VAL B 1000 12.43 -25.29 -21.75
N GLY B 1001 13.64 -25.59 -21.29
CA GLY B 1001 14.80 -25.50 -22.18
C GLY B 1001 14.91 -26.65 -23.16
N THR B 1002 14.57 -27.88 -22.72
CA THR B 1002 14.86 -29.06 -23.53
C THR B 1002 14.12 -29.01 -24.86
N GLY B 1003 12.81 -28.73 -24.80
CA GLY B 1003 12.01 -28.73 -26.02
C GLY B 1003 12.49 -27.70 -27.02
N VAL B 1004 12.76 -26.48 -26.54
CA VAL B 1004 13.16 -25.42 -27.46
C VAL B 1004 14.54 -25.70 -28.04
N MET B 1005 15.45 -26.26 -27.24
CA MET B 1005 16.78 -26.58 -27.77
C MET B 1005 16.70 -27.63 -28.86
N GLY B 1006 15.92 -28.69 -28.62
CA GLY B 1006 15.75 -29.69 -29.66
C GLY B 1006 15.07 -29.13 -30.89
N GLY B 1007 14.08 -28.27 -30.69
CA GLY B 1007 13.41 -27.64 -31.82
C GLY B 1007 14.36 -26.81 -32.65
N MET B 1008 15.29 -26.10 -31.99
CA MET B 1008 16.25 -25.30 -32.73
C MET B 1008 17.21 -26.17 -33.53
N ILE B 1009 17.71 -27.24 -32.92
CA ILE B 1009 18.62 -28.13 -33.64
C ILE B 1009 17.95 -28.65 -34.89
N SER B 1010 16.73 -29.17 -34.74
CA SER B 1010 16.01 -29.70 -35.91
C SER B 1010 15.71 -28.59 -36.90
N ALA B 1011 15.31 -27.42 -36.41
CA ALA B 1011 14.93 -26.32 -37.29
C ALA B 1011 16.08 -25.92 -38.19
N THR B 1012 17.28 -25.75 -37.62
CA THR B 1012 18.42 -25.45 -38.48
C THR B 1012 18.68 -26.59 -39.46
N ILE B 1013 19.00 -27.78 -38.91
CA ILE B 1013 19.54 -28.83 -39.77
C ILE B 1013 18.52 -29.34 -40.79
N LEU B 1014 17.25 -28.97 -40.65
CA LEU B 1014 16.25 -29.33 -41.65
C LEU B 1014 15.84 -28.14 -42.51
N ALA B 1015 15.62 -26.98 -41.90
CA ALA B 1015 15.18 -25.81 -42.64
C ALA B 1015 16.21 -25.38 -43.68
N ILE B 1016 17.50 -25.39 -43.32
CA ILE B 1016 18.49 -24.87 -44.26
C ILE B 1016 18.45 -25.62 -45.58
N TYR B 1017 17.83 -26.80 -45.60
CA TYR B 1017 17.66 -27.58 -46.82
C TYR B 1017 16.23 -27.54 -47.35
N PHE B 1018 15.23 -27.53 -46.48
CA PHE B 1018 13.85 -27.65 -46.94
C PHE B 1018 13.27 -26.31 -47.37
N VAL B 1019 13.66 -25.22 -46.71
CA VAL B 1019 13.14 -23.90 -47.10
C VAL B 1019 13.39 -23.60 -48.57
N PRO B 1020 14.58 -23.85 -49.14
CA PRO B 1020 14.73 -23.70 -50.59
C PRO B 1020 13.73 -24.52 -51.37
N LEU B 1021 13.50 -25.77 -50.93
CA LEU B 1021 12.56 -26.64 -51.62
C LEU B 1021 11.16 -26.04 -51.61
N PHE B 1022 10.70 -25.60 -50.45
CA PHE B 1022 9.36 -25.03 -50.33
C PHE B 1022 9.23 -23.79 -51.20
N PHE B 1023 10.21 -22.89 -51.13
CA PHE B 1023 10.10 -21.65 -51.89
C PHE B 1023 10.09 -21.93 -53.38
N VAL B 1024 10.99 -22.81 -53.84
CA VAL B 1024 11.07 -23.11 -55.27
C VAL B 1024 9.78 -23.76 -55.75
N LEU B 1025 9.26 -24.72 -54.97
CA LEU B 1025 8.04 -25.40 -55.38
C LEU B 1025 6.86 -24.44 -55.45
N VAL B 1026 6.72 -23.58 -54.44
CA VAL B 1026 5.59 -22.66 -54.43
C VAL B 1026 5.71 -21.66 -55.58
N ARG B 1027 6.91 -21.16 -55.84
CA ARG B 1027 7.08 -20.20 -56.92
C ARG B 1027 6.83 -20.85 -58.28
N ARG B 1028 7.24 -22.11 -58.45
CA ARG B 1028 6.93 -22.82 -59.68
C ARG B 1028 5.42 -22.99 -59.85
N ARG B 1029 4.73 -23.35 -58.76
CA ARG B 1029 3.28 -23.49 -58.83
C ARG B 1029 2.61 -22.15 -59.11
N PHE B 1030 3.07 -21.09 -58.44
CA PHE B 1030 2.50 -19.75 -58.59
C PHE B 1030 3.60 -18.82 -59.08
N PRO B 1031 3.76 -18.64 -60.37
CA PRO B 1031 4.83 -17.77 -60.89
C PRO B 1031 4.44 -16.30 -60.77
N LEU B 1032 5.42 -15.45 -61.06
CA LEU B 1032 5.21 -14.01 -61.03
C LEU B 1032 4.88 -13.47 -62.42
#